data_6AJE
#
_entry.id   6AJE
#
_cell.length_a   132.984
_cell.length_b   132.984
_cell.length_c   214.998
_cell.angle_alpha   90.00
_cell.angle_beta   90.00
_cell.angle_gamma   120.00
#
_symmetry.space_group_name_H-M   'P 63'
#
loop_
_entity.id
_entity.type
_entity.pdbx_description
1 polymer 'Dihydroorotate dehydrogenase (quinone), mitochondrial'
2 non-polymer 'FLAVIN MONONUCLEOTIDE'
3 non-polymer 'OROTIC ACID'
4 non-polymer 4-oxidanyl-3-[(2~{E},6~{E})-3,7,11-trimethyldodeca-2,6,10-trienyl]chromen-2-one
#
_entity_poly.entity_id   1
_entity_poly.type   'polypeptide(L)'
_entity_poly.pdbx_seq_one_letter_code
;MGHHHHHHHHHSSGHIDDDDKHMDGLLEVVYGLLPENFPDPELAHDMVMWLAAKGYLPYDLERDDPELSVNIKGLTFHTP
VGLAAGFDKNAEAPLNFCKMGFGFVEVGTITPKPQLGNPKPRIFRLAKDHAIINRCGFNSAGLDVVEPRLEKVSRDRWHD
RLERHCVLGVNIGKNKDTVNAEDDIREGVKRVGRFADYLVINLSSPNTKGLRTLQQRDHLRSIITAAQSELEKLEERSRA
QRERDGHSNPSEEEEAASSDSVTRKAEQFFPTQTGKRPLLFVKIAPDLTDEEKRDIADVALETGLDGLIVTNTTIQRPES
LRSESKHETGGLSGRPLKAMSTKCVSDMYKMTNGQVAIIASGGIETGLDAYKRIRAGASAVEVYTSMIYRGPIVARRVKD
ELLNILNQAGIYNVQDAIGLDHRPPKKKRVRKPTFD
;
_entity_poly.pdbx_strand_id   A,B,C,D
#
# COMPACT_ATOMS: atom_id res chain seq x y z
N LEU A 26 5.37 -14.51 11.95
CA LEU A 26 4.70 -15.10 13.15
C LEU A 26 5.70 -15.85 14.06
N LEU A 27 6.52 -16.70 13.45
CA LEU A 27 7.30 -17.73 14.17
C LEU A 27 8.70 -17.31 14.71
N GLU A 28 8.89 -16.01 14.97
CA GLU A 28 10.17 -15.50 15.47
C GLU A 28 10.38 -15.84 16.95
N VAL A 29 9.63 -15.16 17.84
CA VAL A 29 9.80 -15.29 19.30
C VAL A 29 8.94 -16.42 19.89
N VAL A 30 7.77 -16.67 19.31
CA VAL A 30 6.88 -17.76 19.76
C VAL A 30 7.51 -19.15 19.61
N TYR A 31 8.24 -19.38 18.52
CA TYR A 31 8.98 -20.62 18.33
C TYR A 31 10.14 -20.64 19.32
N GLY A 32 10.96 -19.58 19.31
CA GLY A 32 12.11 -19.44 20.20
C GLY A 32 11.81 -18.82 21.56
N LEU A 33 11.04 -19.53 22.38
CA LEU A 33 10.85 -19.17 23.79
C LEU A 33 11.23 -20.37 24.66
N LEU A 34 12.50 -20.75 24.57
CA LEU A 34 13.13 -21.63 25.55
C LEU A 34 13.59 -20.91 26.84
N PRO A 35 14.10 -19.65 26.74
CA PRO A 35 14.93 -19.15 27.85
C PRO A 35 14.15 -18.83 29.13
N GLU A 36 14.01 -19.87 29.96
CA GLU A 36 13.48 -19.76 31.33
C GLU A 36 12.13 -19.03 31.35
N ASN A 37 11.84 -18.24 32.38
CA ASN A 37 10.63 -17.41 32.40
C ASN A 37 10.66 -16.33 31.30
N PHE A 38 11.56 -15.35 31.45
CA PHE A 38 11.74 -14.34 30.41
C PHE A 38 13.11 -13.65 30.42
N PRO A 39 13.43 -12.95 29.32
CA PRO A 39 14.20 -11.72 29.42
C PRO A 39 13.20 -10.62 29.77
N ASP A 40 13.36 -10.02 30.96
CA ASP A 40 12.39 -9.06 31.55
C ASP A 40 11.73 -8.10 30.53
N PRO A 41 10.39 -7.98 30.57
CA PRO A 41 9.68 -7.15 29.60
C PRO A 41 9.98 -5.65 29.73
N GLU A 42 10.01 -5.12 30.95
CA GLU A 42 10.31 -3.70 31.19
C GLU A 42 11.68 -3.36 30.61
N LEU A 43 12.68 -4.12 31.04
CA LEU A 43 14.06 -4.01 30.56
C LEU A 43 14.16 -4.07 29.04
N ALA A 44 13.45 -5.02 28.44
CA ALA A 44 13.45 -5.19 26.99
C ALA A 44 12.90 -3.94 26.30
N HIS A 45 11.68 -3.57 26.69
CA HIS A 45 11.02 -2.36 26.20
C HIS A 45 11.89 -1.11 26.33
N ASP A 46 12.59 -0.99 27.45
CA ASP A 46 13.50 0.16 27.67
C ASP A 46 14.61 0.21 26.63
N MET A 47 15.35 -0.90 26.51
CA MET A 47 16.47 -0.98 25.56
C MET A 47 15.98 -1.04 24.11
N VAL A 48 14.71 -1.43 23.92
CA VAL A 48 14.04 -1.26 22.64
C VAL A 48 13.80 0.22 22.36
N MET A 49 13.20 0.93 23.32
CA MET A 49 12.85 2.34 23.10
C MET A 49 14.09 3.24 23.02
N TRP A 50 15.15 2.85 23.72
CA TRP A 50 16.46 3.48 23.54
C TRP A 50 16.88 3.39 22.08
N LEU A 51 16.73 2.20 21.48
CA LEU A 51 16.94 2.02 20.05
C LEU A 51 15.98 2.89 19.22
N ALA A 52 14.70 2.88 19.59
CA ALA A 52 13.68 3.70 18.91
C ALA A 52 14.01 5.19 18.93
N ALA A 53 14.43 5.67 20.10
CA ALA A 53 14.89 7.05 20.28
C ALA A 53 15.99 7.43 19.30
N LYS A 54 17.02 6.59 19.21
CA LYS A 54 18.24 6.88 18.46
C LYS A 54 18.26 6.21 17.07
N GLY A 55 17.18 6.38 16.32
CA GLY A 55 17.04 5.76 14.99
C GLY A 55 17.04 4.25 15.08
N TYR A 56 18.16 3.64 14.69
CA TYR A 56 18.57 2.26 15.06
C TYR A 56 17.43 1.21 15.07
N LEU A 57 16.52 1.34 14.10
CA LEU A 57 15.33 0.51 13.99
C LEU A 57 15.19 -0.01 12.55
N PRO A 58 14.25 -0.94 12.33
CA PRO A 58 13.86 -1.29 10.96
C PRO A 58 13.16 -0.15 10.21
N TYR A 59 12.65 -0.46 9.03
CA TYR A 59 12.05 0.52 8.13
C TYR A 59 11.08 -0.14 7.17
N ASP A 60 9.88 0.41 7.04
CA ASP A 60 8.96 0.02 5.97
C ASP A 60 9.29 0.82 4.71
N LEU A 61 9.15 0.18 3.57
CA LEU A 61 9.46 0.80 2.28
C LEU A 61 8.28 0.77 1.29
N GLU A 62 7.21 0.02 1.59
CA GLU A 62 6.17 -0.32 0.60
C GLU A 62 5.17 0.79 0.24
N ARG A 63 5.25 1.95 0.90
CA ARG A 63 4.38 3.11 0.64
C ARG A 63 2.88 2.91 0.96
N ASP A 64 2.44 1.65 1.15
CA ASP A 64 1.05 1.28 1.46
C ASP A 64 0.14 1.59 0.30
N ASP A 65 -0.66 0.60 -0.11
CA ASP A 65 -1.59 0.80 -1.21
C ASP A 65 -2.54 1.96 -0.87
N PRO A 66 -3.03 2.68 -1.90
CA PRO A 66 -4.03 3.72 -1.66
C PRO A 66 -5.39 3.16 -1.20
N GLU A 67 -5.59 1.86 -1.40
CA GLU A 67 -6.69 1.10 -0.79
C GLU A 67 -6.82 1.31 0.74
N LEU A 68 -5.71 1.18 1.47
CA LEU A 68 -5.71 1.19 2.95
C LEU A 68 -5.94 2.57 3.62
N SER A 69 -6.08 3.65 2.85
CA SER A 69 -6.34 4.97 3.44
C SER A 69 -7.78 5.10 3.96
N VAL A 70 -7.93 5.81 5.08
CA VAL A 70 -9.22 6.05 5.76
C VAL A 70 -9.34 7.50 6.21
N ASN A 71 -10.46 8.15 5.86
CA ASN A 71 -10.73 9.51 6.32
C ASN A 71 -11.74 9.51 7.47
N ILE A 72 -11.28 9.02 8.61
CA ILE A 72 -12.02 9.13 9.87
C ILE A 72 -12.29 10.61 10.27
N LYS A 73 -13.45 11.12 9.88
CA LYS A 73 -13.94 12.49 10.20
C LYS A 73 -12.99 13.59 9.71
N GLY A 74 -12.51 13.45 8.47
CA GLY A 74 -11.53 14.38 7.90
C GLY A 74 -10.07 14.00 8.12
N LEU A 75 -9.81 13.19 9.15
CA LEU A 75 -8.45 12.73 9.48
C LEU A 75 -8.02 11.65 8.48
N THR A 76 -7.01 11.95 7.65
CA THR A 76 -6.47 11.00 6.68
C THR A 76 -5.51 10.01 7.36
N PHE A 77 -6.04 8.83 7.68
CA PHE A 77 -5.24 7.70 8.19
C PHE A 77 -4.77 6.93 6.95
N HIS A 78 -3.60 7.28 6.42
CA HIS A 78 -3.07 6.61 5.22
C HIS A 78 -2.95 5.10 5.38
N THR A 79 -2.68 4.68 6.61
CA THR A 79 -2.82 3.31 7.03
C THR A 79 -3.71 3.31 8.30
N PRO A 80 -4.60 2.31 8.45
CA PRO A 80 -5.42 2.24 9.69
C PRO A 80 -4.79 1.43 10.85
N VAL A 81 -3.72 0.71 10.57
CA VAL A 81 -2.88 0.08 11.58
C VAL A 81 -2.07 1.16 12.34
N GLY A 82 -1.98 1.02 13.66
CA GLY A 82 -1.27 2.03 14.47
C GLY A 82 -0.88 1.54 15.86
N LEU A 83 0.15 2.16 16.42
CA LEU A 83 0.69 1.78 17.73
C LEU A 83 -0.19 2.35 18.82
N ALA A 84 -0.48 1.53 19.82
CA ALA A 84 -1.37 1.92 20.91
C ALA A 84 -0.65 2.78 21.96
N ALA A 85 -1.39 3.20 22.97
CA ALA A 85 -0.92 4.19 23.94
C ALA A 85 0.08 3.66 24.99
N GLY A 86 0.26 2.35 25.02
CA GLY A 86 1.21 1.78 25.93
C GLY A 86 2.66 2.05 25.63
N PHE A 87 2.99 2.24 24.35
CA PHE A 87 4.39 2.26 23.95
C PHE A 87 5.01 3.62 24.19
N ASP A 88 5.01 4.54 23.23
CA ASP A 88 5.94 5.65 23.32
C ASP A 88 5.47 6.66 24.35
N LYS A 89 5.66 6.32 25.62
CA LYS A 89 4.86 6.92 26.69
C LYS A 89 5.14 8.39 26.96
N ASN A 90 6.34 8.86 26.59
CA ASN A 90 6.71 10.26 26.73
C ASN A 90 7.31 10.86 25.45
N ALA A 91 6.77 10.45 24.31
CA ALA A 91 7.18 10.98 23.01
C ALA A 91 8.69 10.90 22.79
N GLU A 92 9.26 9.74 23.10
CA GLU A 92 10.68 9.49 22.88
C GLU A 92 10.99 9.34 21.38
N ALA A 93 10.06 8.77 20.59
CA ALA A 93 10.35 8.45 19.19
C ALA A 93 9.14 8.05 18.33
N PRO A 94 8.02 8.80 18.42
CA PRO A 94 6.77 8.36 17.78
C PRO A 94 6.84 8.25 16.25
N LEU A 95 7.57 9.16 15.61
CA LEU A 95 7.73 9.12 14.15
C LEU A 95 8.58 7.93 13.73
N ASN A 96 9.55 7.55 14.55
CA ASN A 96 10.44 6.44 14.22
C ASN A 96 9.74 5.08 14.25
N PHE A 97 8.80 4.90 15.20
CA PHE A 97 7.90 3.75 15.20
C PHE A 97 6.98 3.78 13.99
N CYS A 98 6.59 4.99 13.63
CA CYS A 98 5.69 5.24 12.54
C CYS A 98 6.34 5.06 11.14
N LYS A 99 7.63 5.44 11.00
CA LYS A 99 8.42 5.12 9.80
C LYS A 99 8.68 3.62 9.69
N MET A 100 8.64 2.92 10.83
CA MET A 100 8.71 1.46 10.89
C MET A 100 7.33 0.82 10.61
N GLY A 101 6.69 1.19 9.49
CA GLY A 101 5.46 0.55 8.99
C GLY A 101 4.11 1.03 9.51
N PHE A 102 4.07 1.63 10.70
CA PHE A 102 2.80 2.02 11.35
C PHE A 102 2.13 3.20 10.63
N GLY A 103 0.82 3.32 10.84
CA GLY A 103 0.04 4.44 10.32
C GLY A 103 0.07 5.58 11.30
N PHE A 104 -0.39 5.28 12.52
CA PHE A 104 -0.40 6.27 13.61
C PHE A 104 0.33 5.72 14.82
N VAL A 105 0.57 6.60 15.78
CA VAL A 105 1.22 6.26 17.06
C VAL A 105 0.57 7.07 18.16
N GLU A 106 0.02 6.37 19.15
CA GLU A 106 -0.65 6.98 20.29
C GLU A 106 0.35 7.17 21.45
N VAL A 107 0.45 8.39 21.93
CA VAL A 107 1.58 8.82 22.73
C VAL A 107 1.21 8.76 24.22
N GLY A 108 1.71 7.72 24.90
CA GLY A 108 1.62 7.51 26.36
C GLY A 108 0.28 7.50 27.03
N THR A 109 0.28 7.62 28.34
CA THR A 109 -0.73 8.40 29.02
C THR A 109 0.09 9.47 29.67
N ILE A 110 -0.13 10.70 29.25
CA ILE A 110 0.70 11.80 29.70
C ILE A 110 -0.06 12.53 30.81
N THR A 111 0.37 12.28 32.04
CA THR A 111 -0.21 12.91 33.21
C THR A 111 0.45 14.27 33.44
N PRO A 112 -0.32 15.28 33.89
CA PRO A 112 0.21 16.61 34.16
C PRO A 112 1.52 16.59 34.92
N LYS A 113 1.48 16.16 36.17
CA LYS A 113 2.69 16.04 36.96
C LYS A 113 3.30 14.67 36.68
N PRO A 114 4.63 14.56 36.80
CA PRO A 114 5.27 13.29 36.50
C PRO A 114 4.95 12.25 37.55
N GLN A 115 4.69 11.02 37.13
CA GLN A 115 4.54 9.91 38.07
C GLN A 115 5.69 8.93 37.89
N LEU A 116 5.99 8.24 38.99
CA LEU A 116 7.02 7.23 39.00
C LEU A 116 6.46 5.91 38.48
N GLY A 117 5.26 5.58 38.98
CA GLY A 117 4.57 4.34 38.64
C GLY A 117 4.56 3.43 39.86
N ASN A 118 4.10 2.20 39.67
CA ASN A 118 4.13 1.18 40.73
C ASN A 118 5.54 0.65 40.89
N PRO A 119 5.81 -0.11 41.95
CA PRO A 119 7.13 -0.74 42.04
C PRO A 119 7.28 -1.90 41.05
N LYS A 120 8.43 -1.97 40.38
CA LYS A 120 8.75 -3.07 39.45
C LYS A 120 9.17 -4.31 40.25
N PRO A 121 8.98 -5.54 39.72
CA PRO A 121 8.44 -5.93 38.42
C PRO A 121 6.96 -5.66 38.35
N ARG A 122 6.53 -4.93 37.35
CA ARG A 122 5.16 -4.44 37.29
C ARG A 122 4.54 -4.74 35.93
N ILE A 123 5.00 -5.81 35.29
CA ILE A 123 4.65 -6.11 33.89
C ILE A 123 5.17 -7.50 33.50
N PHE A 124 4.33 -8.31 32.85
CA PHE A 124 4.68 -9.71 32.55
C PHE A 124 4.16 -10.19 31.20
N ARG A 125 5.04 -10.85 30.44
CA ARG A 125 4.64 -11.62 29.26
C ARG A 125 3.97 -12.91 29.71
N LEU A 126 2.95 -13.32 28.98
CA LEU A 126 2.36 -14.62 29.15
C LEU A 126 2.53 -15.30 27.82
N ALA A 127 3.71 -15.87 27.64
CA ALA A 127 4.14 -16.45 26.37
C ALA A 127 3.10 -17.41 25.80
N LYS A 128 2.66 -18.35 26.65
CA LYS A 128 1.69 -19.38 26.24
C LYS A 128 0.44 -18.72 25.71
N ASP A 129 -0.03 -17.72 26.44
CA ASP A 129 -1.31 -17.10 26.18
C ASP A 129 -1.22 -15.94 25.19
N HIS A 130 -0.01 -15.60 24.74
CA HIS A 130 0.22 -14.49 23.81
C HIS A 130 -0.32 -13.16 24.35
N ALA A 131 0.00 -12.93 25.63
CA ALA A 131 -0.63 -11.86 26.43
C ALA A 131 0.37 -11.16 27.32
N ILE A 132 -0.07 -10.02 27.86
CA ILE A 132 0.75 -9.20 28.73
C ILE A 132 -0.08 -8.54 29.84
N ILE A 133 0.02 -9.05 31.07
CA ILE A 133 -0.54 -8.39 32.25
C ILE A 133 0.44 -7.30 32.66
N ASN A 134 -0.07 -6.17 33.17
CA ASN A 134 0.78 -5.05 33.61
C ASN A 134 0.08 -4.03 34.51
N ARG A 135 0.85 -3.52 35.48
CA ARG A 135 0.33 -2.65 36.52
C ARG A 135 1.19 -1.40 36.72
N CYS A 136 1.70 -0.85 35.62
CA CYS A 136 2.71 0.20 35.68
C CYS A 136 2.21 1.39 36.51
N GLY A 137 0.97 1.77 36.26
CA GLY A 137 0.32 2.86 36.95
C GLY A 137 0.68 4.24 36.48
N PHE A 138 0.48 4.49 35.19
CA PHE A 138 0.60 5.83 34.63
C PHE A 138 1.97 6.51 34.89
N ASN A 139 3.06 5.72 34.91
CA ASN A 139 4.42 6.26 34.99
C ASN A 139 4.68 7.30 33.88
N SER A 140 4.62 8.59 34.22
CA SER A 140 4.80 9.66 33.23
C SER A 140 5.86 10.68 33.60
N ALA A 141 6.32 11.39 32.57
CA ALA A 141 7.42 12.34 32.67
C ALA A 141 6.94 13.73 33.05
N GLY A 142 5.67 14.01 32.71
CA GLY A 142 5.02 15.29 33.00
C GLY A 142 4.74 16.04 31.73
N LEU A 143 3.64 16.77 31.69
CA LEU A 143 3.38 17.66 30.56
C LEU A 143 4.47 18.75 30.45
N ASP A 144 5.14 19.04 31.58
CA ASP A 144 6.35 19.86 31.59
C ASP A 144 7.44 19.36 30.63
N VAL A 145 7.67 18.05 30.65
CA VAL A 145 8.69 17.38 29.81
C VAL A 145 8.15 17.07 28.43
N VAL A 146 6.93 16.55 28.38
CA VAL A 146 6.36 16.04 27.14
C VAL A 146 5.91 17.13 26.16
N GLU A 147 5.47 18.30 26.64
CA GLU A 147 5.14 19.38 25.71
C GLU A 147 6.30 19.72 24.77
N PRO A 148 7.47 20.11 25.31
CA PRO A 148 8.66 20.34 24.46
C PRO A 148 8.91 19.29 23.38
N ARG A 149 8.71 18.02 23.72
CA ARG A 149 8.93 16.94 22.79
C ARG A 149 7.87 16.86 21.74
N LEU A 150 6.64 17.29 22.04
CA LEU A 150 5.66 17.47 20.97
C LEU A 150 5.99 18.76 20.19
N GLU A 151 6.43 19.82 20.88
CA GLU A 151 6.93 21.04 20.21
C GLU A 151 8.06 20.68 19.24
N LYS A 152 8.91 19.74 19.66
CA LYS A 152 9.91 19.14 18.77
C LYS A 152 9.19 18.45 17.62
N VAL A 153 8.51 17.34 17.90
CA VAL A 153 7.95 16.49 16.84
C VAL A 153 7.10 17.29 15.88
N SER A 154 6.22 18.13 16.42
CA SER A 154 5.24 18.88 15.61
C SER A 154 5.84 19.72 14.48
N ARG A 155 7.01 20.34 14.72
CA ARG A 155 7.63 21.19 13.70
C ARG A 155 8.59 20.43 12.79
N ASP A 156 9.26 19.41 13.30
CA ASP A 156 10.14 18.61 12.45
C ASP A 156 9.43 17.47 11.70
N ARG A 157 8.28 16.99 12.20
CA ARG A 157 7.51 15.92 11.52
C ARG A 157 7.19 16.20 10.04
N TRP A 158 6.96 17.47 9.73
CA TRP A 158 6.78 17.92 8.35
C TRP A 158 8.10 17.95 7.64
N HIS A 159 9.13 18.35 8.37
CA HIS A 159 10.46 18.55 7.82
C HIS A 159 11.13 17.22 7.45
N ASP A 160 11.53 16.42 8.46
CA ASP A 160 12.48 15.30 8.28
C ASP A 160 12.40 14.63 6.90
N ARG A 161 11.72 13.50 6.77
CA ARG A 161 11.13 13.13 5.53
C ARG A 161 9.66 13.46 5.70
N LEU A 162 9.15 14.35 4.85
CA LEU A 162 7.73 14.76 4.85
C LEU A 162 6.86 13.52 4.61
N GLU A 163 6.49 12.84 5.69
CA GLU A 163 5.66 11.63 5.57
C GLU A 163 4.26 12.11 5.28
N ARG A 164 3.52 11.28 4.55
CA ARG A 164 2.08 11.45 4.45
C ARG A 164 1.76 11.39 5.93
N HIS A 165 1.56 12.57 6.54
CA HIS A 165 1.83 12.76 7.96
C HIS A 165 1.38 11.58 8.83
N CYS A 166 2.40 10.87 9.32
CA CYS A 166 2.29 10.03 10.50
C CYS A 166 1.22 10.54 11.49
N VAL A 167 -0.01 10.05 11.35
CA VAL A 167 -1.10 10.49 12.20
C VAL A 167 -0.75 10.26 13.67
N LEU A 168 -1.04 11.26 14.51
CA LEU A 168 -0.50 11.33 15.85
C LEU A 168 -1.57 11.38 16.94
N GLY A 169 -1.58 10.35 17.78
CA GLY A 169 -2.46 10.28 18.94
C GLY A 169 -1.78 10.86 20.17
N VAL A 170 -2.49 11.69 20.93
CA VAL A 170 -2.00 12.21 22.21
C VAL A 170 -3.02 11.82 23.27
N ASN A 171 -2.63 10.87 24.13
CA ASN A 171 -3.50 10.34 25.16
C ASN A 171 -3.11 10.94 26.52
N ILE A 172 -4.13 11.40 27.25
CA ILE A 172 -3.93 12.15 28.51
C ILE A 172 -4.82 11.58 29.62
N GLY A 173 -4.38 11.74 30.87
CA GLY A 173 -5.10 11.23 32.04
C GLY A 173 -5.00 12.14 33.24
N LYS A 174 -5.31 11.58 34.42
CA LYS A 174 -5.12 12.27 35.70
C LYS A 174 -3.95 11.69 36.48
N ASN A 175 -3.40 12.48 37.39
CA ASN A 175 -2.43 12.00 38.38
C ASN A 175 -3.11 11.14 39.43
N LYS A 176 -2.34 10.25 40.05
CA LYS A 176 -2.81 9.28 41.06
C LYS A 176 -3.96 9.79 41.92
N ASP A 177 -3.76 10.98 42.47
CA ASP A 177 -4.61 11.50 43.53
C ASP A 177 -4.84 13.00 43.37
N THR A 178 -5.48 13.37 42.26
CA THR A 178 -6.09 14.69 42.15
C THR A 178 -7.57 14.49 42.39
N VAL A 179 -8.21 15.47 43.00
CA VAL A 179 -9.64 15.38 43.31
C VAL A 179 -10.50 15.44 42.04
N ASN A 180 -10.22 16.41 41.17
CA ASN A 180 -10.90 16.54 39.90
C ASN A 180 -9.97 16.12 38.77
N ALA A 181 -10.26 14.94 38.21
CA ALA A 181 -9.66 14.49 36.96
C ALA A 181 -10.01 15.49 35.86
N GLU A 182 -11.26 15.94 35.87
CA GLU A 182 -11.73 17.04 35.02
C GLU A 182 -10.74 18.22 34.89
N ASP A 183 -9.94 18.48 35.94
CA ASP A 183 -8.87 19.48 35.90
C ASP A 183 -7.63 18.98 35.16
N ASP A 184 -7.21 17.75 35.44
CA ASP A 184 -6.03 17.14 34.80
C ASP A 184 -6.22 16.79 33.33
N ILE A 185 -7.46 16.53 32.93
CA ILE A 185 -7.80 16.44 31.51
C ILE A 185 -7.76 17.86 30.94
N ARG A 186 -8.33 18.82 31.67
CA ARG A 186 -8.32 20.25 31.31
C ARG A 186 -6.90 20.71 30.99
N GLU A 187 -6.02 20.51 31.96
CA GLU A 187 -4.63 20.92 31.81
C GLU A 187 -4.08 20.24 30.58
N GLY A 188 -4.25 18.93 30.53
CA GLY A 188 -3.85 18.13 29.37
C GLY A 188 -4.24 18.77 28.06
N VAL A 189 -5.53 19.05 27.90
CA VAL A 189 -6.04 19.59 26.64
C VAL A 189 -5.53 21.02 26.41
N LYS A 190 -5.31 21.80 27.47
CA LYS A 190 -4.66 23.12 27.33
C LYS A 190 -3.32 23.00 26.60
N ARG A 191 -2.45 22.10 27.07
CA ARG A 191 -1.03 22.08 26.70
C ARG A 191 -0.77 21.29 25.42
N VAL A 192 -1.12 20.01 25.48
CA VAL A 192 -0.75 19.04 24.46
C VAL A 192 -1.91 18.67 23.53
N GLY A 193 -2.88 19.58 23.39
CA GLY A 193 -3.97 19.38 22.43
C GLY A 193 -3.59 19.76 21.01
N ARG A 194 -2.88 20.88 20.88
CA ARG A 194 -2.65 21.51 19.57
C ARG A 194 -1.81 20.68 18.58
N PHE A 195 -1.14 19.64 19.08
CA PHE A 195 -0.27 18.79 18.27
C PHE A 195 -0.92 17.48 17.83
N ALA A 196 -1.88 17.00 18.61
CA ALA A 196 -2.56 15.74 18.36
C ALA A 196 -3.47 15.89 17.17
N ASP A 197 -3.36 14.94 16.24
CA ASP A 197 -4.35 14.82 15.18
C ASP A 197 -5.64 14.32 15.79
N TYR A 198 -5.51 13.46 16.79
CA TYR A 198 -6.64 13.06 17.64
C TYR A 198 -6.23 12.97 19.11
N LEU A 199 -6.97 13.63 20.00
CA LEU A 199 -6.69 13.59 21.45
C LEU A 199 -7.41 12.42 22.05
N VAL A 200 -6.91 11.91 23.17
CA VAL A 200 -7.56 10.76 23.84
C VAL A 200 -7.57 10.87 25.36
N ILE A 201 -8.78 10.80 25.92
CA ILE A 201 -8.96 10.80 27.35
C ILE A 201 -8.94 9.35 27.80
N ASN A 202 -7.92 8.96 28.57
CA ASN A 202 -7.83 7.62 29.15
C ASN A 202 -8.60 7.53 30.47
N LEU A 203 -9.81 6.98 30.40
CA LEU A 203 -10.62 6.75 31.58
C LEU A 203 -10.66 5.27 31.94
N SER A 204 -9.83 4.45 31.30
CA SER A 204 -10.04 3.00 31.31
C SER A 204 -9.02 2.17 32.10
N SER A 205 -7.75 2.60 32.16
CA SER A 205 -6.71 1.84 32.87
C SER A 205 -7.21 1.31 34.20
N PRO A 206 -7.02 0.00 34.45
CA PRO A 206 -7.39 -0.51 35.77
C PRO A 206 -6.43 -0.03 36.86
N ASN A 207 -5.25 0.45 36.45
CA ASN A 207 -4.16 0.78 37.34
C ASN A 207 -4.05 2.28 37.63
N THR A 208 -5.18 2.88 38.01
CA THR A 208 -5.20 4.13 38.76
C THR A 208 -6.51 4.13 39.58
N LYS A 209 -6.40 4.58 40.84
CA LYS A 209 -7.45 4.51 41.84
C LYS A 209 -8.79 5.04 41.32
N GLY A 210 -9.77 4.14 41.19
CA GLY A 210 -11.10 4.50 40.70
C GLY A 210 -11.22 5.36 39.44
N LEU A 211 -10.23 5.31 38.53
CA LEU A 211 -10.26 6.10 37.28
C LEU A 211 -11.34 5.58 36.34
N ARG A 212 -11.35 4.25 36.13
CA ARG A 212 -12.40 3.55 35.36
C ARG A 212 -13.83 3.91 35.75
N THR A 213 -14.05 4.28 37.02
CA THR A 213 -15.35 4.75 37.50
C THR A 213 -15.65 6.22 37.13
N LEU A 214 -14.81 6.84 36.30
CA LEU A 214 -15.14 8.11 35.65
C LEU A 214 -15.80 7.94 34.30
N GLN A 215 -16.03 6.68 33.89
CA GLN A 215 -16.78 6.38 32.66
C GLN A 215 -18.32 6.52 32.81
N GLN A 216 -18.78 6.96 33.98
CA GLN A 216 -20.22 7.05 34.26
C GLN A 216 -20.87 8.17 33.47
N ARG A 217 -22.10 7.90 33.03
CA ARG A 217 -22.97 8.89 32.38
C ARG A 217 -22.81 10.31 32.94
N ASP A 218 -22.76 10.39 34.27
CA ASP A 218 -22.77 11.64 35.01
C ASP A 218 -21.38 12.33 35.00
N HIS A 219 -20.32 11.52 35.16
CA HIS A 219 -18.94 12.03 35.16
C HIS A 219 -18.43 12.19 33.73
N LEU A 220 -18.45 11.10 32.97
CA LEU A 220 -18.02 11.07 31.56
C LEU A 220 -18.38 12.34 30.80
N ARG A 221 -19.63 12.76 30.95
CA ARG A 221 -20.14 13.98 30.33
C ARG A 221 -19.37 15.19 30.87
N SER A 222 -19.35 15.33 32.19
CA SER A 222 -18.67 16.43 32.87
C SER A 222 -17.20 16.59 32.45
N ILE A 223 -16.58 15.46 32.08
CA ILE A 223 -15.21 15.44 31.56
C ILE A 223 -15.24 15.80 30.09
N ILE A 224 -15.99 15.04 29.30
CA ILE A 224 -16.03 15.22 27.84
C ILE A 224 -16.32 16.67 27.46
N THR A 225 -17.27 17.29 28.15
CA THR A 225 -17.62 18.69 27.90
C THR A 225 -16.49 19.66 28.33
N ALA A 226 -15.92 19.40 29.50
CA ALA A 226 -14.77 20.18 29.99
C ALA A 226 -13.63 20.08 29.00
N ALA A 227 -13.41 18.88 28.48
CA ALA A 227 -12.30 18.58 27.54
C ALA A 227 -12.44 19.23 26.17
N GLN A 228 -13.66 19.23 25.64
CA GLN A 228 -13.96 19.99 24.42
C GLN A 228 -14.22 21.49 24.69
N SER A 229 -14.31 21.89 25.97
CA SER A 229 -14.31 23.31 26.34
C SER A 229 -12.92 23.96 26.30
N GLU A 230 -11.87 23.20 26.63
CA GLU A 230 -10.50 23.70 26.47
C GLU A 230 -10.03 23.61 25.01
N LEU A 231 -10.66 22.74 24.21
CA LEU A 231 -10.51 22.80 22.76
C LEU A 231 -11.12 24.08 22.21
N GLU A 232 -12.23 24.52 22.82
CA GLU A 232 -12.84 25.82 22.51
C GLU A 232 -11.88 27.02 22.73
N LYS A 233 -10.69 26.78 23.29
CA LYS A 233 -9.60 27.73 23.19
C LYS A 233 -8.91 27.56 21.83
N LEU A 234 -9.37 28.35 20.85
CA LEU A 234 -8.78 28.44 19.52
C LEU A 234 -8.19 29.84 19.34
N GLU A 235 -6.87 29.90 19.18
CA GLU A 235 -6.14 31.19 19.16
C GLU A 235 -5.72 31.67 17.77
N GLU A 236 -5.44 32.97 17.73
CA GLU A 236 -5.45 33.76 16.49
C GLU A 236 -4.06 34.09 15.96
N ARG A 237 -4.01 34.24 14.64
CA ARG A 237 -2.78 34.18 13.87
C ARG A 237 -2.90 35.16 12.68
N SER A 238 -1.84 35.24 11.87
CA SER A 238 -1.70 36.24 10.79
C SER A 238 -1.78 37.68 11.35
N ARG A 239 -1.23 37.87 12.55
CA ARG A 239 -1.30 39.13 13.29
C ARG A 239 -0.04 39.31 14.15
N ALA A 240 0.93 40.09 13.66
CA ALA A 240 2.26 40.19 14.28
C ALA A 240 2.27 40.92 15.61
N VAL A 262 6.30 22.21 -1.97
CA VAL A 262 6.27 21.28 -0.85
C VAL A 262 5.68 21.96 0.40
N THR A 263 5.49 21.18 1.47
CA THR A 263 4.91 21.69 2.75
C THR A 263 5.96 22.02 3.83
N ARG A 264 7.15 22.42 3.39
CA ARG A 264 8.09 23.28 4.13
C ARG A 264 7.57 23.83 5.45
N LYS A 265 6.43 24.52 5.40
CA LYS A 265 5.92 25.24 6.56
C LYS A 265 4.39 25.13 6.69
N ALA A 266 3.89 23.89 6.82
CA ALA A 266 2.57 23.67 7.44
C ALA A 266 2.72 23.71 8.95
N GLU A 267 3.96 23.52 9.43
CA GLU A 267 4.30 23.48 10.86
C GLU A 267 3.88 24.68 11.69
N GLN A 268 3.79 25.86 11.07
CA GLN A 268 3.28 27.07 11.74
C GLN A 268 1.85 26.83 12.25
N PHE A 269 1.33 27.80 13.01
CA PHE A 269 0.03 27.68 13.69
C PHE A 269 -0.07 26.39 14.53
N PHE A 270 -1.28 25.97 14.83
CA PHE A 270 -1.53 24.85 15.70
C PHE A 270 -1.74 23.62 14.77
N PRO A 271 -0.65 22.82 14.51
CA PRO A 271 -0.43 22.21 13.20
C PRO A 271 -0.71 20.72 13.03
N THR A 272 -1.97 20.31 13.08
CA THR A 272 -2.32 18.89 13.13
C THR A 272 -2.74 18.36 11.75
N GLN A 273 -1.84 18.45 10.76
CA GLN A 273 -2.19 18.06 9.39
C GLN A 273 -3.43 18.81 8.93
N THR A 274 -3.61 20.03 9.44
CA THR A 274 -4.83 20.88 9.30
C THR A 274 -4.90 21.88 10.47
N GLY A 275 -5.93 22.73 10.44
CA GLY A 275 -6.36 23.51 11.60
C GLY A 275 -6.56 22.61 12.80
N LYS A 276 -5.63 22.73 13.74
CA LYS A 276 -5.60 22.04 15.05
C LYS A 276 -6.68 21.02 15.44
N ARG A 277 -7.88 21.50 15.75
CA ARG A 277 -8.81 20.79 16.66
C ARG A 277 -8.69 19.26 16.53
N PRO A 278 -8.10 18.62 17.55
CA PRO A 278 -8.10 17.16 17.57
C PRO A 278 -9.50 16.59 17.62
N LEU A 279 -9.70 15.43 16.99
CA LEU A 279 -10.94 14.67 17.17
C LEU A 279 -10.85 14.19 18.60
N LEU A 280 -11.84 14.54 19.40
CA LEU A 280 -11.86 14.13 20.79
C LEU A 280 -12.27 12.66 20.89
N PHE A 281 -11.54 11.91 21.73
CA PHE A 281 -11.84 10.52 22.00
C PHE A 281 -11.89 10.28 23.50
N VAL A 282 -12.42 9.11 23.83
CA VAL A 282 -12.30 8.54 25.15
C VAL A 282 -11.99 7.05 24.97
N LYS A 283 -10.93 6.58 25.61
CA LYS A 283 -10.63 5.17 25.62
C LYS A 283 -11.44 4.54 26.75
N ILE A 284 -12.27 3.56 26.39
CA ILE A 284 -13.18 2.90 27.34
C ILE A 284 -12.71 1.50 27.68
N ALA A 285 -13.32 0.92 28.71
CA ALA A 285 -12.96 -0.42 29.20
C ALA A 285 -13.51 -1.53 28.31
N PRO A 286 -13.04 -2.77 28.51
CA PRO A 286 -13.68 -3.98 27.99
C PRO A 286 -14.67 -4.62 28.98
N ASP A 287 -14.53 -4.33 30.28
CA ASP A 287 -15.30 -5.00 31.33
C ASP A 287 -16.46 -4.11 31.77
N LEU A 288 -17.55 -4.19 31.02
CA LEU A 288 -18.68 -3.29 31.18
C LEU A 288 -20.02 -3.97 30.90
N THR A 289 -21.05 -3.58 31.66
CA THR A 289 -22.44 -4.00 31.40
C THR A 289 -22.92 -3.43 30.08
N ASP A 290 -23.94 -4.05 29.52
CA ASP A 290 -24.69 -3.46 28.39
C ASP A 290 -25.31 -2.14 28.83
N GLU A 291 -25.75 -2.11 30.09
CA GLU A 291 -26.20 -0.90 30.78
C GLU A 291 -25.16 0.24 30.76
N GLU A 292 -23.89 -0.06 31.03
CA GLU A 292 -22.85 0.98 31.11
C GLU A 292 -22.30 1.38 29.74
N LYS A 293 -22.30 0.44 28.80
CA LYS A 293 -22.06 0.76 27.39
C LYS A 293 -23.20 1.58 26.74
N ARG A 294 -24.41 1.54 27.29
CA ARG A 294 -25.46 2.50 26.93
C ARG A 294 -25.08 3.89 27.41
N ASP A 295 -24.88 4.00 28.72
CA ASP A 295 -24.54 5.28 29.37
C ASP A 295 -23.44 6.02 28.63
N ILE A 296 -22.44 5.27 28.18
CA ILE A 296 -21.36 5.79 27.34
C ILE A 296 -21.94 6.20 26.00
N ALA A 297 -22.49 5.24 25.27
CA ALA A 297 -23.00 5.46 23.91
C ALA A 297 -24.01 6.60 23.84
N ASP A 298 -24.91 6.66 24.82
CA ASP A 298 -25.81 7.81 24.98
C ASP A 298 -25.04 9.12 25.12
N VAL A 299 -24.12 9.16 26.08
CA VAL A 299 -23.30 10.34 26.34
C VAL A 299 -22.34 10.62 25.15
N ALA A 300 -22.05 9.61 24.34
CA ALA A 300 -21.28 9.81 23.10
C ALA A 300 -22.05 10.60 22.04
N LEU A 301 -23.32 10.22 21.83
CA LEU A 301 -24.19 10.87 20.85
C LEU A 301 -24.78 12.20 21.35
N GLU A 302 -24.96 12.30 22.66
CA GLU A 302 -25.36 13.53 23.31
C GLU A 302 -24.28 14.61 23.08
N THR A 303 -23.04 14.32 23.45
CA THR A 303 -21.94 15.30 23.45
C THR A 303 -21.38 15.67 22.09
N GLY A 304 -21.60 14.84 21.09
CA GLY A 304 -20.91 14.98 19.83
C GLY A 304 -19.45 14.69 20.09
N LEU A 305 -19.20 13.50 20.64
CA LEU A 305 -17.85 13.00 20.83
C LEU A 305 -17.35 12.51 19.47
N ASP A 306 -16.13 12.88 19.10
CA ASP A 306 -15.61 12.60 17.76
C ASP A 306 -15.17 11.13 17.60
N GLY A 307 -14.82 10.47 18.70
CA GLY A 307 -14.62 9.02 18.67
C GLY A 307 -14.44 8.31 20.00
N LEU A 308 -14.33 6.98 19.92
CA LEU A 308 -14.13 6.09 21.08
C LEU A 308 -13.06 5.08 20.71
N ILE A 309 -12.13 4.84 21.62
CA ILE A 309 -11.08 3.87 21.39
C ILE A 309 -11.49 2.64 22.16
N VAL A 310 -11.76 1.57 21.44
CA VAL A 310 -12.45 0.42 22.02
C VAL A 310 -11.51 -0.54 22.77
N THR A 311 -11.58 -0.42 24.11
CA THR A 311 -10.91 -1.23 25.13
C THR A 311 -9.45 -0.90 25.42
N ASN A 312 -9.24 -0.50 26.67
CA ASN A 312 -7.96 -0.68 27.33
C ASN A 312 -7.80 -2.19 27.61
N THR A 313 -6.86 -2.54 28.49
CA THR A 313 -6.70 -3.91 28.94
C THR A 313 -7.92 -4.39 29.72
N THR A 314 -8.02 -5.70 29.92
CA THR A 314 -9.13 -6.30 30.68
C THR A 314 -8.62 -6.94 31.97
N ILE A 315 -9.41 -6.77 33.04
CA ILE A 315 -9.10 -7.34 34.35
C ILE A 315 -9.73 -8.74 34.54
N GLN A 316 -10.40 -9.24 33.50
CA GLN A 316 -10.88 -10.60 33.48
C GLN A 316 -9.70 -11.54 33.27
N ARG A 317 -9.86 -12.75 33.79
CA ARG A 317 -8.85 -13.81 33.66
C ARG A 317 -9.60 -15.05 33.26
N PRO A 318 -9.77 -15.26 31.94
CA PRO A 318 -10.60 -16.37 31.51
C PRO A 318 -9.80 -17.65 31.62
N GLU A 319 -10.39 -18.66 32.26
CA GLU A 319 -9.73 -19.95 32.41
C GLU A 319 -9.50 -20.48 31.01
N SER A 320 -8.25 -20.83 30.72
CA SER A 320 -7.71 -20.95 29.35
C SER A 320 -6.32 -20.38 29.40
N LEU A 321 -6.15 -19.30 30.17
CA LEU A 321 -4.83 -18.85 30.55
C LEU A 321 -4.14 -20.01 31.25
N ARG A 322 -3.09 -20.54 30.63
CA ARG A 322 -2.31 -21.64 31.19
C ARG A 322 -1.04 -21.13 31.89
N SER A 323 -0.47 -20.03 31.38
CA SER A 323 0.82 -19.50 31.86
C SER A 323 0.72 -19.09 33.34
N GLU A 324 1.71 -19.49 34.14
CA GLU A 324 1.65 -19.34 35.63
C GLU A 324 1.72 -17.88 36.14
N SER A 325 1.96 -16.90 35.26
CA SER A 325 1.78 -15.48 35.61
C SER A 325 0.33 -14.95 35.50
N LYS A 326 -0.64 -15.82 35.17
CA LYS A 326 -2.07 -15.47 35.11
C LYS A 326 -2.64 -14.81 36.38
N HIS A 327 -2.04 -15.12 37.53
CA HIS A 327 -2.50 -14.61 38.84
C HIS A 327 -1.98 -13.22 39.28
N GLU A 328 -1.27 -12.50 38.41
CA GLU A 328 -0.73 -11.18 38.74
C GLU A 328 -1.75 -10.11 38.43
N THR A 329 -1.75 -9.05 39.23
CA THR A 329 -2.74 -7.96 39.15
C THR A 329 -2.45 -7.05 37.96
N GLY A 330 -3.48 -6.32 37.52
CA GLY A 330 -3.38 -5.41 36.37
C GLY A 330 -4.14 -5.94 35.15
N GLY A 331 -4.43 -5.06 34.19
CA GLY A 331 -5.20 -5.45 33.02
C GLY A 331 -4.34 -6.23 32.03
N LEU A 332 -4.88 -7.31 31.47
CA LEU A 332 -4.14 -8.11 30.47
C LEU A 332 -4.51 -7.78 29.04
N SER A 333 -3.48 -7.69 28.22
CA SER A 333 -3.59 -7.40 26.82
C SER A 333 -3.36 -8.67 26.03
N GLY A 334 -3.59 -8.58 24.71
CA GLY A 334 -3.21 -9.63 23.76
C GLY A 334 -4.33 -10.58 23.37
N ARG A 335 -3.96 -11.84 23.16
CA ARG A 335 -4.86 -12.84 22.56
C ARG A 335 -6.07 -13.27 23.39
N PRO A 336 -5.99 -13.19 24.74
CA PRO A 336 -7.20 -13.41 25.56
C PRO A 336 -8.25 -12.29 25.41
N LEU A 337 -7.80 -11.10 25.02
CA LEU A 337 -8.67 -9.98 24.77
C LEU A 337 -9.00 -9.93 23.27
N LYS A 338 -9.61 -10.99 22.75
CA LYS A 338 -10.02 -11.00 21.35
C LYS A 338 -11.50 -10.74 21.24
N ALA A 339 -12.31 -11.74 21.62
CA ALA A 339 -13.77 -11.64 21.58
C ALA A 339 -14.26 -10.49 22.46
N MET A 340 -13.63 -10.34 23.63
CA MET A 340 -13.81 -9.18 24.50
C MET A 340 -13.89 -7.88 23.72
N SER A 341 -12.79 -7.56 23.04
CA SER A 341 -12.61 -6.27 22.36
C SER A 341 -13.50 -6.16 21.14
N THR A 342 -13.52 -7.23 20.35
CA THR A 342 -14.21 -7.25 19.07
C THR A 342 -15.75 -7.13 19.24
N LYS A 343 -16.30 -7.67 20.33
CA LYS A 343 -17.70 -7.44 20.70
C LYS A 343 -17.90 -6.01 21.18
N CYS A 344 -16.96 -5.51 21.98
CA CYS A 344 -17.02 -4.14 22.47
C CYS A 344 -17.01 -3.13 21.34
N VAL A 345 -16.36 -3.47 20.22
CA VAL A 345 -16.40 -2.60 19.05
C VAL A 345 -17.81 -2.57 18.50
N SER A 346 -18.35 -3.77 18.28
CA SER A 346 -19.67 -3.95 17.65
C SER A 346 -20.81 -3.37 18.48
N ASP A 347 -20.77 -3.56 19.79
CA ASP A 347 -21.76 -2.97 20.70
C ASP A 347 -21.73 -1.44 20.67
N MET A 348 -20.54 -0.85 20.72
CA MET A 348 -20.42 0.62 20.68
C MET A 348 -20.67 1.20 19.30
N TYR A 349 -20.48 0.41 18.26
CA TYR A 349 -20.84 0.83 16.91
C TYR A 349 -22.34 1.04 16.87
N LYS A 350 -23.10 -0.04 17.09
CA LYS A 350 -24.56 -0.04 16.92
C LYS A 350 -25.24 0.94 17.89
N MET A 351 -24.84 0.90 19.16
CA MET A 351 -25.42 1.79 20.19
C MET A 351 -25.09 3.27 19.94
N THR A 352 -24.08 3.56 19.10
CA THR A 352 -23.82 4.90 18.56
C THR A 352 -24.31 5.08 17.11
N ASN A 353 -25.27 4.27 16.65
CA ASN A 353 -25.69 4.26 15.23
C ASN A 353 -24.53 4.23 14.23
N GLY A 354 -23.32 3.89 14.70
CA GLY A 354 -22.10 4.09 13.93
C GLY A 354 -21.69 5.51 13.63
N GLN A 355 -22.44 6.50 14.12
CA GLN A 355 -22.13 7.92 13.87
C GLN A 355 -20.93 8.41 14.69
N VAL A 356 -20.52 7.64 15.70
CA VAL A 356 -19.28 7.90 16.42
C VAL A 356 -18.21 6.97 15.89
N ALA A 357 -16.98 7.47 15.85
CA ALA A 357 -15.83 6.76 15.27
C ALA A 357 -15.25 5.78 16.28
N ILE A 358 -14.59 4.74 15.76
CA ILE A 358 -14.04 3.64 16.58
C ILE A 358 -12.61 3.26 16.16
N ILE A 359 -11.68 3.37 17.11
CA ILE A 359 -10.30 2.91 16.95
C ILE A 359 -10.06 1.79 17.97
N ALA A 360 -10.25 0.54 17.54
CA ALA A 360 -10.20 -0.62 18.45
C ALA A 360 -8.79 -1.16 18.66
N SER A 361 -8.40 -1.30 19.94
CA SER A 361 -7.25 -2.11 20.29
C SER A 361 -7.80 -3.39 20.93
N GLY A 362 -6.88 -4.27 21.36
CA GLY A 362 -7.20 -5.54 22.04
C GLY A 362 -6.99 -6.80 21.20
N GLY A 363 -5.82 -7.42 21.31
CA GLY A 363 -5.47 -8.64 20.55
C GLY A 363 -5.70 -8.53 19.06
N ILE A 364 -5.16 -7.48 18.45
CA ILE A 364 -5.15 -7.35 16.99
C ILE A 364 -3.87 -8.02 16.56
N GLU A 365 -3.99 -9.30 16.23
CA GLU A 365 -2.88 -10.13 15.79
C GLU A 365 -3.31 -10.68 14.42
N THR A 366 -2.63 -10.22 13.36
CA THR A 366 -3.00 -10.44 11.94
C THR A 366 -4.13 -9.52 11.45
N GLY A 367 -3.95 -9.03 10.22
CA GLY A 367 -4.95 -8.25 9.51
C GLY A 367 -6.32 -8.89 9.31
N LEU A 368 -6.42 -10.19 9.58
CA LEU A 368 -7.72 -10.86 9.74
C LEU A 368 -8.48 -10.35 10.98
N ASP A 369 -7.80 -10.28 12.12
CA ASP A 369 -8.40 -9.70 13.32
C ASP A 369 -8.79 -8.25 13.03
N ALA A 370 -7.90 -7.53 12.34
CA ALA A 370 -8.18 -6.17 11.90
C ALA A 370 -9.35 -6.11 10.93
N TYR A 371 -9.41 -7.07 10.00
CA TYR A 371 -10.53 -7.19 9.05
C TYR A 371 -11.88 -7.31 9.78
N LYS A 372 -11.93 -8.15 10.81
CA LYS A 372 -13.16 -8.35 11.59
C LYS A 372 -13.54 -7.12 12.43
N ARG A 373 -12.56 -6.56 13.13
CA ARG A 373 -12.79 -5.33 13.90
C ARG A 373 -13.16 -4.14 13.01
N ILE A 374 -12.65 -4.12 11.79
CA ILE A 374 -13.07 -3.13 10.80
C ILE A 374 -14.51 -3.44 10.38
N ARG A 375 -14.80 -4.71 10.11
CA ARG A 375 -16.17 -5.14 9.80
C ARG A 375 -17.18 -4.88 10.94
N ALA A 376 -16.72 -4.96 12.19
CA ALA A 376 -17.59 -4.74 13.35
C ALA A 376 -17.83 -3.27 13.68
N GLY A 377 -17.08 -2.35 13.06
CA GLY A 377 -17.26 -0.92 13.31
C GLY A 377 -16.04 -0.05 13.20
N ALA A 378 -14.85 -0.63 13.41
CA ALA A 378 -13.60 0.13 13.48
C ALA A 378 -13.19 0.77 12.16
N SER A 379 -12.97 2.09 12.21
CA SER A 379 -12.36 2.81 11.11
C SER A 379 -10.86 2.50 11.02
N ALA A 380 -10.18 2.40 12.19
CA ALA A 380 -8.75 2.05 12.30
C ALA A 380 -8.49 1.12 13.50
N VAL A 381 -7.35 0.42 13.53
CA VAL A 381 -7.02 -0.50 14.66
C VAL A 381 -5.61 -0.34 15.24
N GLU A 382 -5.46 -0.82 16.47
CA GLU A 382 -4.27 -0.63 17.26
C GLU A 382 -3.64 -1.94 17.69
N VAL A 383 -2.33 -1.88 17.89
CA VAL A 383 -1.53 -3.04 18.28
C VAL A 383 -0.55 -2.61 19.34
N TYR A 384 -0.17 -3.57 20.18
CA TYR A 384 0.93 -3.38 21.11
C TYR A 384 1.44 -4.74 21.54
N THR A 385 0.62 -5.48 22.28
CA THR A 385 0.98 -6.81 22.75
C THR A 385 1.14 -7.79 21.58
N SER A 386 0.53 -7.51 20.42
CA SER A 386 0.74 -8.34 19.23
C SER A 386 2.16 -8.19 18.64
N MET A 387 2.84 -7.06 18.90
CA MET A 387 4.25 -6.82 18.47
C MET A 387 5.33 -7.49 19.35
N ILE A 388 4.96 -7.81 20.59
CA ILE A 388 5.87 -8.39 21.58
C ILE A 388 6.08 -9.88 21.28
N TYR A 389 5.25 -10.44 20.40
CA TYR A 389 5.47 -11.76 19.84
C TYR A 389 5.80 -11.73 18.33
N ARG A 390 5.23 -10.79 17.57
CA ARG A 390 5.48 -10.68 16.12
C ARG A 390 6.81 -9.98 15.87
N GLY A 391 6.89 -8.71 16.26
CA GLY A 391 8.14 -7.95 16.20
C GLY A 391 8.16 -6.93 15.09
N PRO A 392 8.88 -5.81 15.31
CA PRO A 392 8.88 -4.59 14.53
C PRO A 392 8.18 -4.61 13.17
N ILE A 393 8.57 -5.53 12.30
CA ILE A 393 7.96 -5.62 10.97
C ILE A 393 6.64 -6.45 11.09
N VAL A 394 5.81 -6.06 12.07
CA VAL A 394 4.39 -6.50 12.23
C VAL A 394 3.43 -5.42 11.75
N ALA A 395 3.94 -4.18 11.64
CA ALA A 395 3.18 -3.10 11.04
C ALA A 395 2.98 -3.38 9.56
N ARG A 396 4.08 -3.68 8.86
CA ARG A 396 4.06 -4.08 7.45
C ARG A 396 3.24 -5.35 7.21
N ARG A 397 3.26 -6.27 8.17
CA ARG A 397 2.54 -7.54 8.06
C ARG A 397 1.03 -7.35 8.13
N VAL A 398 0.57 -6.67 9.18
CA VAL A 398 -0.86 -6.50 9.44
C VAL A 398 -1.52 -5.65 8.35
N LYS A 399 -0.82 -4.62 7.85
CA LYS A 399 -1.30 -3.83 6.71
C LYS A 399 -1.60 -4.68 5.48
N ASP A 400 -0.69 -5.61 5.19
CA ASP A 400 -0.77 -6.43 3.98
C ASP A 400 -1.64 -7.67 4.17
N GLU A 401 -1.61 -8.28 5.34
CA GLU A 401 -2.57 -9.36 5.70
C GLU A 401 -4.02 -8.87 5.53
N LEU A 402 -4.24 -7.62 5.92
CA LEU A 402 -5.52 -6.93 5.75
C LEU A 402 -5.86 -6.70 4.29
N LEU A 403 -4.91 -6.13 3.53
CA LEU A 403 -5.16 -5.79 2.13
C LEU A 403 -5.46 -7.01 1.27
N ASN A 404 -4.78 -8.13 1.51
CA ASN A 404 -5.04 -9.39 0.79
C ASN A 404 -6.37 -10.03 1.21
N ILE A 405 -6.73 -9.95 2.50
CA ILE A 405 -8.05 -10.43 2.96
C ILE A 405 -9.20 -9.50 2.51
N LEU A 406 -8.87 -8.25 2.18
CA LEU A 406 -9.80 -7.38 1.43
C LEU A 406 -9.92 -7.84 -0.02
N ASN A 407 -8.78 -8.15 -0.65
CA ASN A 407 -8.76 -8.70 -2.02
C ASN A 407 -9.57 -10.00 -2.13
N GLN A 408 -9.36 -10.91 -1.18
CA GLN A 408 -10.11 -12.18 -1.08
C GLN A 408 -11.61 -11.95 -0.83
N ALA A 409 -11.93 -11.04 0.10
CA ALA A 409 -13.32 -10.72 0.46
C ALA A 409 -14.12 -10.10 -0.68
N GLY A 410 -13.42 -9.42 -1.58
CA GLY A 410 -14.02 -8.78 -2.75
C GLY A 410 -13.69 -7.31 -2.72
N ILE A 411 -14.19 -6.62 -1.70
CA ILE A 411 -13.95 -5.19 -1.55
C ILE A 411 -12.54 -4.90 -1.06
N TYR A 412 -11.99 -3.87 -1.69
CA TYR A 412 -10.69 -3.32 -1.42
C TYR A 412 -11.08 -1.88 -1.11
N ASN A 413 -10.21 -1.15 -0.43
CA ASN A 413 -10.49 0.21 -0.02
C ASN A 413 -11.39 -0.09 1.11
N VAL A 414 -10.84 0.04 2.30
CA VAL A 414 -11.50 -0.27 3.56
C VAL A 414 -12.74 0.53 3.94
N GLN A 415 -12.79 1.77 3.48
CA GLN A 415 -13.88 2.65 3.85
C GLN A 415 -15.16 1.97 3.56
N ASP A 416 -15.23 1.26 2.45
CA ASP A 416 -16.46 0.56 2.14
C ASP A 416 -16.70 -0.53 3.18
N ALA A 417 -15.62 -1.14 3.61
CA ALA A 417 -15.61 -2.25 4.57
C ALA A 417 -16.12 -2.08 5.99
N ILE A 418 -15.88 -0.94 6.60
CA ILE A 418 -16.23 -0.77 8.00
C ILE A 418 -17.63 -1.06 8.42
N GLY A 419 -17.76 -1.87 9.45
CA GLY A 419 -19.04 -2.16 10.05
C GLY A 419 -19.88 -3.05 9.19
N LEU A 420 -19.27 -3.39 8.10
CA LEU A 420 -19.98 -4.23 7.15
C LEU A 420 -20.90 -5.23 7.85
N ASP A 421 -20.55 -5.65 9.07
CA ASP A 421 -21.38 -6.59 9.83
C ASP A 421 -22.79 -6.09 10.20
N HIS A 422 -23.01 -4.77 10.13
CA HIS A 422 -24.31 -4.19 10.51
C HIS A 422 -25.23 -3.86 9.31
N ARG A 423 -24.96 -4.49 8.16
CA ARG A 423 -25.91 -4.63 7.06
C ARG A 423 -26.32 -6.11 7.12
N PRO A 424 -27.63 -6.39 7.39
CA PRO A 424 -28.05 -7.61 8.10
C PRO A 424 -27.70 -8.96 7.42
N LEU B 26 -57.04 -1.89 15.96
CA LEU B 26 -57.59 -1.81 14.57
C LEU B 26 -58.84 -2.71 14.45
N LEU B 27 -59.75 -2.59 15.41
CA LEU B 27 -60.96 -3.46 15.49
C LEU B 27 -62.30 -2.71 15.43
N GLU B 28 -62.49 -1.68 16.26
CA GLU B 28 -63.84 -1.10 16.48
C GLU B 28 -64.12 0.27 15.86
N VAL B 29 -63.16 1.19 15.88
CA VAL B 29 -63.34 2.51 15.24
C VAL B 29 -63.25 2.38 13.69
N VAL B 30 -62.43 1.43 13.21
CA VAL B 30 -62.45 1.01 11.80
C VAL B 30 -63.80 0.44 11.35
N TYR B 31 -64.40 -0.43 12.18
CA TYR B 31 -65.69 -1.07 11.86
C TYR B 31 -66.85 -0.11 12.15
N GLY B 32 -66.87 0.38 13.39
CA GLY B 32 -67.87 1.34 13.88
C GLY B 32 -68.10 2.55 13.00
N LEU B 33 -67.05 3.01 12.33
CA LEU B 33 -67.21 3.90 11.17
C LEU B 33 -67.79 3.06 10.03
N LEU B 34 -69.11 2.81 10.09
CA LEU B 34 -69.84 2.20 8.97
C LEU B 34 -69.60 3.01 7.69
N PRO B 35 -69.70 4.35 7.77
CA PRO B 35 -70.32 5.23 8.79
C PRO B 35 -71.59 5.92 8.30
N GLU B 36 -72.11 5.48 7.16
CA GLU B 36 -73.02 6.27 6.33
C GLU B 36 -72.44 7.69 6.09
N ASN B 37 -71.20 7.70 5.59
CA ASN B 37 -70.41 8.91 5.29
C ASN B 37 -70.06 9.75 6.53
N PHE B 38 -68.87 10.37 6.51
CA PHE B 38 -68.23 10.94 7.72
C PHE B 38 -69.15 11.75 8.67
N PRO B 39 -69.37 11.23 9.91
CA PRO B 39 -70.04 12.04 10.92
C PRO B 39 -69.22 13.25 11.36
N ASP B 40 -69.30 14.31 10.55
CA ASP B 40 -68.69 15.62 10.83
C ASP B 40 -67.15 15.55 11.00
N PRO B 41 -66.38 15.93 9.97
CA PRO B 41 -64.94 15.58 9.95
C PRO B 41 -64.03 16.47 10.80
N GLU B 42 -63.96 17.78 10.51
CA GLU B 42 -63.13 18.73 11.28
C GLU B 42 -63.74 19.01 12.64
N LEU B 43 -65.06 19.12 12.69
CA LEU B 43 -65.79 19.26 13.96
C LEU B 43 -65.44 18.18 14.98
N ALA B 44 -65.05 17.00 14.50
CA ALA B 44 -64.49 15.97 15.36
C ALA B 44 -63.23 16.48 16.07
N HIS B 45 -62.27 16.96 15.27
CA HIS B 45 -61.01 17.53 15.80
C HIS B 45 -61.27 18.55 16.91
N ASP B 46 -62.15 19.51 16.62
CA ASP B 46 -62.48 20.59 17.56
C ASP B 46 -62.95 20.06 18.91
N MET B 47 -63.72 18.97 18.89
CA MET B 47 -64.19 18.32 20.11
C MET B 47 -63.09 17.54 20.83
N VAL B 48 -62.07 17.07 20.10
CA VAL B 48 -60.89 16.45 20.72
C VAL B 48 -60.10 17.51 21.49
N MET B 49 -59.84 18.64 20.82
CA MET B 49 -59.06 19.74 21.41
C MET B 49 -59.72 20.31 22.67
N TRP B 50 -61.04 20.42 22.66
CA TRP B 50 -61.80 20.76 23.85
C TRP B 50 -61.45 19.85 25.02
N LEU B 51 -61.59 18.54 24.80
CA LEU B 51 -61.28 17.54 25.82
C LEU B 51 -59.83 17.68 26.27
N ALA B 52 -58.92 17.76 25.31
CA ALA B 52 -57.47 17.97 25.57
C ALA B 52 -57.18 19.21 26.42
N ALA B 53 -57.80 20.34 26.06
CA ALA B 53 -57.57 21.60 26.75
C ALA B 53 -58.11 21.64 28.17
N LYS B 54 -59.25 20.96 28.43
CA LYS B 54 -59.84 20.94 29.77
C LYS B 54 -59.48 19.64 30.54
N GLY B 55 -58.35 19.03 30.21
CA GLY B 55 -57.92 17.77 30.82
C GLY B 55 -58.47 16.56 30.09
N TYR B 56 -59.60 16.05 30.60
CA TYR B 56 -60.42 14.98 29.98
C TYR B 56 -59.78 14.05 28.94
N LEU B 57 -58.59 13.53 29.22
CA LEU B 57 -57.88 12.65 28.29
C LEU B 57 -57.45 11.34 28.96
N PRO B 58 -57.17 10.30 28.15
CA PRO B 58 -56.43 9.13 28.65
C PRO B 58 -55.01 9.49 29.12
N TYR B 59 -54.27 8.51 29.66
CA TYR B 59 -53.06 8.83 30.39
C TYR B 59 -51.89 7.83 30.34
N ASP B 60 -51.75 6.97 31.35
CA ASP B 60 -50.42 6.64 31.94
C ASP B 60 -49.95 5.19 32.14
N LEU B 61 -50.59 4.19 31.51
CA LEU B 61 -50.21 2.77 31.70
C LEU B 61 -48.67 2.55 31.67
N GLU B 62 -47.97 3.41 30.91
CA GLU B 62 -46.50 3.50 30.90
C GLU B 62 -45.89 2.16 30.44
N ARG B 63 -45.19 1.45 31.33
CA ARG B 63 -44.28 0.36 30.95
C ARG B 63 -43.28 0.85 29.87
N ASP B 64 -42.82 2.11 30.02
CA ASP B 64 -41.86 2.72 29.08
C ASP B 64 -40.48 2.15 29.34
N ASP B 65 -40.25 0.94 28.84
CA ASP B 65 -38.99 0.23 29.04
C ASP B 65 -37.94 1.07 28.35
N PRO B 66 -36.77 1.28 28.98
CA PRO B 66 -35.79 2.17 28.37
C PRO B 66 -35.43 1.85 26.91
N GLU B 67 -35.77 0.64 26.43
CA GLU B 67 -35.58 0.25 25.03
C GLU B 67 -36.18 1.18 23.96
N LEU B 68 -37.09 2.07 24.35
CA LEU B 68 -37.64 3.05 23.43
C LEU B 68 -36.87 4.37 23.33
N SER B 69 -36.01 4.68 24.29
CA SER B 69 -35.29 5.96 24.25
C SER B 69 -34.47 6.10 22.95
N VAL B 70 -34.56 7.28 22.36
CA VAL B 70 -33.72 7.66 21.23
C VAL B 70 -33.05 8.94 21.63
N ASN B 71 -31.74 8.87 21.85
CA ASN B 71 -30.87 10.05 21.92
C ASN B 71 -30.51 10.47 20.48
N ILE B 72 -31.01 11.62 20.07
CA ILE B 72 -30.86 12.10 18.70
C ILE B 72 -30.07 13.40 18.79
N LYS B 73 -28.76 13.23 18.70
CA LYS B 73 -27.81 14.32 18.51
C LYS B 73 -28.01 15.42 19.57
N GLY B 74 -27.92 14.99 20.84
CA GLY B 74 -28.08 15.88 22.00
C GLY B 74 -29.36 15.64 22.77
N LEU B 75 -30.46 15.61 22.03
CA LEU B 75 -31.80 15.56 22.60
C LEU B 75 -32.23 14.11 22.79
N THR B 76 -32.74 13.79 23.98
CA THR B 76 -33.18 12.44 24.33
C THR B 76 -34.71 12.35 24.28
N PHE B 77 -35.21 11.53 23.35
CA PHE B 77 -36.62 11.18 23.23
C PHE B 77 -36.88 10.03 24.18
N HIS B 78 -38.03 10.03 24.88
CA HIS B 78 -38.39 8.92 25.78
C HIS B 78 -38.79 7.78 24.88
N THR B 79 -39.68 8.13 23.97
CA THR B 79 -40.37 7.23 23.10
C THR B 79 -40.23 7.86 21.71
N PRO B 80 -39.91 7.05 20.69
CA PRO B 80 -39.71 7.61 19.35
C PRO B 80 -41.00 7.93 18.58
N VAL B 81 -42.16 7.76 19.21
CA VAL B 81 -43.46 7.96 18.57
C VAL B 81 -44.03 9.29 19.06
N GLY B 82 -44.51 10.12 18.14
CA GLY B 82 -45.09 11.40 18.52
C GLY B 82 -46.20 11.91 17.65
N LEU B 83 -46.98 12.83 18.19
CA LEU B 83 -48.05 13.50 17.49
C LEU B 83 -47.46 14.54 16.53
N ALA B 84 -47.68 14.33 15.24
CA ALA B 84 -47.18 15.21 14.20
C ALA B 84 -47.80 16.61 14.24
N ALA B 85 -47.23 17.48 13.41
CA ALA B 85 -47.72 18.85 13.28
C ALA B 85 -49.11 18.86 12.67
N GLY B 86 -49.92 19.80 13.14
CA GLY B 86 -51.20 20.12 12.53
C GLY B 86 -52.37 19.63 13.35
N PHE B 87 -52.08 18.81 14.34
CA PHE B 87 -53.11 18.40 15.27
C PHE B 87 -53.28 19.45 16.36
N ASP B 88 -52.22 20.18 16.70
CA ASP B 88 -52.31 21.16 17.78
C ASP B 88 -51.82 22.54 17.32
N LYS B 89 -52.43 23.03 16.23
CA LYS B 89 -51.94 24.22 15.51
C LYS B 89 -51.83 25.52 16.31
N ASN B 90 -52.51 25.62 17.46
CA ASN B 90 -52.38 26.82 18.33
C ASN B 90 -51.76 26.53 19.70
N ALA B 91 -51.08 25.39 19.84
CA ALA B 91 -50.45 24.96 21.10
C ALA B 91 -51.45 24.96 22.26
N GLU B 92 -52.63 24.42 22.00
CA GLU B 92 -53.74 24.53 22.91
C GLU B 92 -53.44 23.66 24.12
N ALA B 93 -53.07 22.39 23.90
CA ALA B 93 -52.72 21.49 25.00
C ALA B 93 -51.70 20.43 24.55
N PRO B 94 -50.51 20.90 24.13
CA PRO B 94 -49.54 19.96 23.55
C PRO B 94 -49.12 18.92 24.57
N LEU B 95 -48.58 19.37 25.70
CA LEU B 95 -48.20 18.49 26.81
C LEU B 95 -49.23 17.43 27.23
N ASN B 96 -50.53 17.70 27.05
CA ASN B 96 -51.56 16.72 27.41
C ASN B 96 -51.55 15.46 26.53
N PHE B 97 -51.26 15.64 25.25
CA PHE B 97 -51.13 14.50 24.33
C PHE B 97 -49.91 13.64 24.68
N CYS B 98 -48.82 14.28 25.11
CA CYS B 98 -47.71 13.54 25.68
C CYS B 98 -48.16 12.71 26.89
N LYS B 99 -48.87 13.36 27.82
CA LYS B 99 -49.44 12.65 28.97
C LYS B 99 -50.38 11.52 28.55
N MET B 100 -50.98 11.64 27.38
CA MET B 100 -51.81 10.59 26.78
C MET B 100 -51.04 9.44 26.10
N GLY B 101 -49.70 9.51 26.09
CA GLY B 101 -48.87 8.36 25.66
C GLY B 101 -47.71 8.67 24.71
N PHE B 102 -47.81 9.78 23.98
CA PHE B 102 -46.78 10.16 23.01
C PHE B 102 -45.48 10.56 23.68
N GLY B 103 -44.37 10.15 23.08
CA GLY B 103 -43.06 10.57 23.56
C GLY B 103 -42.81 12.04 23.32
N PHE B 104 -43.30 12.53 22.18
CA PHE B 104 -43.12 13.91 21.80
C PHE B 104 -44.35 14.47 21.10
N VAL B 105 -44.37 15.77 20.88
CA VAL B 105 -45.52 16.46 20.31
C VAL B 105 -44.99 17.64 19.51
N GLU B 106 -45.50 17.80 18.29
CA GLU B 106 -45.15 18.93 17.43
C GLU B 106 -46.32 19.90 17.23
N VAL B 107 -46.16 21.16 17.68
CA VAL B 107 -47.26 22.14 17.64
C VAL B 107 -47.41 22.78 16.26
N GLY B 108 -48.52 22.44 15.61
CA GLY B 108 -48.79 22.72 14.18
C GLY B 108 -48.52 24.12 13.69
N THR B 109 -48.27 24.22 12.39
CA THR B 109 -47.51 25.33 11.83
C THR B 109 -48.03 26.69 12.29
N ILE B 110 -47.07 27.54 12.69
CA ILE B 110 -47.39 28.83 13.27
C ILE B 110 -46.88 29.92 12.35
N THR B 111 -47.83 30.47 11.58
CA THR B 111 -47.61 31.68 10.83
C THR B 111 -47.39 32.87 11.77
N PRO B 112 -46.58 33.86 11.34
CA PRO B 112 -46.54 35.10 12.11
C PRO B 112 -47.90 35.76 12.28
N LYS B 113 -48.51 36.17 11.18
CA LYS B 113 -49.80 36.83 11.22
C LYS B 113 -50.89 35.77 11.16
N PRO B 114 -52.01 35.95 11.90
CA PRO B 114 -53.00 34.88 11.99
C PRO B 114 -53.77 34.72 10.70
N GLN B 115 -54.09 33.49 10.32
CA GLN B 115 -54.86 33.19 9.11
C GLN B 115 -56.10 32.41 9.51
N LEU B 116 -57.18 32.62 8.76
CA LEU B 116 -58.45 31.92 9.04
C LEU B 116 -58.50 30.55 8.39
N GLY B 117 -57.71 30.36 7.33
CA GLY B 117 -57.64 29.12 6.57
C GLY B 117 -58.46 29.20 5.29
N ASN B 118 -58.53 28.08 4.56
CA ASN B 118 -59.41 27.96 3.40
C ASN B 118 -60.86 27.80 3.86
N PRO B 119 -61.84 28.00 2.95
CA PRO B 119 -63.23 27.80 3.35
C PRO B 119 -63.55 26.32 3.60
N LYS B 120 -64.57 26.05 4.39
CA LYS B 120 -64.92 24.69 4.80
C LYS B 120 -65.75 24.02 3.69
N PRO B 121 -66.06 22.72 3.80
CA PRO B 121 -65.38 21.68 4.52
C PRO B 121 -64.02 21.50 3.88
N ARG B 122 -62.98 21.59 4.69
CA ARG B 122 -61.60 21.51 4.24
C ARG B 122 -60.89 20.27 4.80
N ILE B 123 -61.62 19.38 5.45
CA ILE B 123 -61.05 18.15 6.01
C ILE B 123 -61.96 16.98 5.67
N PHE B 124 -61.38 15.94 5.07
CA PHE B 124 -62.15 14.80 4.51
C PHE B 124 -61.64 13.43 4.98
N ARG B 125 -62.57 12.55 5.34
CA ARG B 125 -62.23 11.24 5.89
C ARG B 125 -62.48 10.14 4.86
N LEU B 126 -61.44 9.74 4.13
CA LEU B 126 -61.53 8.61 3.19
C LEU B 126 -61.45 7.30 3.99
N ALA B 127 -62.52 6.96 4.68
CA ALA B 127 -62.52 5.84 5.64
C ALA B 127 -62.13 4.50 5.01
N LYS B 128 -62.48 4.31 3.73
CA LYS B 128 -62.12 3.10 2.98
C LYS B 128 -60.61 2.94 2.78
N ASP B 129 -59.86 4.04 2.74
CA ASP B 129 -58.42 3.97 2.54
C ASP B 129 -57.60 4.28 3.80
N HIS B 130 -58.26 4.43 4.93
CA HIS B 130 -57.64 4.89 6.19
C HIS B 130 -56.74 6.12 5.94
N ALA B 131 -57.36 7.11 5.28
CA ALA B 131 -56.67 8.26 4.69
C ALA B 131 -57.48 9.53 4.89
N ILE B 132 -56.80 10.67 4.72
CA ILE B 132 -57.40 11.99 4.85
C ILE B 132 -56.90 12.90 3.74
N ILE B 133 -57.81 13.69 3.18
CA ILE B 133 -57.46 14.82 2.33
C ILE B 133 -57.84 16.10 3.08
N ASN B 134 -56.88 17.01 3.17
CA ASN B 134 -57.03 18.21 3.94
C ASN B 134 -56.42 19.40 3.19
N ARG B 135 -57.30 20.25 2.69
CA ARG B 135 -56.92 21.52 2.05
C ARG B 135 -57.08 22.61 3.10
N CYS B 136 -56.29 22.51 4.15
CA CYS B 136 -56.48 23.33 5.32
C CYS B 136 -56.16 24.80 5.03
N GLY B 137 -54.92 25.08 4.68
CA GLY B 137 -54.47 26.43 4.32
C GLY B 137 -53.93 27.28 5.44
N PHE B 138 -53.27 26.64 6.42
CA PHE B 138 -52.46 27.33 7.43
C PHE B 138 -53.21 28.12 8.52
N ASN B 139 -54.54 27.94 8.59
CA ASN B 139 -55.35 28.37 9.75
C ASN B 139 -54.57 28.37 11.07
N SER B 140 -54.04 29.52 11.47
CA SER B 140 -53.27 29.62 12.71
C SER B 140 -53.60 30.91 13.46
N ALA B 141 -53.29 30.89 14.74
CA ALA B 141 -53.66 31.95 15.67
C ALA B 141 -52.72 33.14 15.61
N GLY B 142 -51.52 32.93 15.05
CA GLY B 142 -50.47 33.96 14.95
C GLY B 142 -49.46 33.83 16.07
N LEU B 143 -48.23 34.30 15.82
CA LEU B 143 -47.16 34.22 16.82
C LEU B 143 -47.46 35.00 18.10
N ASP B 144 -48.36 35.98 18.05
CA ASP B 144 -48.84 36.70 19.25
C ASP B 144 -49.67 35.86 20.18
N VAL B 145 -50.50 34.99 19.62
CA VAL B 145 -51.39 34.12 20.40
C VAL B 145 -50.67 32.89 20.94
N VAL B 146 -49.68 32.41 20.17
CA VAL B 146 -49.03 31.10 20.39
C VAL B 146 -47.78 31.18 21.25
N GLU B 147 -47.03 32.27 21.12
CA GLU B 147 -45.88 32.51 22.01
C GLU B 147 -46.23 32.49 23.51
N PRO B 148 -47.34 33.13 23.94
CA PRO B 148 -47.66 33.11 25.37
C PRO B 148 -48.09 31.74 25.90
N ARG B 149 -48.73 30.94 25.05
CA ARG B 149 -49.06 29.56 25.39
C ARG B 149 -47.79 28.75 25.54
N LEU B 150 -46.92 28.83 24.52
CA LEU B 150 -45.62 28.15 24.53
C LEU B 150 -44.67 28.58 25.67
N GLU B 151 -44.88 29.76 26.26
CA GLU B 151 -44.24 30.07 27.53
C GLU B 151 -44.92 29.29 28.66
N LYS B 152 -46.25 29.29 28.69
CA LYS B 152 -46.99 28.53 29.71
C LYS B 152 -46.73 27.03 29.64
N VAL B 153 -46.36 26.53 28.45
CA VAL B 153 -45.89 25.16 28.30
C VAL B 153 -44.39 25.03 28.62
N SER B 154 -43.60 26.08 28.38
CA SER B 154 -42.21 26.14 28.84
C SER B 154 -42.08 26.10 30.38
N ARG B 155 -43.15 26.41 31.12
CA ARG B 155 -43.23 26.14 32.56
C ARG B 155 -44.19 24.95 32.82
N ASP B 156 -43.80 23.82 32.25
CA ASP B 156 -44.33 22.50 32.60
C ASP B 156 -43.30 21.77 33.43
N ARG B 157 -42.13 22.40 33.64
CA ARG B 157 -40.85 21.70 33.79
C ARG B 157 -40.90 20.69 34.92
N TRP B 158 -40.33 20.95 36.10
CA TRP B 158 -40.67 20.07 37.26
C TRP B 158 -42.07 20.42 37.73
N HIS B 159 -42.57 21.58 37.31
CA HIS B 159 -43.98 21.94 37.51
C HIS B 159 -45.00 20.89 37.04
N ASP B 160 -44.61 19.93 36.20
CA ASP B 160 -45.38 18.72 35.99
C ASP B 160 -44.54 17.48 36.27
N ARG B 161 -45.19 16.42 36.74
CA ARG B 161 -44.52 15.14 36.99
C ARG B 161 -44.54 14.20 35.76
N LEU B 162 -45.19 14.65 34.68
CA LEU B 162 -45.06 14.05 33.35
C LEU B 162 -44.37 15.07 32.41
N GLU B 163 -43.04 15.05 32.44
CA GLU B 163 -42.20 15.86 31.53
C GLU B 163 -40.96 15.14 30.98
N ARG B 164 -40.72 13.90 31.42
CA ARG B 164 -39.42 13.26 31.22
C ARG B 164 -39.36 12.90 29.75
N HIS B 165 -38.26 13.33 29.13
CA HIS B 165 -38.09 13.31 27.67
C HIS B 165 -39.36 13.83 26.93
N CYS B 166 -40.05 14.85 27.47
CA CYS B 166 -41.19 15.46 26.78
C CYS B 166 -40.58 16.39 25.75
N VAL B 167 -40.43 15.85 24.56
CA VAL B 167 -39.81 16.56 23.49
C VAL B 167 -40.92 17.36 22.83
N LEU B 168 -40.77 18.68 22.79
CA LEU B 168 -41.76 19.53 22.12
C LEU B 168 -41.18 20.05 20.82
N GLY B 169 -42.05 20.20 19.83
CA GLY B 169 -41.64 20.55 18.47
C GLY B 169 -42.38 21.78 18.01
N VAL B 170 -41.64 22.82 17.63
CA VAL B 170 -42.26 24.06 17.19
C VAL B 170 -42.15 24.16 15.68
N ASN B 171 -43.29 24.01 15.02
CA ASN B 171 -43.39 24.10 13.58
C ASN B 171 -43.72 25.53 13.17
N ILE B 172 -42.84 26.14 12.38
CA ILE B 172 -43.06 27.49 11.84
C ILE B 172 -43.12 27.46 10.31
N GLY B 173 -43.81 28.45 9.75
CA GLY B 173 -43.96 28.60 8.30
C GLY B 173 -44.12 30.06 7.96
N LYS B 174 -44.77 30.33 6.83
CA LYS B 174 -45.07 31.71 6.40
C LYS B 174 -46.55 31.93 6.09
N ASN B 175 -46.92 33.21 6.04
CA ASN B 175 -48.26 33.62 5.64
C ASN B 175 -48.43 33.44 4.14
N LYS B 176 -49.69 33.33 3.70
CA LYS B 176 -49.99 33.28 2.29
C LYS B 176 -49.55 34.55 1.59
N ASP B 177 -50.12 35.68 2.02
CA ASP B 177 -49.85 37.01 1.42
C ASP B 177 -48.53 37.67 1.92
N THR B 178 -47.39 37.05 1.55
CA THR B 178 -46.05 37.53 1.93
C THR B 178 -45.03 37.34 0.78
N VAL B 179 -43.93 38.09 0.87
CA VAL B 179 -42.95 38.21 -0.23
C VAL B 179 -41.75 37.26 -0.01
N ASN B 180 -40.63 37.76 0.51
CA ASN B 180 -39.48 36.92 0.81
C ASN B 180 -39.68 36.20 2.15
N ALA B 181 -40.20 34.97 2.07
CA ALA B 181 -40.41 34.08 3.23
C ALA B 181 -39.36 34.19 4.34
N GLU B 182 -38.11 34.42 3.96
CA GLU B 182 -37.03 34.81 4.89
C GLU B 182 -37.52 35.53 6.13
N ASP B 183 -38.36 36.56 5.95
CA ASP B 183 -38.96 37.30 7.06
C ASP B 183 -39.74 36.40 8.01
N ASP B 184 -40.78 35.75 7.49
CA ASP B 184 -41.70 34.98 8.34
C ASP B 184 -41.02 33.86 9.16
N ILE B 185 -40.03 33.21 8.55
CA ILE B 185 -39.28 32.18 9.25
C ILE B 185 -38.43 32.81 10.34
N ARG B 186 -37.87 33.97 10.08
CA ARG B 186 -37.12 34.68 11.11
C ARG B 186 -38.02 34.97 12.31
N GLU B 187 -39.13 35.68 12.09
CA GLU B 187 -40.04 36.08 13.17
C GLU B 187 -40.59 34.86 13.89
N GLY B 188 -40.84 33.81 13.11
CA GLY B 188 -41.02 32.47 13.63
C GLY B 188 -39.94 32.12 14.65
N VAL B 189 -38.69 32.00 14.20
CA VAL B 189 -37.59 31.54 15.06
C VAL B 189 -37.32 32.51 16.22
N LYS B 190 -37.52 33.81 16.00
CA LYS B 190 -37.26 34.84 17.03
C LYS B 190 -38.22 34.74 18.22
N ARG B 191 -39.53 34.79 17.96
CA ARG B 191 -40.50 34.73 19.06
C ARG B 191 -40.53 33.33 19.69
N VAL B 192 -41.12 32.37 18.97
CA VAL B 192 -41.47 31.07 19.53
C VAL B 192 -40.36 30.04 19.53
N GLY B 193 -39.25 30.33 18.88
CA GLY B 193 -38.22 29.33 18.64
C GLY B 193 -37.44 28.94 19.89
N ARG B 194 -36.98 29.96 20.59
CA ARG B 194 -36.31 29.83 21.90
C ARG B 194 -36.93 28.83 22.93
N PHE B 195 -38.19 28.44 22.73
CA PHE B 195 -38.90 27.48 23.58
C PHE B 195 -38.69 26.02 23.15
N ALA B 196 -38.47 25.80 21.85
CA ALA B 196 -38.57 24.46 21.28
C ALA B 196 -37.37 23.58 21.60
N ASP B 197 -37.61 22.29 21.81
CA ASP B 197 -36.55 21.30 21.80
C ASP B 197 -36.05 21.17 20.38
N TYR B 198 -36.96 21.31 19.42
CA TYR B 198 -36.57 21.45 18.03
C TYR B 198 -37.55 22.31 17.20
N LEU B 199 -36.97 23.18 16.36
CA LEU B 199 -37.69 23.98 15.38
C LEU B 199 -37.86 23.22 14.10
N VAL B 200 -39.00 23.41 13.46
CA VAL B 200 -39.25 22.81 12.17
C VAL B 200 -39.71 23.92 11.25
N ILE B 201 -39.05 24.01 10.10
CA ILE B 201 -39.38 24.97 9.07
C ILE B 201 -40.23 24.22 8.04
N ASN B 202 -41.53 24.50 8.02
CA ASN B 202 -42.40 23.89 7.03
C ASN B 202 -42.26 24.58 5.68
N LEU B 203 -41.77 23.80 4.71
CA LEU B 203 -41.66 24.21 3.32
C LEU B 203 -42.29 23.10 2.47
N SER B 204 -43.52 22.69 2.81
CA SER B 204 -44.11 21.45 2.26
C SER B 204 -45.59 21.53 1.89
N SER B 205 -46.40 22.07 2.79
CA SER B 205 -47.84 22.24 2.60
C SER B 205 -48.25 22.43 1.14
N PRO B 206 -48.93 21.41 0.57
CA PRO B 206 -49.43 21.52 -0.80
C PRO B 206 -50.67 22.41 -0.98
N ASN B 207 -51.16 22.98 0.11
CA ASN B 207 -52.33 23.84 0.09
C ASN B 207 -51.96 25.32 0.02
N THR B 208 -50.79 25.69 0.56
CA THR B 208 -50.35 27.08 0.59
C THR B 208 -49.74 27.47 -0.74
N LYS B 209 -50.05 28.69 -1.19
CA LYS B 209 -49.68 29.16 -2.54
C LYS B 209 -48.17 29.33 -2.73
N GLY B 210 -47.56 28.36 -3.44
CA GLY B 210 -46.14 28.38 -3.78
C GLY B 210 -45.20 28.33 -2.59
N LEU B 211 -45.60 27.60 -1.56
CA LEU B 211 -44.79 27.43 -0.34
C LEU B 211 -43.82 26.27 -0.53
N ARG B 212 -44.34 25.15 -1.04
CA ARG B 212 -43.57 23.93 -1.27
C ARG B 212 -42.46 24.07 -2.34
N THR B 213 -42.49 25.14 -3.14
CA THR B 213 -41.41 25.43 -4.10
C THR B 213 -40.27 26.27 -3.48
N LEU B 214 -39.94 25.98 -2.21
CA LEU B 214 -38.74 26.51 -1.55
C LEU B 214 -37.75 25.38 -1.23
N GLN B 215 -37.96 24.21 -1.84
CA GLN B 215 -37.11 23.04 -1.67
C GLN B 215 -36.15 22.89 -2.86
N GLN B 216 -36.06 23.95 -3.67
CA GLN B 216 -35.01 24.10 -4.67
C GLN B 216 -33.75 24.54 -3.92
N ARG B 217 -32.58 24.33 -4.53
CA ARG B 217 -31.31 24.46 -3.80
C ARG B 217 -31.12 25.86 -3.23
N ASP B 218 -31.28 26.87 -4.09
CA ASP B 218 -30.90 28.25 -3.74
C ASP B 218 -31.76 28.89 -2.65
N HIS B 219 -33.05 28.57 -2.62
CA HIS B 219 -33.98 29.14 -1.66
C HIS B 219 -33.85 28.41 -0.32
N LEU B 220 -34.03 27.09 -0.35
CA LEU B 220 -33.87 26.21 0.81
C LEU B 220 -32.66 26.60 1.67
N ARG B 221 -31.51 26.65 1.01
CA ARG B 221 -30.25 27.10 1.60
C ARG B 221 -30.43 28.43 2.32
N SER B 222 -30.95 29.41 1.57
CA SER B 222 -31.16 30.75 2.10
C SER B 222 -32.01 30.76 3.37
N ILE B 223 -33.11 30.00 3.36
CA ILE B 223 -34.01 29.90 4.53
C ILE B 223 -33.27 29.32 5.72
N ILE B 224 -32.54 28.24 5.49
CA ILE B 224 -31.89 27.54 6.58
C ILE B 224 -30.87 28.46 7.26
N THR B 225 -30.04 29.14 6.46
CA THR B 225 -29.13 30.18 6.99
C THR B 225 -29.90 31.24 7.78
N ALA B 226 -31.00 31.72 7.21
CA ALA B 226 -31.85 32.74 7.84
C ALA B 226 -32.31 32.31 9.23
N ALA B 227 -32.85 31.09 9.31
CA ALA B 227 -33.31 30.54 10.58
C ALA B 227 -32.13 30.38 11.55
N GLN B 228 -31.05 29.79 11.06
CA GLN B 228 -29.84 29.63 11.86
C GLN B 228 -29.29 30.99 12.33
N SER B 229 -29.51 32.03 11.53
CA SER B 229 -29.17 33.40 11.91
C SER B 229 -29.86 33.78 13.21
N GLU B 230 -31.15 33.52 13.26
CA GLU B 230 -31.94 33.82 14.44
C GLU B 230 -31.68 32.82 15.56
N LEU B 231 -31.31 31.58 15.22
CA LEU B 231 -30.80 30.63 16.23
C LEU B 231 -29.59 31.20 16.94
N GLU B 232 -28.57 31.57 16.16
CA GLU B 232 -27.28 31.97 16.73
C GLU B 232 -27.36 33.19 17.66
N LYS B 233 -28.49 33.89 17.68
CA LYS B 233 -28.86 34.76 18.80
C LYS B 233 -29.20 33.92 20.04
N LEU B 234 -28.19 33.63 20.85
CA LEU B 234 -28.38 33.10 22.20
C LEU B 234 -27.89 34.16 23.19
N GLU B 235 -28.80 34.60 24.07
CA GLU B 235 -28.46 35.52 25.15
C GLU B 235 -28.02 34.71 26.35
N GLU B 236 -27.39 35.37 27.32
CA GLU B 236 -26.85 34.68 28.49
C GLU B 236 -26.54 35.59 29.68
N ARG B 237 -26.53 34.96 30.85
CA ARG B 237 -26.43 35.62 32.15
C ARG B 237 -24.94 35.88 32.53
N SER B 238 -24.72 36.39 33.75
CA SER B 238 -23.40 36.47 34.38
C SER B 238 -22.47 37.47 33.67
N VAL B 262 -31.93 22.89 41.37
CA VAL B 262 -32.84 21.76 41.24
C VAL B 262 -33.64 21.84 39.92
N THR B 263 -34.02 20.67 39.42
CA THR B 263 -34.88 20.48 38.22
C THR B 263 -35.98 21.52 37.90
N ARG B 264 -36.70 21.95 38.94
CA ARG B 264 -37.76 22.98 38.82
C ARG B 264 -37.28 24.31 38.22
N LYS B 265 -36.03 24.67 38.50
CA LYS B 265 -35.42 25.91 38.00
C LYS B 265 -35.18 25.94 36.49
N ALA B 266 -35.39 24.79 35.84
CA ALA B 266 -35.32 24.69 34.38
C ALA B 266 -36.42 25.48 33.65
N GLU B 267 -37.35 26.10 34.39
CA GLU B 267 -38.27 27.12 33.86
C GLU B 267 -37.56 28.26 33.11
N GLN B 268 -36.39 28.70 33.61
CA GLN B 268 -35.57 29.74 32.96
C GLN B 268 -34.31 29.11 32.36
N PHE B 269 -33.32 29.96 32.06
CA PHE B 269 -32.48 29.83 30.86
C PHE B 269 -33.43 30.16 29.68
N PHE B 270 -33.14 29.62 28.50
CA PHE B 270 -34.12 29.48 27.45
C PHE B 270 -34.57 28.01 27.45
N PRO B 271 -35.72 27.72 28.09
CA PRO B 271 -36.04 26.44 28.72
C PRO B 271 -36.57 25.37 27.79
N THR B 272 -35.63 24.67 27.15
CA THR B 272 -35.96 23.40 26.53
C THR B 272 -35.59 22.37 27.62
N GLN B 273 -35.25 21.14 27.23
CA GLN B 273 -34.61 20.24 28.18
C GLN B 273 -33.09 20.39 28.13
N THR B 274 -32.58 21.19 27.20
CA THR B 274 -31.13 21.38 27.04
C THR B 274 -30.77 22.81 26.59
N GLY B 275 -30.88 23.76 27.54
CA GLY B 275 -30.54 25.17 27.34
C GLY B 275 -30.35 25.65 25.89
N LYS B 276 -31.43 26.17 25.30
CA LYS B 276 -31.43 26.80 23.95
C LYS B 276 -30.95 25.91 22.77
N ARG B 277 -30.78 26.54 21.60
CA ARG B 277 -30.46 25.89 20.32
C ARG B 277 -31.35 24.67 20.06
N PRO B 278 -32.64 24.93 19.76
CA PRO B 278 -33.47 23.87 19.18
C PRO B 278 -32.77 23.23 17.99
N LEU B 279 -32.93 21.93 17.85
CA LEU B 279 -32.41 21.22 16.69
C LEU B 279 -33.17 21.74 15.48
N LEU B 280 -32.52 22.47 14.59
CA LEU B 280 -33.23 23.03 13.44
C LEU B 280 -33.61 21.91 12.46
N PHE B 281 -34.85 21.94 11.99
CA PHE B 281 -35.31 20.98 11.00
C PHE B 281 -35.96 21.70 9.85
N VAL B 282 -36.19 20.95 8.78
CA VAL B 282 -37.08 21.35 7.68
C VAL B 282 -37.97 20.16 7.33
N LYS B 283 -39.27 20.31 7.54
CA LYS B 283 -40.23 19.34 7.03
C LYS B 283 -40.22 19.54 5.54
N ILE B 284 -40.03 18.45 4.81
CA ILE B 284 -40.00 18.49 3.36
C ILE B 284 -41.22 17.75 2.83
N ALA B 285 -41.43 17.79 1.53
CA ALA B 285 -42.55 17.11 0.87
C ALA B 285 -42.09 15.76 0.29
N PRO B 286 -43.04 14.87 -0.08
CA PRO B 286 -42.68 13.58 -0.72
C PRO B 286 -42.72 13.58 -2.26
N ASP B 287 -43.36 14.58 -2.87
CA ASP B 287 -43.63 14.59 -4.31
C ASP B 287 -42.47 15.23 -5.05
N LEU B 288 -41.26 14.70 -4.87
CA LEU B 288 -40.03 15.35 -5.33
C LEU B 288 -39.27 14.51 -6.33
N THR B 289 -38.63 15.16 -7.29
CA THR B 289 -37.72 14.50 -8.20
C THR B 289 -36.50 14.01 -7.41
N ASP B 290 -35.86 12.97 -7.93
CA ASP B 290 -34.68 12.37 -7.28
C ASP B 290 -33.44 13.26 -7.47
N GLU B 291 -33.52 14.19 -8.43
CA GLU B 291 -32.66 15.37 -8.51
C GLU B 291 -32.76 16.20 -7.22
N GLU B 292 -33.98 16.67 -6.94
CA GLU B 292 -34.25 17.57 -5.79
C GLU B 292 -33.98 16.94 -4.42
N LYS B 293 -34.09 15.62 -4.32
CA LYS B 293 -33.86 14.94 -3.04
C LYS B 293 -32.39 14.96 -2.67
N ARG B 294 -31.51 14.75 -3.66
CA ARG B 294 -30.08 15.03 -3.48
C ARG B 294 -29.90 16.51 -3.17
N ASP B 295 -30.54 17.35 -3.97
CA ASP B 295 -30.48 18.80 -3.84
C ASP B 295 -30.73 19.31 -2.41
N ILE B 296 -31.79 18.81 -1.79
CA ILE B 296 -32.15 19.17 -0.40
C ILE B 296 -31.14 18.57 0.56
N ALA B 297 -30.87 17.27 0.40
CA ALA B 297 -29.89 16.56 1.22
C ALA B 297 -28.50 17.18 1.13
N ASP B 298 -28.11 17.67 -0.05
CA ASP B 298 -26.84 18.39 -0.24
C ASP B 298 -26.83 19.65 0.61
N VAL B 299 -27.87 20.46 0.47
CA VAL B 299 -28.03 21.72 1.23
C VAL B 299 -28.17 21.44 2.73
N ALA B 300 -28.80 20.32 3.09
CA ALA B 300 -28.87 19.87 4.49
C ALA B 300 -27.47 19.73 5.11
N LEU B 301 -26.55 19.09 4.37
CA LEU B 301 -25.17 18.91 4.82
C LEU B 301 -24.38 20.22 4.74
N GLU B 302 -24.52 20.94 3.63
CA GLU B 302 -23.76 22.18 3.41
C GLU B 302 -24.12 23.31 4.39
N THR B 303 -25.26 23.20 5.08
CA THR B 303 -25.70 24.19 6.08
C THR B 303 -25.58 23.72 7.53
N GLY B 304 -25.22 22.45 7.75
CA GLY B 304 -25.19 21.86 9.09
C GLY B 304 -26.57 21.61 9.68
N LEU B 305 -27.52 21.28 8.82
CA LEU B 305 -28.91 21.09 9.23
C LEU B 305 -29.01 19.84 10.09
N ASP B 306 -29.66 19.97 11.24
CA ASP B 306 -29.72 18.92 12.26
C ASP B 306 -30.62 17.79 11.81
N GLY B 307 -31.66 18.14 11.07
CA GLY B 307 -32.57 17.13 10.57
C GLY B 307 -33.63 17.57 9.59
N LEU B 308 -34.25 16.55 8.98
CA LEU B 308 -35.33 16.73 8.03
C LEU B 308 -36.52 15.94 8.52
N ILE B 309 -37.66 16.60 8.70
CA ILE B 309 -38.90 15.89 9.02
C ILE B 309 -39.39 15.49 7.65
N VAL B 310 -39.61 14.20 7.46
CA VAL B 310 -39.95 13.73 6.13
C VAL B 310 -41.18 13.95 5.31
N THR B 311 -42.24 13.15 5.46
CA THR B 311 -43.34 13.23 4.51
C THR B 311 -43.93 14.62 4.33
N ASN B 312 -44.83 15.04 5.23
CA ASN B 312 -45.88 16.00 4.90
C ASN B 312 -46.77 15.41 3.79
N THR B 313 -48.01 15.85 3.72
CA THR B 313 -48.99 15.23 2.82
C THR B 313 -48.63 15.30 1.32
N THR B 314 -49.24 14.39 0.55
CA THR B 314 -48.98 14.25 -0.89
C THR B 314 -50.09 14.84 -1.75
N ILE B 315 -49.70 15.57 -2.79
CA ILE B 315 -50.65 16.03 -3.81
C ILE B 315 -51.18 14.86 -4.62
N GLN B 316 -50.41 13.79 -4.70
CA GLN B 316 -50.72 12.65 -5.57
C GLN B 316 -51.89 11.84 -5.05
N ARG B 317 -52.50 11.09 -5.97
CA ARG B 317 -53.53 10.14 -5.63
C ARG B 317 -53.14 8.82 -6.24
N PRO B 318 -53.06 7.74 -5.43
CA PRO B 318 -52.96 6.41 -6.03
C PRO B 318 -54.12 6.04 -6.96
N GLU B 319 -53.87 5.01 -7.74
CA GLU B 319 -54.84 4.48 -8.70
C GLU B 319 -55.73 3.52 -7.92
N SER B 320 -55.11 2.76 -7.02
CA SER B 320 -55.83 1.94 -6.06
C SER B 320 -56.29 2.73 -4.82
N LEU B 321 -56.47 4.05 -4.93
CA LEU B 321 -57.32 4.79 -3.98
C LEU B 321 -58.74 4.45 -4.36
N ARG B 322 -59.63 4.49 -3.38
CA ARG B 322 -60.92 3.83 -3.48
C ARG B 322 -62.11 4.65 -3.01
N SER B 323 -62.04 5.28 -1.84
CA SER B 323 -63.13 6.16 -1.38
C SER B 323 -63.40 7.21 -2.46
N GLU B 324 -64.66 7.40 -2.86
CA GLU B 324 -65.00 8.34 -3.96
C GLU B 324 -64.69 9.83 -3.65
N SER B 325 -64.45 10.14 -2.37
CA SER B 325 -63.89 11.44 -1.98
C SER B 325 -62.50 11.75 -2.57
N LYS B 326 -61.71 10.71 -2.87
CA LYS B 326 -60.35 10.80 -3.48
C LYS B 326 -60.07 12.01 -4.36
N HIS B 327 -61.04 12.37 -5.19
CA HIS B 327 -60.92 13.46 -6.15
C HIS B 327 -60.78 14.85 -5.51
N GLU B 328 -61.16 15.01 -4.25
CA GLU B 328 -61.04 16.29 -3.55
C GLU B 328 -59.59 16.79 -3.48
N THR B 329 -59.40 18.07 -3.81
CA THR B 329 -58.08 18.70 -3.68
C THR B 329 -57.73 18.86 -2.21
N GLY B 330 -56.43 18.89 -1.93
CA GLY B 330 -55.89 18.87 -0.57
C GLY B 330 -54.72 17.91 -0.48
N GLY B 331 -54.09 17.85 0.69
CA GLY B 331 -53.00 16.93 0.95
C GLY B 331 -53.50 15.56 1.38
N LEU B 332 -53.21 14.53 0.61
CA LEU B 332 -53.54 13.16 0.99
C LEU B 332 -52.59 12.66 2.09
N SER B 333 -53.14 11.89 3.03
CA SER B 333 -52.38 11.35 4.15
C SER B 333 -52.88 9.96 4.50
N GLY B 334 -52.21 9.31 5.45
CA GLY B 334 -52.61 7.99 5.94
C GLY B 334 -51.99 6.83 5.18
N ARG B 335 -52.71 5.72 5.13
CA ARG B 335 -52.21 4.47 4.54
C ARG B 335 -51.59 4.60 3.14
N PRO B 336 -52.12 5.49 2.29
CA PRO B 336 -51.49 5.69 0.98
C PRO B 336 -50.04 6.25 0.97
N LEU B 337 -49.65 6.98 2.00
CA LEU B 337 -48.27 7.52 2.08
C LEU B 337 -47.18 6.46 2.28
N LYS B 338 -47.54 5.28 2.79
CA LYS B 338 -46.61 4.14 2.92
C LYS B 338 -45.58 4.08 1.80
N ALA B 339 -46.09 4.02 0.58
CA ALA B 339 -45.29 3.87 -0.64
C ALA B 339 -44.10 4.84 -0.73
N MET B 340 -44.38 6.10 -0.41
CA MET B 340 -43.50 7.20 -0.75
C MET B 340 -42.58 7.56 0.41
N SER B 341 -43.18 7.73 1.60
CA SER B 341 -42.46 8.07 2.83
C SER B 341 -41.14 7.34 2.89
N THR B 342 -41.25 6.02 2.89
CA THR B 342 -40.15 5.14 3.24
C THR B 342 -38.95 5.34 2.32
N LYS B 343 -39.23 5.42 1.02
CA LYS B 343 -38.17 5.69 0.03
C LYS B 343 -37.50 6.99 0.41
N CYS B 344 -38.30 8.04 0.57
CA CYS B 344 -37.79 9.37 0.92
C CYS B 344 -37.08 9.44 2.29
N VAL B 345 -37.52 8.63 3.26
CA VAL B 345 -36.80 8.47 4.54
C VAL B 345 -35.47 7.76 4.26
N SER B 346 -35.54 6.67 3.49
CA SER B 346 -34.34 5.89 3.15
C SER B 346 -33.36 6.75 2.33
N ASP B 347 -33.90 7.53 1.39
CA ASP B 347 -33.07 8.31 0.47
C ASP B 347 -32.32 9.47 1.12
N MET B 348 -32.96 10.18 2.05
CA MET B 348 -32.24 11.21 2.81
C MET B 348 -31.21 10.61 3.76
N TYR B 349 -31.42 9.36 4.19
CA TYR B 349 -30.38 8.64 4.93
C TYR B 349 -29.13 8.39 4.08
N LYS B 350 -29.32 7.82 2.89
CA LYS B 350 -28.22 7.63 1.93
C LYS B 350 -27.62 9.00 1.57
N MET B 351 -28.46 9.91 1.11
CA MET B 351 -28.01 11.22 0.63
C MET B 351 -27.49 12.16 1.73
N THR B 352 -27.44 11.70 2.98
CA THR B 352 -26.76 12.45 4.05
C THR B 352 -25.84 11.60 4.95
N ASN B 353 -25.45 10.40 4.50
CA ASN B 353 -24.66 9.44 5.32
C ASN B 353 -25.31 9.01 6.66
N GLY B 354 -26.58 9.39 6.86
CA GLY B 354 -27.21 9.42 8.18
C GLY B 354 -26.97 10.67 9.01
N GLN B 355 -26.07 11.55 8.59
CA GLN B 355 -25.66 12.71 9.39
C GLN B 355 -26.79 13.68 9.69
N VAL B 356 -27.73 13.82 8.76
CA VAL B 356 -28.91 14.65 8.98
C VAL B 356 -30.01 13.72 9.53
N ALA B 357 -30.59 14.12 10.66
CA ALA B 357 -31.60 13.32 11.38
C ALA B 357 -32.93 13.30 10.63
N ILE B 358 -33.63 12.16 10.69
CA ILE B 358 -34.94 12.04 10.04
C ILE B 358 -35.99 11.67 11.09
N ILE B 359 -37.04 12.48 11.16
CA ILE B 359 -38.23 12.17 11.95
C ILE B 359 -39.34 12.02 10.92
N ALA B 360 -39.69 10.80 10.58
CA ALA B 360 -40.68 10.57 9.53
C ALA B 360 -42.10 10.67 10.07
N SER B 361 -43.00 11.12 9.20
CA SER B 361 -44.44 10.88 9.36
C SER B 361 -44.83 10.09 8.12
N GLY B 362 -46.08 9.64 8.05
CA GLY B 362 -46.57 8.98 6.83
C GLY B 362 -47.35 7.69 7.07
N GLY B 363 -48.65 7.87 7.32
CA GLY B 363 -49.60 6.82 7.66
C GLY B 363 -49.28 5.82 8.76
N ILE B 364 -48.29 6.07 9.60
CA ILE B 364 -47.70 5.00 10.41
C ILE B 364 -48.55 4.54 11.59
N GLU B 365 -49.72 4.02 11.26
CA GLU B 365 -50.47 3.13 12.13
C GLU B 365 -49.61 1.86 12.29
N THR B 366 -49.54 1.33 13.52
CA THR B 366 -48.74 0.14 13.91
C THR B 366 -47.23 0.39 14.16
N GLY B 367 -46.69 -0.42 15.07
CA GLY B 367 -45.27 -0.40 15.38
C GLY B 367 -44.43 -1.10 14.33
N LEU B 368 -45.07 -1.93 13.52
CA LEU B 368 -44.42 -2.51 12.35
C LEU B 368 -43.99 -1.40 11.42
N ASP B 369 -44.96 -0.60 10.96
CA ASP B 369 -44.67 0.48 10.00
C ASP B 369 -43.60 1.37 10.54
N ALA B 370 -43.65 1.61 11.85
CA ALA B 370 -42.59 2.32 12.55
C ALA B 370 -41.26 1.58 12.45
N TYR B 371 -41.24 0.32 12.85
CA TYR B 371 -40.04 -0.49 12.79
C TYR B 371 -39.39 -0.46 11.40
N LYS B 372 -40.20 -0.69 10.36
CA LYS B 372 -39.72 -0.65 8.96
C LYS B 372 -39.20 0.74 8.59
N ARG B 373 -39.85 1.77 9.11
CA ARG B 373 -39.44 3.15 8.87
C ARG B 373 -38.12 3.46 9.56
N ILE B 374 -38.01 3.03 10.82
CA ILE B 374 -36.80 3.25 11.61
C ILE B 374 -35.61 2.59 10.91
N ARG B 375 -35.81 1.37 10.40
CA ARG B 375 -34.82 0.68 9.56
C ARG B 375 -34.32 1.48 8.35
N ALA B 376 -35.15 2.35 7.80
CA ALA B 376 -34.79 3.20 6.65
C ALA B 376 -33.89 4.41 6.98
N GLY B 377 -33.93 4.87 8.23
CA GLY B 377 -33.22 6.10 8.64
C GLY B 377 -33.98 7.02 9.59
N ALA B 378 -35.29 6.80 9.73
CA ALA B 378 -36.13 7.56 10.66
C ALA B 378 -35.82 7.17 12.10
N SER B 379 -35.04 8.02 12.80
CA SER B 379 -34.80 7.81 14.24
C SER B 379 -36.07 8.03 15.10
N ALA B 380 -37.06 8.74 14.55
CA ALA B 380 -38.36 8.94 15.20
C ALA B 380 -39.51 8.88 14.19
N VAL B 381 -40.73 8.73 14.72
CA VAL B 381 -41.93 8.56 13.90
C VAL B 381 -43.12 9.39 14.39
N GLU B 382 -43.77 10.03 13.43
CA GLU B 382 -44.83 11.01 13.69
C GLU B 382 -46.21 10.54 13.17
N VAL B 383 -47.19 10.52 14.08
CA VAL B 383 -48.53 10.02 13.80
C VAL B 383 -49.51 11.19 13.58
N TYR B 384 -50.61 10.94 12.85
CA TYR B 384 -51.71 11.93 12.73
C TYR B 384 -53.04 11.27 12.35
N THR B 385 -53.07 10.65 11.17
CA THR B 385 -54.28 10.04 10.63
C THR B 385 -54.66 8.85 11.47
N SER B 386 -53.69 7.97 11.67
CA SER B 386 -53.84 6.77 12.48
C SER B 386 -54.70 6.98 13.73
N MET B 387 -54.51 8.12 14.39
CA MET B 387 -55.25 8.46 15.60
C MET B 387 -56.77 8.65 15.41
N ILE B 388 -57.23 8.74 14.16
CA ILE B 388 -58.67 8.75 13.84
C ILE B 388 -59.22 7.33 13.85
N TYR B 389 -58.54 6.45 13.13
CA TYR B 389 -59.00 5.11 12.88
C TYR B 389 -58.56 4.13 13.97
N ARG B 390 -57.47 4.47 14.66
CA ARG B 390 -57.01 3.69 15.79
C ARG B 390 -57.48 4.32 17.12
N GLY B 391 -58.01 5.54 17.07
CA GLY B 391 -58.53 6.20 18.26
C GLY B 391 -57.40 6.79 19.10
N PRO B 392 -57.69 7.12 20.38
CA PRO B 392 -56.74 7.89 21.16
C PRO B 392 -55.58 7.04 21.66
N ILE B 393 -55.87 5.91 22.33
CA ILE B 393 -54.83 5.05 22.85
C ILE B 393 -54.26 4.28 21.65
N VAL B 394 -53.46 5.03 20.89
CA VAL B 394 -52.69 4.56 19.74
C VAL B 394 -51.21 4.71 20.05
N ALA B 395 -50.85 5.80 20.72
CA ALA B 395 -49.54 5.99 21.31
C ALA B 395 -49.06 4.72 21.98
N ARG B 396 -49.86 4.22 22.93
CA ARG B 396 -49.50 3.00 23.67
C ARG B 396 -49.25 1.80 22.76
N ARG B 397 -50.09 1.64 21.73
CA ARG B 397 -49.99 0.49 20.83
C ARG B 397 -48.76 0.57 19.91
N VAL B 398 -48.51 1.73 19.30
CA VAL B 398 -47.34 1.87 18.41
C VAL B 398 -46.02 1.80 19.19
N LYS B 399 -46.06 2.09 20.50
CA LYS B 399 -44.92 1.82 21.39
C LYS B 399 -44.76 0.32 21.65
N ASP B 400 -45.86 -0.35 21.94
CA ASP B 400 -45.85 -1.75 22.35
C ASP B 400 -45.67 -2.72 21.20
N GLU B 401 -46.35 -2.47 20.08
CA GLU B 401 -46.13 -3.23 18.85
C GLU B 401 -44.64 -3.22 18.49
N LEU B 402 -44.09 -2.00 18.36
CA LEU B 402 -42.67 -1.77 18.03
C LEU B 402 -41.67 -2.45 18.99
N LEU B 403 -42.02 -2.59 20.27
CA LEU B 403 -41.17 -3.30 21.23
C LEU B 403 -41.12 -4.80 20.91
N ASN B 404 -42.28 -5.42 20.69
CA ASN B 404 -42.33 -6.86 20.40
C ASN B 404 -41.87 -7.27 19.00
N ILE B 405 -41.61 -6.30 18.11
CA ILE B 405 -40.99 -6.57 16.82
C ILE B 405 -39.48 -6.51 16.95
N LEU B 406 -39.01 -5.45 17.58
CA LEU B 406 -37.60 -5.29 17.95
C LEU B 406 -37.09 -6.49 18.78
N ASN B 407 -37.93 -7.07 19.63
CA ASN B 407 -37.61 -8.31 20.34
C ASN B 407 -37.51 -9.52 19.42
N GLN B 408 -38.52 -9.67 18.56
CA GLN B 408 -38.59 -10.78 17.60
C GLN B 408 -37.60 -10.64 16.42
N ALA B 409 -36.60 -9.75 16.53
CA ALA B 409 -35.44 -9.72 15.64
C ALA B 409 -34.07 -9.76 16.36
N GLY B 410 -34.07 -9.94 17.68
CA GLY B 410 -32.83 -9.92 18.47
C GLY B 410 -32.27 -8.53 18.76
N ILE B 411 -32.88 -7.48 18.21
CA ILE B 411 -32.39 -6.12 18.30
C ILE B 411 -33.26 -5.44 19.35
N TYR B 412 -33.12 -5.84 20.60
CA TYR B 412 -34.01 -5.42 21.65
C TYR B 412 -34.17 -3.95 21.90
N ASN B 413 -33.21 -3.15 21.48
CA ASN B 413 -33.30 -1.72 21.71
C ASN B 413 -33.48 -0.96 20.40
N VAL B 414 -34.24 0.12 20.44
CA VAL B 414 -34.51 0.95 19.26
C VAL B 414 -33.34 1.69 18.64
N GLN B 415 -32.44 2.19 19.46
CA GLN B 415 -31.33 2.95 18.93
C GLN B 415 -30.50 2.09 18.02
N ASP B 416 -30.35 0.84 18.37
CA ASP B 416 -29.59 -0.08 17.55
C ASP B 416 -30.24 -0.25 16.17
N ALA B 417 -31.56 -0.28 16.13
CA ALA B 417 -32.36 -0.47 14.93
C ALA B 417 -32.28 0.56 13.86
N ILE B 418 -32.08 1.81 14.25
CA ILE B 418 -32.07 2.92 13.29
C ILE B 418 -31.09 2.86 12.14
N GLY B 419 -31.55 3.28 10.99
CA GLY B 419 -30.71 3.32 9.78
C GLY B 419 -29.93 2.03 9.62
N LEU B 420 -30.61 0.91 9.78
CA LEU B 420 -29.97 -0.40 9.73
C LEU B 420 -29.63 -0.77 8.29
N ASP B 421 -30.62 -0.67 7.41
CA ASP B 421 -30.47 -1.15 6.04
C ASP B 421 -29.49 -0.40 5.15
N HIS B 422 -28.92 0.71 5.64
CA HIS B 422 -27.74 1.32 5.02
C HIS B 422 -26.72 1.59 6.13
N ARG B 423 -25.44 1.30 5.87
CA ARG B 423 -24.42 1.44 6.91
C ARG B 423 -23.03 1.82 6.35
N PRO B 424 -22.65 3.12 6.44
CA PRO B 424 -21.30 3.59 6.08
C PRO B 424 -20.17 2.93 6.87
N LEU C 26 39.01 17.32 6.30
CA LEU C 26 39.89 18.01 7.29
C LEU C 26 40.22 17.16 8.54
N LEU C 27 39.35 16.20 8.89
CA LEU C 27 39.62 15.24 9.98
C LEU C 27 38.92 13.89 9.74
N GLU C 28 39.09 13.33 8.54
CA GLU C 28 38.37 12.12 8.10
C GLU C 28 39.30 10.86 8.14
N VAL C 29 39.47 10.13 7.03
CA VAL C 29 40.16 8.82 7.03
C VAL C 29 41.59 8.88 6.44
N VAL C 30 42.26 10.04 6.57
CA VAL C 30 43.66 10.18 6.11
C VAL C 30 44.64 9.41 7.02
N TYR C 31 44.29 9.28 8.30
CA TYR C 31 44.95 8.37 9.23
C TYR C 31 44.58 6.92 8.90
N GLY C 32 43.28 6.68 8.74
CA GLY C 32 42.72 5.35 8.44
C GLY C 32 43.25 4.73 7.16
N LEU C 33 43.54 5.57 6.16
CA LEU C 33 44.45 5.21 5.07
C LEU C 33 45.87 5.57 5.55
N LEU C 34 46.35 4.79 6.51
CA LEU C 34 47.73 4.88 7.04
C LEU C 34 48.84 4.83 5.96
N PRO C 35 48.69 3.97 4.92
CA PRO C 35 47.71 2.90 4.70
C PRO C 35 48.22 1.44 4.64
N GLU C 36 49.52 1.24 4.40
CA GLU C 36 50.07 -0.03 3.91
C GLU C 36 49.53 -0.31 2.50
N ASN C 37 49.86 0.60 1.58
CA ASN C 37 49.30 0.69 0.23
C ASN C 37 47.76 0.95 0.18
N PHE C 38 46.94 -0.09 -0.01
CA PHE C 38 45.47 0.07 0.03
C PHE C 38 44.71 -1.25 0.09
N PRO C 39 43.45 -1.23 0.58
CA PRO C 39 42.62 -2.44 0.64
C PRO C 39 41.96 -2.80 -0.71
N ASP C 40 42.62 -2.51 -1.82
CA ASP C 40 42.04 -2.43 -3.17
C ASP C 40 40.84 -1.48 -3.31
N PRO C 41 40.83 -0.67 -4.38
CA PRO C 41 39.66 0.15 -4.68
C PRO C 41 38.52 -0.59 -5.41
N GLU C 42 38.86 -1.41 -6.40
CA GLU C 42 37.86 -2.09 -7.25
C GLU C 42 36.94 -3.01 -6.43
N LEU C 43 37.53 -3.77 -5.51
CA LEU C 43 36.78 -4.72 -4.71
C LEU C 43 35.92 -4.03 -3.67
N ALA C 44 36.42 -2.96 -3.08
CA ALA C 44 35.65 -2.17 -2.13
C ALA C 44 34.44 -1.52 -2.78
N HIS C 45 34.61 -1.05 -4.02
CA HIS C 45 33.49 -0.55 -4.82
C HIS C 45 32.42 -1.63 -5.02
N ASP C 46 32.85 -2.84 -5.36
CA ASP C 46 31.95 -3.99 -5.46
C ASP C 46 31.28 -4.29 -4.12
N MET C 47 32.10 -4.44 -3.07
CA MET C 47 31.60 -4.62 -1.71
C MET C 47 30.51 -3.60 -1.44
N VAL C 48 30.78 -2.34 -1.78
CA VAL C 48 29.80 -1.27 -1.63
C VAL C 48 28.56 -1.50 -2.49
N MET C 49 28.75 -1.92 -3.75
CA MET C 49 27.60 -2.22 -4.62
C MET C 49 26.76 -3.40 -4.12
N TRP C 50 27.41 -4.44 -3.62
CA TRP C 50 26.71 -5.58 -3.01
C TRP C 50 25.86 -5.13 -1.82
N LEU C 51 26.46 -4.35 -0.92
CA LEU C 51 25.72 -3.79 0.22
C LEU C 51 24.53 -2.95 -0.26
N ALA C 52 24.76 -2.09 -1.24
CA ALA C 52 23.68 -1.25 -1.80
C ALA C 52 22.61 -2.05 -2.56
N ALA C 53 23.01 -3.15 -3.19
CA ALA C 53 22.09 -4.02 -3.94
C ALA C 53 21.15 -4.79 -3.02
N LYS C 54 21.71 -5.43 -2.01
CA LYS C 54 20.93 -6.13 -0.97
C LYS C 54 20.26 -5.11 -0.04
N GLY C 55 20.76 -3.87 -0.04
CA GLY C 55 20.03 -2.72 0.50
C GLY C 55 20.60 -2.11 1.76
N TYR C 56 21.58 -2.76 2.37
CA TYR C 56 22.08 -2.36 3.70
C TYR C 56 23.02 -1.15 3.60
N LEU C 57 22.45 0.00 3.22
CA LEU C 57 23.17 1.26 3.12
C LEU C 57 22.72 2.18 4.24
N PRO C 58 23.56 3.17 4.61
CA PRO C 58 23.06 4.28 5.41
C PRO C 58 22.05 5.16 4.64
N TYR C 59 20.88 5.37 5.24
CA TYR C 59 19.88 6.30 4.72
C TYR C 59 20.13 7.66 5.37
N ASP C 60 20.17 8.71 4.56
CA ASP C 60 20.56 10.05 5.01
C ASP C 60 19.56 10.62 6.02
N LEU C 61 20.06 11.39 7.00
CA LEU C 61 19.22 12.03 8.06
C LEU C 61 18.34 13.12 7.42
N GLU C 62 17.06 12.81 7.34
CA GLU C 62 16.23 13.17 6.18
C GLU C 62 16.02 14.66 5.87
N ARG C 63 16.43 15.55 6.78
CA ARG C 63 16.27 16.99 6.58
C ARG C 63 17.00 17.55 5.34
N ASP C 64 16.35 17.44 4.18
CA ASP C 64 16.78 18.09 2.92
C ASP C 64 16.19 19.48 2.91
N ASP C 65 17.03 20.50 2.81
CA ASP C 65 16.56 21.88 2.91
C ASP C 65 15.83 22.29 1.63
N PRO C 66 14.80 23.15 1.76
CA PRO C 66 14.13 23.69 0.58
C PRO C 66 14.94 24.79 -0.14
N GLU C 67 16.06 25.22 0.45
CA GLU C 67 16.99 26.10 -0.22
C GLU C 67 17.63 25.42 -1.43
N LEU C 68 17.84 24.11 -1.32
CA LEU C 68 18.64 23.33 -2.26
C LEU C 68 17.93 22.92 -3.57
N SER C 69 16.69 23.35 -3.82
CA SER C 69 16.02 22.98 -5.07
C SER C 69 16.57 23.78 -6.24
N VAL C 70 16.60 23.18 -7.42
CA VAL C 70 16.91 23.87 -8.68
C VAL C 70 16.02 23.35 -9.78
N ASN C 71 15.13 24.21 -10.30
CA ASN C 71 14.47 23.95 -11.57
C ASN C 71 15.49 24.21 -12.66
N ILE C 72 15.72 23.19 -13.49
CA ILE C 72 16.72 23.26 -14.53
C ILE C 72 16.02 22.81 -15.80
N LYS C 73 15.55 23.80 -16.55
CA LYS C 73 14.82 23.58 -17.78
C LYS C 73 13.74 22.55 -17.55
N GLY C 74 12.89 22.79 -16.55
CA GLY C 74 11.72 21.94 -16.29
C GLY C 74 11.88 20.85 -15.24
N LEU C 75 13.03 20.17 -15.24
CA LEU C 75 13.30 19.17 -14.23
C LEU C 75 13.65 19.92 -12.96
N THR C 76 13.01 19.56 -11.86
CA THR C 76 13.38 20.06 -10.55
C THR C 76 14.27 19.05 -9.82
N PHE C 77 15.50 19.45 -9.58
CA PHE C 77 16.39 18.76 -8.67
C PHE C 77 16.04 19.31 -7.30
N HIS C 78 15.57 18.46 -6.39
CA HIS C 78 15.22 18.90 -5.05
C HIS C 78 16.47 19.10 -4.19
N THR C 79 17.55 18.37 -4.49
CA THR C 79 18.92 18.75 -4.07
C THR C 79 19.85 18.65 -5.30
N PRO C 80 20.82 19.59 -5.46
CA PRO C 80 21.63 19.63 -6.67
C PRO C 80 23.01 19.01 -6.41
N VAL C 81 23.02 17.87 -5.70
CA VAL C 81 24.22 17.10 -5.43
C VAL C 81 23.89 15.65 -5.76
N GLY C 82 24.74 15.02 -6.57
CA GLY C 82 24.49 13.68 -7.06
C GLY C 82 25.71 12.81 -7.20
N LEU C 83 25.48 11.50 -7.21
CA LEU C 83 26.52 10.52 -7.49
C LEU C 83 26.80 10.60 -8.97
N ALA C 84 28.07 10.63 -9.31
CA ALA C 84 28.48 10.75 -10.71
C ALA C 84 28.20 9.48 -11.53
N ALA C 85 28.46 9.59 -12.82
CA ALA C 85 28.39 8.43 -13.70
C ALA C 85 29.47 7.45 -13.30
N GLY C 86 29.12 6.18 -13.40
CA GLY C 86 30.10 5.13 -13.34
C GLY C 86 30.29 4.57 -11.96
N PHE C 87 29.45 4.97 -11.00
CA PHE C 87 29.43 4.27 -9.72
C PHE C 87 28.46 3.12 -9.85
N ASP C 88 27.23 3.44 -10.20
CA ASP C 88 26.23 2.41 -10.43
C ASP C 88 26.19 2.06 -11.92
N LYS C 89 27.14 1.25 -12.35
CA LYS C 89 27.37 1.08 -13.77
C LYS C 89 26.22 0.36 -14.46
N ASN C 90 25.74 -0.72 -13.84
CA ASN C 90 24.72 -1.56 -14.49
C ASN C 90 23.35 -1.51 -13.83
N ALA C 91 22.94 -0.31 -13.40
CA ALA C 91 21.65 -0.09 -12.72
C ALA C 91 21.44 -1.06 -11.55
N GLU C 92 22.51 -1.31 -10.80
CA GLU C 92 22.53 -2.28 -9.68
C GLU C 92 21.61 -1.84 -8.54
N ALA C 93 21.79 -0.62 -8.03
CA ALA C 93 20.90 -0.07 -7.00
C ALA C 93 20.97 1.46 -6.89
N PRO C 94 20.68 2.18 -8.00
CA PRO C 94 20.83 3.63 -8.00
C PRO C 94 19.78 4.36 -7.19
N LEU C 95 18.62 3.73 -7.00
CA LEU C 95 17.59 4.24 -6.08
C LEU C 95 18.20 4.39 -4.65
N ASN C 96 18.96 3.41 -4.20
CA ASN C 96 19.48 3.42 -2.82
C ASN C 96 20.56 4.46 -2.55
N PHE C 97 21.30 4.86 -3.58
CA PHE C 97 22.29 5.95 -3.46
C PHE C 97 21.64 7.33 -3.46
N CYS C 98 20.53 7.47 -4.18
CA CYS C 98 19.68 8.65 -4.04
C CYS C 98 19.24 8.81 -2.57
N LYS C 99 18.94 7.67 -1.94
CA LYS C 99 18.56 7.60 -0.51
C LYS C 99 19.71 8.00 0.43
N MET C 100 20.94 7.68 0.05
CA MET C 100 22.15 8.12 0.77
C MET C 100 22.24 9.65 0.96
N GLY C 101 21.41 10.43 0.24
CA GLY C 101 21.38 11.88 0.37
C GLY C 101 21.51 12.59 -0.95
N PHE C 102 22.04 11.88 -1.95
CA PHE C 102 22.24 12.43 -3.30
C PHE C 102 20.91 12.73 -3.99
N GLY C 103 20.66 14.00 -4.26
CA GLY C 103 19.43 14.43 -4.94
C GLY C 103 19.20 13.80 -6.30
N PHE C 104 20.28 13.40 -6.96
CA PHE C 104 20.21 12.68 -8.23
C PHE C 104 21.33 11.63 -8.33
N VAL C 105 21.13 10.64 -9.20
CA VAL C 105 22.10 9.57 -9.42
C VAL C 105 22.20 9.31 -10.92
N GLU C 106 23.42 9.13 -11.42
CA GLU C 106 23.71 8.97 -12.85
C GLU C 106 24.28 7.56 -13.10
N VAL C 107 23.51 6.69 -13.79
CA VAL C 107 23.95 5.29 -14.01
C VAL C 107 24.94 5.19 -15.14
N GLY C 108 26.07 4.55 -14.83
CA GLY C 108 27.33 4.66 -15.58
C GLY C 108 27.27 4.14 -16.98
N THR C 109 28.24 4.57 -17.78
CA THR C 109 28.10 4.50 -19.24
C THR C 109 27.75 3.09 -19.69
N ILE C 110 26.58 2.98 -20.32
CA ILE C 110 26.04 1.69 -20.72
C ILE C 110 26.17 1.58 -22.24
N THR C 111 26.81 0.50 -22.65
CA THR C 111 26.98 0.17 -24.04
C THR C 111 25.77 -0.66 -24.46
N PRO C 112 25.36 -0.59 -25.74
CA PRO C 112 24.31 -1.50 -26.20
C PRO C 112 24.65 -2.96 -25.91
N LYS C 113 25.80 -3.40 -26.40
CA LYS C 113 26.25 -4.77 -26.31
C LYS C 113 27.31 -4.79 -25.21
N PRO C 114 27.28 -5.82 -24.33
CA PRO C 114 28.12 -5.82 -23.15
C PRO C 114 29.59 -5.95 -23.48
N GLN C 115 30.42 -5.42 -22.60
CA GLN C 115 31.86 -5.58 -22.68
C GLN C 115 32.40 -5.89 -21.31
N LEU C 116 33.50 -6.63 -21.28
CA LEU C 116 34.15 -7.04 -20.04
C LEU C 116 34.97 -5.88 -19.48
N GLY C 117 35.47 -5.03 -20.38
CA GLY C 117 36.34 -3.93 -20.01
C GLY C 117 37.71 -4.49 -19.75
N ASN C 118 38.55 -3.71 -19.11
CA ASN C 118 39.98 -4.02 -19.05
C ASN C 118 40.41 -5.04 -18.01
N PRO C 119 41.65 -5.58 -18.16
CA PRO C 119 42.15 -6.53 -17.17
C PRO C 119 42.59 -5.85 -15.87
N LYS C 120 42.16 -6.38 -14.74
CA LYS C 120 42.49 -5.79 -13.45
C LYS C 120 43.97 -6.05 -13.16
N PRO C 121 44.62 -5.17 -12.38
CA PRO C 121 44.10 -3.97 -11.70
C PRO C 121 43.76 -2.80 -12.64
N ARG C 122 42.51 -2.35 -12.59
CA ARG C 122 42.00 -1.33 -13.48
C ARG C 122 41.95 0.05 -12.88
N ILE C 123 41.55 0.14 -11.61
CA ILE C 123 41.41 1.43 -10.93
C ILE C 123 42.35 1.48 -9.71
N PHE C 124 42.93 2.66 -9.43
CA PHE C 124 44.07 2.81 -8.50
C PHE C 124 43.85 3.96 -7.55
N ARG C 125 44.10 3.74 -6.26
CA ARG C 125 43.93 4.80 -5.27
C ARG C 125 45.19 5.65 -5.20
N LEU C 126 45.05 6.96 -5.42
CA LEU C 126 46.11 7.92 -5.15
C LEU C 126 45.70 8.69 -3.92
N ALA C 127 45.80 8.00 -2.79
CA ALA C 127 45.40 8.54 -1.50
C ALA C 127 46.11 9.84 -1.15
N LYS C 128 47.38 9.94 -1.49
CA LYS C 128 48.15 11.12 -1.11
C LYS C 128 47.63 12.35 -1.87
N ASP C 129 47.30 12.16 -3.16
CA ASP C 129 46.74 13.25 -3.97
C ASP C 129 45.22 13.45 -3.84
N HIS C 130 44.55 12.69 -2.95
CA HIS C 130 43.09 12.68 -2.87
C HIS C 130 42.55 12.52 -4.29
N ALA C 131 42.85 11.36 -4.87
CA ALA C 131 42.66 11.14 -6.30
C ALA C 131 42.65 9.67 -6.70
N ILE C 132 42.16 9.42 -7.91
CA ILE C 132 42.06 8.07 -8.47
C ILE C 132 42.43 8.10 -9.95
N ILE C 133 43.12 7.05 -10.39
CA ILE C 133 43.40 6.78 -11.79
C ILE C 133 42.71 5.47 -12.16
N ASN C 134 42.02 5.44 -13.30
CA ASN C 134 41.26 4.24 -13.71
C ASN C 134 41.27 3.96 -15.20
N ARG C 135 41.14 2.70 -15.57
CA ARG C 135 41.08 2.34 -16.98
C ARG C 135 40.19 1.12 -17.19
N CYS C 136 38.89 1.37 -17.06
CA CYS C 136 37.86 0.33 -17.09
C CYS C 136 37.40 0.01 -18.52
N GLY C 137 37.24 1.03 -19.37
CA GLY C 137 36.92 0.85 -20.79
C GLY C 137 35.49 0.41 -21.04
N PHE C 138 34.57 1.07 -20.34
CA PHE C 138 33.14 0.74 -20.31
C PHE C 138 32.82 -0.72 -20.00
N ASN C 139 33.32 -1.22 -18.88
CA ASN C 139 32.78 -2.47 -18.32
C ASN C 139 31.29 -2.26 -18.16
N SER C 140 30.49 -3.07 -18.86
CA SER C 140 29.03 -2.92 -18.80
C SER C 140 28.32 -4.24 -19.07
N ALA C 141 27.04 -4.27 -18.73
CA ALA C 141 26.22 -5.46 -18.81
C ALA C 141 25.39 -5.46 -20.10
N GLY C 142 25.49 -4.37 -20.89
CA GLY C 142 24.75 -4.27 -22.14
C GLY C 142 23.34 -3.82 -21.83
N LEU C 143 22.62 -3.33 -22.85
CA LEU C 143 21.25 -2.86 -22.66
C LEU C 143 20.28 -4.00 -22.34
N ASP C 144 20.51 -5.15 -22.97
CA ASP C 144 19.76 -6.37 -22.70
C ASP C 144 19.49 -6.59 -21.21
N VAL C 145 20.51 -6.39 -20.39
CA VAL C 145 20.39 -6.49 -18.93
C VAL C 145 19.78 -5.25 -18.30
N VAL C 146 20.28 -4.07 -18.70
CA VAL C 146 20.05 -2.81 -18.00
C VAL C 146 18.73 -2.13 -18.34
N GLU C 147 18.11 -2.49 -19.47
CA GLU C 147 16.76 -2.01 -19.76
C GLU C 147 15.76 -2.42 -18.68
N PRO C 148 15.60 -3.74 -18.42
CA PRO C 148 14.66 -4.13 -17.35
C PRO C 148 15.07 -3.72 -15.92
N ARG C 149 16.35 -3.42 -15.69
CA ARG C 149 16.76 -2.81 -14.43
C ARG C 149 16.30 -1.37 -14.39
N LEU C 150 16.53 -0.64 -15.48
CA LEU C 150 15.99 0.72 -15.61
C LEU C 150 14.47 0.76 -15.74
N GLU C 151 13.85 -0.34 -16.16
CA GLU C 151 12.38 -0.48 -16.12
C GLU C 151 11.91 -0.51 -14.67
N LYS C 152 12.35 -1.53 -13.93
CA LYS C 152 11.93 -1.70 -12.55
C LYS C 152 12.45 -0.58 -11.65
N VAL C 153 13.54 0.09 -12.03
CA VAL C 153 14.02 1.28 -11.30
C VAL C 153 13.08 2.48 -11.52
N SER C 154 12.54 2.62 -12.73
CA SER C 154 11.54 3.67 -13.01
C SER C 154 10.16 3.34 -12.43
N ARG C 155 9.94 2.06 -12.09
CA ARG C 155 8.71 1.61 -11.44
C ARG C 155 8.80 1.85 -9.93
N ASP C 156 9.85 1.34 -9.30
CA ASP C 156 10.02 1.41 -7.85
C ASP C 156 10.37 2.79 -7.31
N ARG C 157 10.77 3.71 -8.18
CA ARG C 157 10.91 5.11 -7.76
C ARG C 157 9.56 5.71 -7.39
N TRP C 158 8.52 5.35 -8.16
CA TRP C 158 7.15 5.86 -7.94
C TRP C 158 6.30 4.96 -7.02
N HIS C 159 6.93 3.97 -6.37
CA HIS C 159 6.29 3.17 -5.35
C HIS C 159 6.93 3.46 -3.99
N ASP C 160 8.22 3.14 -3.83
CA ASP C 160 8.93 3.40 -2.57
C ASP C 160 8.63 4.80 -2.04
N ARG C 161 8.22 4.87 -0.77
CA ARG C 161 7.82 6.13 -0.17
C ARG C 161 8.97 7.12 -0.09
N LEU C 162 10.17 6.62 0.22
CA LEU C 162 11.36 7.46 0.18
C LEU C 162 11.61 7.86 -1.27
N GLU C 163 11.16 9.07 -1.60
CA GLU C 163 11.29 9.62 -2.95
C GLU C 163 11.14 11.14 -2.84
N ARG C 164 12.27 11.83 -2.63
CA ARG C 164 12.28 13.31 -2.57
C ARG C 164 12.35 13.81 -4.02
N HIS C 165 11.43 13.28 -4.85
CA HIS C 165 11.58 13.21 -6.31
C HIS C 165 13.03 12.80 -6.66
N CYS C 166 13.31 11.50 -6.57
CA CYS C 166 14.64 10.98 -6.94
C CYS C 166 14.86 11.23 -8.43
N VAL C 167 16.04 11.77 -8.77
CA VAL C 167 16.32 12.19 -10.15
C VAL C 167 17.32 11.25 -10.83
N LEU C 168 16.83 10.39 -11.74
CA LEU C 168 17.66 9.38 -12.41
C LEU C 168 18.33 9.96 -13.63
N GLY C 169 19.58 9.53 -13.84
CA GLY C 169 20.41 9.97 -14.95
C GLY C 169 20.97 8.78 -15.69
N VAL C 170 20.57 8.62 -16.95
CA VAL C 170 21.00 7.48 -17.75
C VAL C 170 22.14 7.91 -18.67
N ASN C 171 23.34 7.36 -18.44
CA ASN C 171 24.54 7.63 -19.25
C ASN C 171 24.73 6.53 -20.29
N ILE C 172 24.84 6.91 -21.57
CA ILE C 172 24.99 5.93 -22.64
C ILE C 172 26.18 6.25 -23.52
N GLY C 173 26.75 5.21 -24.12
CA GLY C 173 27.92 5.36 -24.98
C GLY C 173 27.96 4.31 -26.06
N LYS C 174 29.16 4.08 -26.61
CA LYS C 174 29.41 3.03 -27.58
C LYS C 174 30.40 2.06 -26.99
N ASN C 175 30.70 1.02 -27.76
CA ASN C 175 31.68 -0.02 -27.40
C ASN C 175 32.87 0.04 -28.36
N LYS C 176 34.02 -0.48 -27.95
CA LYS C 176 35.20 -0.50 -28.84
C LYS C 176 34.99 -1.38 -30.09
N ASP C 177 34.27 -2.48 -29.91
CA ASP C 177 33.99 -3.44 -30.99
C ASP C 177 33.45 -2.73 -32.27
N THR C 178 32.57 -1.72 -32.10
CA THR C 178 31.88 -1.06 -33.23
C THR C 178 32.67 0.10 -33.85
N VAL C 179 32.15 0.58 -34.98
CA VAL C 179 32.78 1.62 -35.81
C VAL C 179 31.97 2.92 -35.93
N ASN C 180 30.66 2.80 -36.14
CA ASN C 180 29.78 3.93 -36.43
C ASN C 180 28.97 4.28 -35.17
N ALA C 181 29.36 5.38 -34.52
CA ALA C 181 28.99 5.65 -33.13
C ALA C 181 27.52 5.98 -33.00
N GLU C 182 27.09 6.98 -33.77
CA GLU C 182 25.67 7.38 -33.79
C GLU C 182 24.70 6.19 -33.64
N ASP C 183 24.98 5.09 -34.33
CA ASP C 183 24.17 3.87 -34.25
C ASP C 183 24.02 3.38 -32.81
N ASP C 184 25.14 3.18 -32.14
CA ASP C 184 25.16 2.63 -30.77
C ASP C 184 24.59 3.63 -29.73
N ILE C 185 24.59 4.93 -30.03
CA ILE C 185 23.90 5.94 -29.20
C ILE C 185 22.41 5.91 -29.52
N ARG C 186 22.07 5.72 -30.79
CA ARG C 186 20.69 5.63 -31.22
C ARG C 186 19.96 4.54 -30.43
N GLU C 187 20.60 3.37 -30.32
CA GLU C 187 20.05 2.24 -29.57
C GLU C 187 19.87 2.58 -28.09
N GLY C 188 20.84 3.28 -27.51
CA GLY C 188 20.80 3.66 -26.10
C GLY C 188 19.61 4.54 -25.78
N VAL C 189 19.37 5.52 -26.66
CA VAL C 189 18.25 6.44 -26.50
C VAL C 189 16.98 5.60 -26.68
N LYS C 190 16.90 4.95 -27.85
CA LYS C 190 15.80 4.06 -28.20
C LYS C 190 15.39 3.23 -27.00
N ARG C 191 16.36 2.51 -26.43
CA ARG C 191 16.09 1.46 -25.46
C ARG C 191 15.80 1.95 -24.05
N VAL C 192 16.59 2.90 -23.57
CA VAL C 192 16.49 3.34 -22.18
C VAL C 192 16.48 4.86 -21.98
N GLY C 193 16.14 5.60 -23.04
CA GLY C 193 15.99 7.05 -22.96
C GLY C 193 14.76 7.46 -22.19
N ARG C 194 13.69 6.66 -22.31
CA ARG C 194 12.41 6.96 -21.66
C ARG C 194 12.38 6.77 -20.14
N PHE C 195 13.36 6.04 -19.58
CA PHE C 195 13.45 5.83 -18.13
C PHE C 195 14.14 6.96 -17.38
N ALA C 196 14.87 7.81 -18.11
CA ALA C 196 15.73 8.83 -17.51
C ALA C 196 14.98 10.12 -17.29
N ASP C 197 15.48 10.90 -16.33
CA ASP C 197 15.06 12.29 -16.16
C ASP C 197 15.98 13.19 -16.99
N TYR C 198 17.28 12.85 -17.06
CA TYR C 198 18.21 13.45 -18.04
C TYR C 198 19.11 12.37 -18.64
N LEU C 199 19.49 12.55 -19.90
CA LEU C 199 20.17 11.51 -20.69
C LEU C 199 21.55 12.02 -21.13
N VAL C 200 22.61 11.28 -20.79
CA VAL C 200 24.00 11.76 -21.00
C VAL C 200 24.73 10.94 -22.04
N ILE C 201 25.21 11.59 -23.09
CA ILE C 201 25.95 10.93 -24.14
C ILE C 201 27.43 11.14 -23.84
N ASN C 202 28.11 10.06 -23.41
CA ASN C 202 29.53 10.10 -23.10
C ASN C 202 30.39 10.17 -24.37
N LEU C 203 30.97 11.34 -24.62
CA LEU C 203 31.95 11.55 -25.66
C LEU C 203 33.30 11.89 -25.04
N SER C 204 33.55 11.40 -23.83
CA SER C 204 34.71 11.86 -23.07
C SER C 204 35.38 10.85 -22.14
N SER C 205 35.14 9.56 -22.31
CA SER C 205 36.00 8.57 -21.68
C SER C 205 37.37 8.76 -22.31
N PRO C 206 38.44 8.75 -21.50
CA PRO C 206 39.78 8.64 -22.05
C PRO C 206 40.17 7.19 -22.36
N ASN C 207 39.46 6.24 -21.74
CA ASN C 207 39.86 4.85 -21.76
C ASN C 207 39.53 4.15 -23.07
N THR C 208 38.25 4.14 -23.45
CA THR C 208 37.81 3.45 -24.68
C THR C 208 38.29 4.31 -25.87
N LYS C 209 39.06 3.70 -26.77
CA LYS C 209 39.93 4.43 -27.71
C LYS C 209 39.22 5.12 -28.88
N GLY C 210 39.63 6.35 -29.17
CA GLY C 210 39.03 7.14 -30.25
C GLY C 210 37.66 7.74 -29.97
N LEU C 211 37.28 7.82 -28.69
CA LEU C 211 36.00 8.41 -28.27
C LEU C 211 36.16 9.91 -27.99
N ARG C 212 37.30 10.31 -27.40
CA ARG C 212 37.52 11.73 -27.04
C ARG C 212 37.70 12.61 -28.30
N THR C 213 37.69 11.99 -29.49
CA THR C 213 37.65 12.70 -30.76
C THR C 213 36.31 12.51 -31.50
N LEU C 214 35.24 12.30 -30.73
CA LEU C 214 33.86 12.50 -31.21
C LEU C 214 33.42 13.92 -30.94
N GLN C 215 34.27 14.69 -30.23
CA GLN C 215 34.01 16.10 -29.92
C GLN C 215 34.53 17.04 -31.04
N GLN C 216 34.58 16.58 -32.29
CA GLN C 216 34.90 17.45 -33.42
C GLN C 216 33.66 18.27 -33.73
N ARG C 217 33.88 19.45 -34.29
CA ARG C 217 32.81 20.36 -34.70
C ARG C 217 31.69 19.57 -35.39
N ASP C 218 32.04 18.94 -36.50
CA ASP C 218 31.05 18.33 -37.38
C ASP C 218 30.66 16.91 -36.93
N HIS C 219 31.44 16.30 -36.03
CA HIS C 219 31.10 14.95 -35.52
C HIS C 219 29.99 15.02 -34.50
N LEU C 220 30.24 15.73 -33.41
CA LEU C 220 29.31 15.72 -32.26
C LEU C 220 27.93 16.30 -32.62
N ARG C 221 27.87 17.10 -33.70
CA ARG C 221 26.62 17.63 -34.24
C ARG C 221 25.72 16.51 -34.75
N SER C 222 26.27 15.65 -35.61
CA SER C 222 25.51 14.52 -36.12
C SER C 222 25.12 13.51 -35.04
N ILE C 223 25.90 13.45 -33.96
CA ILE C 223 25.59 12.59 -32.81
C ILE C 223 24.45 13.18 -31.98
N ILE C 224 24.58 14.44 -31.54
CA ILE C 224 23.53 15.08 -30.73
C ILE C 224 22.17 14.99 -31.43
N THR C 225 22.17 15.29 -32.73
CA THR C 225 20.95 15.26 -33.55
C THR C 225 20.39 13.85 -33.78
N ALA C 226 21.29 12.85 -33.85
CA ALA C 226 20.91 11.42 -33.96
C ALA C 226 20.15 10.90 -32.73
N ALA C 227 20.54 11.39 -31.55
CA ALA C 227 19.81 11.15 -30.31
C ALA C 227 18.49 11.94 -30.27
N GLN C 228 18.55 13.23 -30.61
CA GLN C 228 17.34 14.05 -30.71
C GLN C 228 16.29 13.42 -31.62
N SER C 229 16.74 12.97 -32.79
CA SER C 229 15.89 12.25 -33.73
C SER C 229 15.30 10.95 -33.14
N GLU C 230 16.00 10.32 -32.20
CA GLU C 230 15.43 9.21 -31.43
C GLU C 230 14.51 9.67 -30.31
N LEU C 231 14.87 10.74 -29.61
CA LEU C 231 13.99 11.29 -28.55
C LEU C 231 12.62 11.66 -29.12
N GLU C 232 12.64 12.37 -30.24
CA GLU C 232 11.43 12.66 -31.03
C GLU C 232 10.62 11.37 -31.25
N LYS C 233 11.31 10.41 -31.84
CA LYS C 233 10.73 9.13 -32.21
C LYS C 233 10.22 8.32 -31.02
N LEU C 234 10.77 8.57 -29.82
CA LEU C 234 10.14 8.05 -28.59
C LEU C 234 8.74 8.63 -28.59
N GLU C 235 7.79 7.79 -29.01
CA GLU C 235 6.43 8.22 -29.28
C GLU C 235 5.54 8.15 -28.06
N GLU C 236 5.07 9.33 -27.70
CA GLU C 236 4.73 9.65 -26.34
C GLU C 236 3.26 9.33 -26.15
N ARG C 237 2.98 8.24 -25.43
CA ARG C 237 1.61 7.74 -25.12
C ARG C 237 0.56 7.88 -26.25
N SER C 238 1.03 7.85 -27.49
CA SER C 238 0.25 8.23 -28.67
C SER C 238 -0.30 9.66 -28.57
N VAL C 262 -1.14 13.06 -3.77
CA VAL C 262 -0.19 11.93 -3.78
C VAL C 262 -0.63 10.84 -4.80
N THR C 263 -0.14 10.95 -6.05
CA THR C 263 -0.37 9.94 -7.13
C THR C 263 0.83 9.03 -7.41
N ARG C 264 0.62 7.74 -7.18
CA ARG C 264 1.34 6.67 -7.84
C ARG C 264 1.27 6.80 -9.38
N LYS C 265 0.16 7.33 -9.89
CA LYS C 265 -0.21 7.34 -11.33
C LYS C 265 0.81 7.84 -12.40
N ALA C 266 1.97 8.36 -11.98
CA ALA C 266 3.11 8.61 -12.89
C ALA C 266 3.93 7.36 -13.22
N GLU C 267 3.64 6.23 -12.58
CA GLU C 267 4.37 4.97 -12.80
C GLU C 267 4.24 4.34 -14.20
N GLN C 268 3.20 4.72 -14.94
CA GLN C 268 2.95 4.20 -16.31
C GLN C 268 3.35 5.26 -17.37
N PHE C 269 2.93 5.07 -18.63
CA PHE C 269 3.41 5.80 -19.84
C PHE C 269 4.96 5.72 -19.97
N PHE C 270 5.65 6.81 -20.33
CA PHE C 270 7.12 6.80 -20.40
C PHE C 270 7.64 7.57 -19.17
N PRO C 271 7.84 6.86 -18.01
CA PRO C 271 7.81 7.44 -16.65
C PRO C 271 9.09 8.11 -16.12
N THR C 272 9.17 9.42 -16.33
CA THR C 272 10.24 10.27 -15.79
C THR C 272 9.61 11.19 -14.73
N GLN C 273 10.35 12.19 -14.26
CA GLN C 273 9.83 13.16 -13.28
C GLN C 273 8.79 14.07 -13.92
N THR C 274 9.17 14.68 -15.04
CA THR C 274 8.25 15.45 -15.87
C THR C 274 7.48 14.47 -16.75
N GLY C 275 6.86 14.95 -17.83
CA GLY C 275 6.14 14.07 -18.74
C GLY C 275 7.03 13.16 -19.54
N LYS C 276 7.68 13.73 -20.55
CA LYS C 276 8.18 12.97 -21.71
C LYS C 276 9.71 13.02 -21.82
N ARG C 277 10.23 12.93 -23.05
CA ARG C 277 11.65 13.11 -23.37
C ARG C 277 12.42 13.85 -22.28
N PRO C 278 13.45 13.21 -21.73
CA PRO C 278 14.27 13.88 -20.75
C PRO C 278 15.23 14.85 -21.40
N LEU C 279 15.98 15.56 -20.57
CA LEU C 279 16.99 16.48 -21.06
C LEU C 279 18.12 15.69 -21.70
N LEU C 280 18.46 16.04 -22.93
CA LEU C 280 19.67 15.55 -23.53
C LEU C 280 20.87 16.26 -22.90
N PHE C 281 21.93 15.48 -22.63
CA PHE C 281 23.20 15.98 -22.13
C PHE C 281 24.34 15.34 -22.89
N VAL C 282 25.46 16.06 -23.00
CA VAL C 282 26.70 15.53 -23.57
C VAL C 282 27.84 15.78 -22.56
N LYS C 283 28.46 14.70 -22.10
CA LYS C 283 29.61 14.78 -21.18
C LYS C 283 30.88 15.07 -21.98
N ILE C 284 31.39 16.28 -21.83
CA ILE C 284 32.63 16.71 -22.47
C ILE C 284 33.83 16.25 -21.63
N ALA C 285 35.03 16.36 -22.20
CA ALA C 285 36.29 16.09 -21.50
C ALA C 285 36.85 17.40 -20.87
N PRO C 286 37.94 17.31 -20.06
CA PRO C 286 38.61 18.49 -19.54
C PRO C 286 40.04 18.63 -20.08
N ASP C 287 40.23 18.29 -21.35
CA ASP C 287 41.54 18.42 -22.05
C ASP C 287 41.36 19.03 -23.44
N LEU C 288 40.30 19.83 -23.61
CA LEU C 288 39.86 20.35 -24.91
C LEU C 288 40.41 21.74 -25.10
N THR C 289 41.00 22.00 -26.26
CA THR C 289 41.72 23.25 -26.46
C THR C 289 40.75 24.44 -26.44
N ASP C 290 41.27 25.57 -25.98
CA ASP C 290 40.59 26.89 -25.96
C ASP C 290 39.55 27.04 -27.11
N GLU C 291 39.96 26.67 -28.32
CA GLU C 291 39.12 26.70 -29.51
C GLU C 291 38.05 25.61 -29.53
N GLU C 292 38.43 24.37 -29.21
CA GLU C 292 37.48 23.24 -29.25
C GLU C 292 36.31 23.36 -28.26
N LYS C 293 36.51 24.12 -27.17
CA LYS C 293 35.42 24.46 -26.23
C LYS C 293 34.31 25.24 -26.91
N ARG C 294 34.69 26.31 -27.61
CA ARG C 294 33.76 27.10 -28.43
C ARG C 294 32.99 26.19 -29.37
N ASP C 295 33.71 25.42 -30.17
CA ASP C 295 33.13 24.49 -31.16
C ASP C 295 32.02 23.59 -30.62
N ILE C 296 32.11 23.23 -29.34
CA ILE C 296 31.08 22.45 -28.63
C ILE C 296 29.95 23.34 -28.16
N ALA C 297 30.30 24.45 -27.52
CA ALA C 297 29.31 25.44 -27.07
C ALA C 297 28.46 25.87 -28.25
N ASP C 298 29.12 26.27 -29.33
CA ASP C 298 28.49 26.49 -30.64
C ASP C 298 27.48 25.40 -30.94
N VAL C 299 27.98 24.18 -31.06
CA VAL C 299 27.17 23.05 -31.51
C VAL C 299 26.01 22.75 -30.57
N ALA C 300 26.22 22.94 -29.27
CA ALA C 300 25.18 22.71 -28.26
C ALA C 300 23.94 23.62 -28.46
N LEU C 301 24.18 24.92 -28.62
CA LEU C 301 23.11 25.89 -28.93
C LEU C 301 22.49 25.59 -30.29
N GLU C 302 23.35 25.52 -31.32
CA GLU C 302 22.96 25.07 -32.67
C GLU C 302 22.01 23.89 -32.64
N THR C 303 22.46 22.78 -32.07
CA THR C 303 21.71 21.52 -32.06
C THR C 303 20.45 21.54 -31.20
N GLY C 304 20.44 22.39 -30.17
CA GLY C 304 19.37 22.38 -29.18
C GLY C 304 19.65 21.39 -28.08
N LEU C 305 20.90 21.38 -27.63
CA LEU C 305 21.33 20.56 -26.50
C LEU C 305 20.85 21.23 -25.22
N ASP C 306 20.29 20.43 -24.33
CA ASP C 306 19.65 20.96 -23.12
C ASP C 306 20.68 21.18 -22.02
N GLY C 307 21.77 20.41 -22.08
CA GLY C 307 22.85 20.55 -21.11
C GLY C 307 24.09 19.75 -21.45
N LEU C 308 25.14 19.93 -20.65
CA LEU C 308 26.35 19.16 -20.80
C LEU C 308 27.09 19.09 -19.49
N ILE C 309 27.46 17.87 -19.13
CA ILE C 309 28.16 17.62 -17.89
C ILE C 309 29.63 17.98 -18.10
N VAL C 310 30.06 19.02 -17.41
CA VAL C 310 31.38 19.56 -17.63
C VAL C 310 32.42 18.76 -16.88
N THR C 311 33.41 18.30 -17.65
CA THR C 311 34.57 17.49 -17.24
C THR C 311 34.23 16.05 -16.92
N ASN C 312 34.99 15.18 -17.58
CA ASN C 312 35.17 13.80 -17.23
C ASN C 312 36.50 13.79 -16.46
N THR C 313 37.13 12.63 -16.38
CA THR C 313 38.51 12.54 -15.92
C THR C 313 39.47 13.22 -16.92
N THR C 314 40.65 13.60 -16.44
CA THR C 314 41.69 14.23 -17.27
C THR C 314 42.83 13.24 -17.60
N ILE C 315 43.45 13.41 -18.76
CA ILE C 315 44.49 12.50 -19.22
C ILE C 315 45.79 12.89 -18.54
N GLN C 316 46.11 14.18 -18.62
CA GLN C 316 47.36 14.70 -18.09
C GLN C 316 47.57 14.35 -16.63
N ARG C 317 48.84 14.23 -16.28
CA ARG C 317 49.26 14.15 -14.89
C ARG C 317 49.97 15.46 -14.59
N PRO C 318 49.45 16.20 -13.59
CA PRO C 318 50.28 17.22 -13.01
C PRO C 318 51.53 16.62 -12.34
N GLU C 319 52.65 17.31 -12.48
CA GLU C 319 53.75 17.19 -11.52
C GLU C 319 53.20 17.57 -10.14
N SER C 320 53.96 17.28 -9.09
CA SER C 320 53.46 17.42 -7.72
C SER C 320 52.28 16.48 -7.45
N LEU C 321 52.31 15.31 -8.08
CA LEU C 321 51.53 14.19 -7.60
C LEU C 321 52.48 13.50 -6.66
N ARG C 322 52.15 13.54 -5.37
CA ARG C 322 52.89 12.80 -4.34
C ARG C 322 52.81 11.28 -4.59
N SER C 323 51.57 10.79 -4.70
CA SER C 323 51.27 9.35 -4.78
C SER C 323 51.97 8.68 -5.93
N GLU C 324 52.42 7.44 -5.73
CA GLU C 324 53.28 6.74 -6.70
C GLU C 324 52.55 5.93 -7.79
N SER C 325 51.25 5.72 -7.62
CA SER C 325 50.40 5.26 -8.70
C SER C 325 50.13 6.35 -9.75
N LYS C 326 50.64 7.57 -9.54
CA LYS C 326 50.75 8.63 -10.58
C LYS C 326 51.09 8.17 -12.00
N HIS C 327 52.08 7.28 -12.11
CA HIS C 327 52.58 6.83 -13.40
C HIS C 327 51.54 6.08 -14.22
N GLU C 328 50.61 5.40 -13.55
CA GLU C 328 49.72 4.47 -14.23
C GLU C 328 48.77 5.15 -15.19
N THR C 329 48.41 4.39 -16.22
CA THR C 329 47.61 4.88 -17.33
C THR C 329 46.17 5.04 -16.91
N GLY C 330 45.47 5.95 -17.57
CA GLY C 330 44.02 6.08 -17.39
C GLY C 330 43.55 7.47 -17.01
N GLY C 331 42.28 7.55 -16.58
CA GLY C 331 41.65 8.80 -16.24
C GLY C 331 41.95 9.21 -14.81
N LEU C 332 42.65 10.34 -14.65
CA LEU C 332 42.87 10.97 -13.33
C LEU C 332 41.60 11.70 -12.88
N SER C 333 41.24 11.50 -11.62
CA SER C 333 40.04 12.11 -11.02
C SER C 333 40.33 12.65 -9.61
N GLY C 334 39.37 13.41 -9.07
CA GLY C 334 39.47 13.95 -7.71
C GLY C 334 40.21 15.27 -7.64
N ARG C 335 40.80 15.54 -6.48
CA ARG C 335 41.40 16.85 -6.17
C ARG C 335 42.12 17.53 -7.35
N PRO C 336 43.14 16.89 -7.94
CA PRO C 336 43.92 17.61 -8.98
C PRO C 336 43.11 18.13 -10.17
N LEU C 337 41.91 17.59 -10.40
CA LEU C 337 41.02 18.13 -11.43
C LEU C 337 40.43 19.49 -11.09
N LYS C 338 40.12 19.71 -9.80
CA LYS C 338 39.50 20.97 -9.34
C LYS C 338 39.76 22.16 -10.26
N ALA C 339 41.05 22.50 -10.41
CA ALA C 339 41.50 23.69 -11.13
C ALA C 339 40.87 23.85 -12.51
N MET C 340 41.19 22.93 -13.42
CA MET C 340 40.71 23.00 -14.81
C MET C 340 39.20 22.84 -14.91
N SER C 341 38.63 22.02 -14.02
CA SER C 341 37.23 21.66 -14.10
C SER C 341 36.26 22.76 -13.67
N THR C 342 36.78 23.84 -13.06
CA THR C 342 36.04 25.09 -12.83
C THR C 342 36.19 26.07 -14.00
N LYS C 343 37.39 26.11 -14.58
CA LYS C 343 37.64 26.90 -15.81
C LYS C 343 36.73 26.37 -16.88
N CYS C 344 36.70 25.04 -17.04
CA CYS C 344 35.89 24.43 -18.07
C CYS C 344 34.41 24.76 -17.91
N VAL C 345 33.92 24.81 -16.68
CA VAL C 345 32.52 25.21 -16.40
C VAL C 345 32.33 26.67 -16.84
N SER C 346 33.22 27.54 -16.36
CA SER C 346 33.19 28.97 -16.69
C SER C 346 33.28 29.15 -18.21
N ASP C 347 34.39 28.70 -18.79
CA ASP C 347 34.64 28.81 -20.24
C ASP C 347 33.43 28.38 -21.08
N MET C 348 32.75 27.30 -20.67
CA MET C 348 31.56 26.83 -21.37
C MET C 348 30.32 27.67 -21.09
N TYR C 349 30.07 27.95 -19.81
CA TYR C 349 28.93 28.79 -19.39
C TYR C 349 29.00 30.16 -20.06
N LYS C 350 30.22 30.66 -20.18
CA LYS C 350 30.54 31.90 -20.90
C LYS C 350 30.13 31.78 -22.37
N MET C 351 30.58 30.72 -23.05
CA MET C 351 30.33 30.54 -24.49
C MET C 351 28.94 30.01 -24.86
N THR C 352 28.12 29.63 -23.86
CA THR C 352 26.73 29.23 -24.10
C THR C 352 25.67 30.11 -23.42
N ASN C 353 26.08 30.93 -22.44
CA ASN C 353 25.21 31.89 -21.72
C ASN C 353 24.13 31.26 -20.83
N GLY C 354 24.52 30.25 -20.05
CA GLY C 354 23.62 29.58 -19.10
C GLY C 354 22.36 28.96 -19.68
N GLN C 355 22.35 28.77 -21.01
CA GLN C 355 21.20 28.25 -21.74
C GLN C 355 21.32 26.74 -21.70
N VAL C 356 22.48 26.28 -22.15
CA VAL C 356 22.83 24.88 -22.13
C VAL C 356 23.24 24.60 -20.68
N ALA C 357 22.34 23.96 -19.95
CA ALA C 357 22.43 23.89 -18.51
C ALA C 357 23.53 22.93 -18.08
N ILE C 358 24.51 23.44 -17.33
CA ILE C 358 25.68 22.67 -16.93
C ILE C 358 25.46 21.92 -15.60
N ILE C 359 25.84 20.64 -15.59
CA ILE C 359 26.16 19.90 -14.36
C ILE C 359 27.67 19.68 -14.39
N ALA C 360 28.32 19.76 -13.23
CA ALA C 360 29.79 19.70 -13.16
C ALA C 360 30.28 18.57 -12.28
N SER C 361 31.37 17.92 -12.70
CA SER C 361 32.13 16.97 -11.86
C SER C 361 33.58 17.44 -11.88
N GLY C 362 34.44 16.70 -11.19
CA GLY C 362 35.89 16.92 -11.27
C GLY C 362 36.43 17.59 -10.03
N GLY C 363 36.64 16.78 -8.99
CA GLY C 363 37.23 17.24 -7.74
C GLY C 363 36.31 18.14 -6.95
N ILE C 364 35.34 17.55 -6.29
CA ILE C 364 34.43 18.31 -5.44
C ILE C 364 34.30 17.60 -4.10
N GLU C 365 35.31 17.79 -3.25
CA GLU C 365 35.15 17.60 -1.81
C GLU C 365 34.55 18.91 -1.33
N THR C 366 33.92 18.90 -0.17
CA THR C 366 33.41 20.12 0.51
C THR C 366 32.43 21.00 -0.31
N GLY C 367 31.41 21.51 0.38
CA GLY C 367 30.34 22.33 -0.23
C GLY C 367 30.79 23.70 -0.69
N LEU C 368 31.94 24.17 -0.21
CA LEU C 368 32.66 25.30 -0.80
C LEU C 368 32.72 25.13 -2.31
N ASP C 369 33.27 24.00 -2.72
CA ASP C 369 33.51 23.72 -4.13
C ASP C 369 32.23 23.73 -4.94
N ALA C 370 31.15 23.23 -4.35
CA ALA C 370 29.84 23.36 -4.96
C ALA C 370 29.50 24.83 -5.20
N TYR C 371 29.78 25.68 -4.20
CA TYR C 371 29.62 27.13 -4.38
C TYR C 371 30.56 27.65 -5.48
N LYS C 372 31.82 27.20 -5.49
CA LYS C 372 32.77 27.61 -6.52
C LYS C 372 32.33 27.27 -7.96
N ARG C 373 31.59 26.18 -8.15
CA ARG C 373 31.10 25.75 -9.49
C ARG C 373 29.70 26.27 -9.87
N ILE C 374 28.82 26.41 -8.88
CA ILE C 374 27.50 27.02 -9.09
C ILE C 374 27.69 28.51 -9.44
N ARG C 375 28.50 29.20 -8.64
CA ARG C 375 28.92 30.57 -8.93
C ARG C 375 29.66 30.74 -10.27
N ALA C 376 30.29 29.67 -10.75
CA ALA C 376 30.99 29.62 -12.06
C ALA C 376 30.14 29.20 -13.28
N GLY C 377 28.91 28.72 -13.07
CA GLY C 377 28.00 28.36 -14.17
C GLY C 377 27.09 27.16 -13.96
N ALA C 378 27.53 26.21 -13.14
CA ALA C 378 26.82 24.95 -12.92
C ALA C 378 25.49 25.19 -12.23
N SER C 379 24.59 24.22 -12.37
CA SER C 379 23.38 24.15 -11.55
C SER C 379 23.54 23.11 -10.45
N ALA C 380 23.98 21.91 -10.84
CA ALA C 380 24.23 20.80 -9.92
C ALA C 380 25.70 20.38 -9.91
N VAL C 381 26.03 19.47 -8.99
CA VAL C 381 27.40 18.94 -8.86
C VAL C 381 27.46 17.43 -8.71
N GLU C 382 28.57 16.87 -9.20
CA GLU C 382 28.75 15.44 -9.32
C GLU C 382 29.97 14.99 -8.52
N VAL C 383 29.75 13.92 -7.76
CA VAL C 383 30.71 13.40 -6.82
C VAL C 383 30.98 11.93 -7.15
N TYR C 384 32.27 11.63 -7.36
CA TYR C 384 32.79 10.26 -7.40
C TYR C 384 34.01 10.18 -6.45
N THR C 385 35.18 10.60 -6.90
CA THR C 385 36.44 10.39 -6.16
C THR C 385 36.34 10.86 -4.71
N SER C 386 35.77 12.05 -4.55
CA SER C 386 35.49 12.67 -3.26
C SER C 386 34.87 11.73 -2.22
N MET C 387 33.96 10.87 -2.67
CA MET C 387 33.26 9.91 -1.79
C MET C 387 34.13 8.79 -1.21
N ILE C 388 35.30 8.55 -1.80
CA ILE C 388 36.17 7.45 -1.39
C ILE C 388 37.13 7.89 -0.28
N TYR C 389 37.08 9.18 0.05
CA TYR C 389 37.79 9.73 1.19
C TYR C 389 36.80 10.28 2.23
N ARG C 390 35.87 11.13 1.77
CA ARG C 390 34.75 11.63 2.60
C ARG C 390 33.66 10.59 2.92
N GLY C 391 33.73 9.41 2.32
CA GLY C 391 32.84 8.31 2.73
C GLY C 391 31.40 8.53 2.30
N PRO C 392 30.46 7.73 2.86
CA PRO C 392 29.04 7.80 2.45
C PRO C 392 28.35 9.09 2.90
N ILE C 393 28.93 9.73 3.91
CA ILE C 393 28.37 10.92 4.54
C ILE C 393 28.48 12.11 3.58
N VAL C 394 29.48 12.08 2.69
CA VAL C 394 29.70 13.11 1.66
C VAL C 394 28.43 13.66 0.99
N ALA C 395 27.39 12.83 0.86
CA ALA C 395 26.10 13.28 0.33
C ALA C 395 25.58 14.53 1.03
N ARG C 396 25.42 14.44 2.35
CA ARG C 396 24.94 15.55 3.18
C ARG C 396 26.01 16.61 3.45
N ARG C 397 27.25 16.18 3.68
CA ARG C 397 28.37 17.10 3.93
C ARG C 397 28.39 18.26 2.95
N VAL C 398 28.32 17.91 1.67
CA VAL C 398 28.36 18.89 0.59
C VAL C 398 27.10 19.76 0.58
N LYS C 399 25.93 19.17 0.83
CA LYS C 399 24.65 19.92 0.88
C LYS C 399 24.62 20.98 1.99
N ASP C 400 25.00 20.57 3.18
CA ASP C 400 24.97 21.44 4.36
C ASP C 400 26.04 22.49 4.27
N GLU C 401 27.26 22.10 3.90
CA GLU C 401 28.32 23.07 3.66
C GLU C 401 27.96 24.07 2.56
N LEU C 402 27.22 23.62 1.54
CA LEU C 402 26.77 24.49 0.44
C LEU C 402 25.79 25.61 0.87
N LEU C 403 25.06 25.40 1.96
CA LEU C 403 24.30 26.49 2.60
C LEU C 403 25.24 27.48 3.28
N ASN C 404 26.17 26.98 4.08
CA ASN C 404 27.07 27.82 4.87
C ASN C 404 27.74 28.95 4.08
N ILE C 405 28.05 28.72 2.80
CA ILE C 405 28.58 29.80 1.95
C ILE C 405 27.45 30.65 1.39
N LEU C 406 26.33 30.01 1.02
CA LEU C 406 25.11 30.74 0.62
C LEU C 406 24.49 31.58 1.75
N ASN C 407 24.90 31.30 3.00
CA ASN C 407 24.61 32.16 4.17
C ASN C 407 25.53 33.37 4.26
N GLN C 408 26.81 33.17 4.00
CA GLN C 408 27.77 34.26 3.84
C GLN C 408 27.44 35.11 2.59
N ALA C 409 26.85 34.47 1.58
CA ALA C 409 26.37 35.16 0.38
C ALA C 409 25.22 36.12 0.67
N GLY C 410 24.36 35.76 1.62
CA GLY C 410 23.17 36.54 1.94
C GLY C 410 22.02 36.04 1.10
N ILE C 411 22.11 36.29 -0.20
CA ILE C 411 21.29 35.57 -1.18
C ILE C 411 21.54 34.06 -1.04
N TYR C 412 20.67 33.43 -0.28
CA TYR C 412 20.70 32.00 -0.12
C TYR C 412 19.85 31.58 -1.30
N ASN C 413 19.80 30.27 -1.58
CA ASN C 413 19.08 29.64 -2.69
C ASN C 413 20.08 29.31 -3.77
N VAL C 414 20.29 28.02 -3.97
CA VAL C 414 21.25 27.53 -4.95
C VAL C 414 20.85 28.04 -6.29
N GLN C 415 19.56 28.06 -6.52
CA GLN C 415 19.03 28.53 -7.77
C GLN C 415 19.52 29.95 -7.93
N ASP C 416 19.60 30.65 -6.82
CA ASP C 416 20.04 32.03 -6.79
C ASP C 416 21.53 32.26 -7.03
N ALA C 417 22.34 31.22 -7.04
CA ALA C 417 23.78 31.38 -7.28
C ALA C 417 24.30 30.87 -8.60
N ILE C 418 23.45 30.57 -9.58
CA ILE C 418 23.99 29.99 -10.81
C ILE C 418 24.70 31.07 -11.63
N GLY C 419 26.00 31.19 -11.45
CA GLY C 419 26.86 31.94 -12.36
C GLY C 419 26.93 33.43 -12.06
N LEU C 420 27.03 33.77 -10.78
CA LEU C 420 26.99 35.17 -10.33
C LEU C 420 28.22 36.01 -10.76
N ASP C 421 29.32 35.36 -11.12
CA ASP C 421 30.49 36.06 -11.68
C ASP C 421 30.19 36.59 -13.06
N HIS C 422 29.56 35.75 -13.88
CA HIS C 422 29.31 36.07 -15.29
C HIS C 422 28.20 37.08 -15.53
N ARG C 423 27.60 37.63 -14.47
CA ARG C 423 26.67 38.76 -14.57
C ARG C 423 27.17 39.87 -13.59
N PRO C 424 27.57 41.04 -14.12
CA PRO C 424 28.35 42.01 -13.32
C PRO C 424 27.54 42.79 -12.30
N LEU D 26 13.64 -29.78 -0.76
CA LEU D 26 12.87 -30.05 0.49
C LEU D 26 13.68 -29.85 1.79
N LEU D 27 15.00 -29.91 1.75
CA LEU D 27 15.83 -30.03 2.97
C LEU D 27 16.29 -28.70 3.61
N GLU D 28 17.11 -27.92 2.91
CA GLU D 28 17.83 -26.77 3.52
C GLU D 28 17.67 -25.39 2.86
N VAL D 29 17.80 -25.32 1.53
CA VAL D 29 17.64 -24.02 0.81
C VAL D 29 16.17 -23.58 0.79
N VAL D 30 15.25 -24.52 1.04
CA VAL D 30 13.85 -24.18 1.37
C VAL D 30 13.67 -23.84 2.86
N TYR D 31 14.22 -24.67 3.76
CA TYR D 31 13.99 -24.54 5.21
C TYR D 31 14.98 -23.59 5.88
N GLY D 32 16.25 -24.01 5.96
CA GLY D 32 17.27 -23.28 6.70
C GLY D 32 17.75 -22.03 5.98
N LEU D 33 16.89 -21.03 5.98
CA LEU D 33 17.12 -19.74 5.32
C LEU D 33 16.70 -18.61 6.26
N LEU D 34 17.67 -17.99 6.95
CA LEU D 34 17.45 -16.69 7.61
C LEU D 34 16.91 -15.68 6.57
N PRO D 35 17.53 -15.63 5.37
CA PRO D 35 18.81 -16.17 4.89
C PRO D 35 19.92 -15.16 4.55
N GLU D 36 19.53 -13.91 4.26
CA GLU D 36 20.30 -13.00 3.42
C GLU D 36 20.25 -13.48 1.95
N ASN D 37 19.75 -12.62 1.06
CA ASN D 37 19.48 -12.92 -0.36
C ASN D 37 20.09 -14.20 -0.94
N PHE D 38 21.42 -14.24 -1.05
CA PHE D 38 22.16 -15.50 -1.28
C PHE D 38 23.66 -15.42 -1.00
N PRO D 39 24.31 -16.59 -0.83
CA PRO D 39 25.71 -16.71 -1.24
C PRO D 39 25.72 -16.92 -2.75
N ASP D 40 26.50 -16.09 -3.47
CA ASP D 40 26.45 -16.05 -4.94
C ASP D 40 26.38 -17.45 -5.55
N PRO D 41 25.35 -17.72 -6.37
CA PRO D 41 25.16 -19.08 -6.88
C PRO D 41 26.36 -19.62 -7.67
N GLU D 42 26.98 -18.75 -8.44
CA GLU D 42 28.03 -19.16 -9.38
C GLU D 42 29.32 -19.58 -8.69
N LEU D 43 29.72 -18.85 -7.64
CA LEU D 43 30.91 -19.19 -6.87
C LEU D 43 30.65 -20.37 -5.92
N ALA D 44 29.38 -20.58 -5.57
CA ALA D 44 28.97 -21.80 -4.88
C ALA D 44 29.05 -22.99 -5.83
N HIS D 45 28.61 -22.79 -7.08
CA HIS D 45 28.76 -23.80 -8.14
C HIS D 45 30.23 -24.15 -8.37
N ASP D 46 31.08 -23.13 -8.38
CA ASP D 46 32.52 -23.32 -8.46
C ASP D 46 33.04 -24.14 -7.27
N MET D 47 32.54 -23.83 -6.08
CA MET D 47 32.88 -24.59 -4.87
C MET D 47 32.56 -26.09 -5.01
N VAL D 48 31.46 -26.40 -5.69
CA VAL D 48 31.09 -27.80 -5.97
C VAL D 48 31.94 -28.41 -7.08
N MET D 49 32.07 -27.71 -8.20
CA MET D 49 32.91 -28.18 -9.31
C MET D 49 34.39 -28.32 -8.93
N TRP D 50 34.84 -27.55 -7.93
CA TRP D 50 36.15 -27.74 -7.31
C TRP D 50 36.22 -29.08 -6.57
N LEU D 51 35.21 -29.34 -5.74
CA LEU D 51 35.14 -30.60 -5.00
C LEU D 51 35.09 -31.82 -5.92
N ALA D 52 34.23 -31.77 -6.94
CA ALA D 52 34.01 -32.91 -7.86
C ALA D 52 35.23 -33.36 -8.69
N ALA D 53 36.25 -32.50 -8.82
CA ALA D 53 37.48 -32.85 -9.54
C ALA D 53 38.28 -34.00 -8.92
N LYS D 54 38.20 -34.17 -7.61
CA LYS D 54 39.00 -35.20 -6.90
C LYS D 54 38.19 -35.92 -5.81
N GLY D 55 37.07 -36.52 -6.22
CA GLY D 55 36.15 -37.16 -5.29
C GLY D 55 35.44 -36.10 -4.48
N TYR D 56 35.60 -36.13 -3.16
CA TYR D 56 35.16 -35.05 -2.25
C TYR D 56 33.65 -34.75 -2.14
N LEU D 57 32.85 -35.17 -3.13
CA LEU D 57 31.39 -35.00 -3.14
C LEU D 57 30.78 -36.41 -3.13
N PRO D 58 29.68 -36.64 -2.36
CA PRO D 58 29.03 -37.95 -2.11
C PRO D 58 28.96 -39.01 -3.23
N TYR D 59 28.76 -40.26 -2.83
CA TYR D 59 28.77 -41.41 -3.75
C TYR D 59 27.43 -42.18 -3.85
N ASP D 60 27.05 -42.97 -2.82
CA ASP D 60 25.81 -43.81 -2.92
C ASP D 60 25.11 -44.24 -1.61
N LEU D 61 23.79 -44.39 -1.69
CA LEU D 61 22.99 -45.26 -0.80
C LEU D 61 22.82 -46.66 -1.45
N GLU D 62 22.89 -46.70 -2.79
CA GLU D 62 22.55 -47.86 -3.64
C GLU D 62 21.08 -48.30 -3.42
N ARG D 63 20.75 -49.58 -3.67
CA ARG D 63 19.35 -50.07 -3.78
C ARG D 63 18.65 -49.56 -5.08
N ASP D 64 19.46 -49.15 -6.09
CA ASP D 64 18.96 -48.58 -7.36
C ASP D 64 18.84 -49.68 -8.40
N ASP D 65 17.61 -50.16 -8.58
CA ASP D 65 17.33 -51.40 -9.30
C ASP D 65 17.52 -51.28 -10.81
N PRO D 66 17.71 -52.42 -11.50
CA PRO D 66 17.58 -52.45 -12.96
C PRO D 66 16.12 -52.64 -13.49
N GLU D 67 15.10 -52.36 -12.68
CA GLU D 67 13.74 -52.05 -13.18
C GLU D 67 13.78 -50.76 -14.01
N LEU D 68 14.65 -49.83 -13.61
CA LEU D 68 14.82 -48.52 -14.27
C LEU D 68 15.74 -48.53 -15.52
N SER D 69 16.16 -49.70 -16.02
CA SER D 69 16.93 -49.78 -17.27
C SER D 69 16.12 -49.27 -18.46
N VAL D 70 16.83 -48.70 -19.44
CA VAL D 70 16.23 -48.23 -20.68
C VAL D 70 17.19 -48.52 -21.84
N ASN D 71 16.72 -49.30 -22.80
CA ASN D 71 17.39 -49.47 -24.09
C ASN D 71 16.86 -48.40 -25.06
N ILE D 72 17.30 -47.16 -24.84
CA ILE D 72 16.88 -46.03 -25.67
C ILE D 72 17.67 -45.98 -26.98
N LYS D 73 17.06 -46.53 -28.03
CA LYS D 73 17.59 -46.48 -29.40
C LYS D 73 19.00 -47.06 -29.55
N GLY D 74 19.17 -48.28 -29.02
CA GLY D 74 20.42 -49.00 -29.08
C GLY D 74 21.49 -48.48 -28.15
N LEU D 75 21.09 -47.84 -27.04
CA LEU D 75 22.03 -47.29 -26.06
C LEU D 75 21.47 -47.47 -24.64
N THR D 76 22.18 -48.23 -23.81
CA THR D 76 21.66 -48.68 -22.51
C THR D 76 21.87 -47.63 -21.41
N PHE D 77 20.77 -47.29 -20.74
CA PHE D 77 20.74 -46.34 -19.63
C PHE D 77 20.35 -47.14 -18.40
N HIS D 78 21.30 -47.44 -17.52
CA HIS D 78 20.94 -48.15 -16.27
C HIS D 78 19.85 -47.38 -15.55
N THR D 79 20.08 -46.07 -15.45
CA THR D 79 19.18 -45.13 -14.80
C THR D 79 18.75 -44.06 -15.83
N PRO D 80 17.48 -43.61 -15.77
CA PRO D 80 16.92 -42.58 -16.65
C PRO D 80 17.11 -41.12 -16.15
N VAL D 81 17.44 -40.96 -14.87
CA VAL D 81 17.82 -39.67 -14.32
C VAL D 81 19.24 -39.32 -14.75
N GLY D 82 19.47 -38.04 -15.10
CA GLY D 82 20.81 -37.58 -15.45
C GLY D 82 21.04 -36.13 -15.09
N LEU D 83 22.28 -35.67 -15.26
CA LEU D 83 22.62 -34.25 -15.09
C LEU D 83 22.50 -33.55 -16.45
N ALA D 84 21.94 -32.33 -16.44
CA ALA D 84 21.69 -31.59 -17.67
C ALA D 84 22.95 -30.91 -18.24
N ALA D 85 22.79 -30.40 -19.46
CA ALA D 85 23.83 -29.64 -20.13
C ALA D 85 24.09 -28.37 -19.36
N GLY D 86 25.36 -28.01 -19.27
CA GLY D 86 25.78 -26.75 -18.67
C GLY D 86 26.27 -26.82 -17.24
N PHE D 87 26.04 -27.94 -16.55
CA PHE D 87 26.45 -28.03 -15.16
C PHE D 87 27.95 -28.22 -15.11
N ASP D 88 28.45 -29.32 -15.67
CA ASP D 88 29.89 -29.45 -15.93
C ASP D 88 30.11 -28.95 -17.34
N LYS D 89 30.48 -27.68 -17.45
CA LYS D 89 30.59 -27.04 -18.74
C LYS D 89 31.71 -27.61 -19.62
N ASN D 90 32.84 -27.90 -18.98
CA ASN D 90 34.06 -28.27 -19.71
C ASN D 90 34.58 -29.69 -19.41
N ALA D 91 33.68 -30.58 -18.99
CA ALA D 91 34.01 -31.97 -18.68
C ALA D 91 35.18 -32.11 -17.69
N GLU D 92 35.11 -31.32 -16.62
CA GLU D 92 36.09 -31.39 -15.54
C GLU D 92 36.04 -32.70 -14.75
N ALA D 93 34.83 -33.20 -14.51
CA ALA D 93 34.63 -34.48 -13.82
C ALA D 93 33.23 -35.06 -14.07
N PRO D 94 32.89 -35.28 -15.36
CA PRO D 94 31.55 -35.79 -15.69
C PRO D 94 31.27 -37.17 -15.09
N LEU D 95 32.26 -38.05 -15.16
CA LEU D 95 32.27 -39.33 -14.44
C LEU D 95 31.78 -39.22 -13.01
N ASN D 96 32.34 -38.28 -12.26
CA ASN D 96 32.15 -38.23 -10.82
C ASN D 96 30.69 -37.97 -10.42
N PHE D 97 29.98 -37.17 -11.21
CA PHE D 97 28.52 -37.01 -11.06
C PHE D 97 27.77 -38.28 -11.42
N CYS D 98 28.23 -38.98 -12.45
CA CYS D 98 27.68 -40.30 -12.82
C CYS D 98 27.79 -41.35 -11.68
N LYS D 99 28.68 -41.14 -10.73
CA LYS D 99 28.76 -41.99 -9.52
C LYS D 99 28.22 -41.29 -8.26
N MET D 100 27.33 -40.32 -8.43
CA MET D 100 26.66 -39.65 -7.30
C MET D 100 25.15 -39.99 -7.31
N GLY D 101 24.74 -40.95 -8.14
CA GLY D 101 23.33 -41.32 -8.32
C GLY D 101 22.72 -40.97 -9.67
N PHE D 102 23.50 -40.32 -10.55
CA PHE D 102 23.02 -39.96 -11.89
C PHE D 102 23.26 -41.10 -12.89
N GLY D 103 22.31 -41.29 -13.80
CA GLY D 103 22.46 -42.25 -14.89
C GLY D 103 23.40 -41.78 -15.98
N PHE D 104 23.23 -40.54 -16.42
CA PHE D 104 23.95 -39.99 -17.58
C PHE D 104 24.21 -38.47 -17.43
N VAL D 105 25.20 -37.96 -18.17
CA VAL D 105 25.59 -36.54 -18.09
C VAL D 105 25.96 -35.91 -19.44
N GLU D 106 25.27 -34.83 -19.80
CA GLU D 106 25.71 -33.95 -20.87
C GLU D 106 26.75 -32.99 -20.34
N VAL D 107 27.65 -32.58 -21.22
CA VAL D 107 28.76 -31.71 -20.82
C VAL D 107 28.71 -30.31 -21.48
N GLY D 108 28.38 -29.32 -20.65
CA GLY D 108 28.34 -27.90 -21.02
C GLY D 108 27.69 -27.49 -22.30
N THR D 109 28.37 -26.59 -22.98
CA THR D 109 28.27 -26.46 -24.42
C THR D 109 29.69 -26.13 -24.86
N ILE D 110 30.31 -27.08 -25.56
CA ILE D 110 31.67 -26.91 -26.02
C ILE D 110 31.61 -26.16 -27.34
N THR D 111 31.79 -24.84 -27.23
CA THR D 111 32.02 -24.01 -28.40
C THR D 111 33.44 -24.30 -28.86
N PRO D 112 33.68 -24.23 -30.18
CA PRO D 112 35.05 -24.44 -30.65
C PRO D 112 36.12 -23.55 -29.98
N LYS D 113 36.09 -22.24 -30.21
CA LYS D 113 37.13 -21.36 -29.69
C LYS D 113 36.76 -20.99 -28.25
N PRO D 114 37.76 -20.94 -27.35
CA PRO D 114 37.52 -20.50 -25.98
C PRO D 114 36.83 -19.14 -25.89
N GLN D 115 35.72 -19.10 -25.16
CA GLN D 115 34.82 -17.95 -25.06
C GLN D 115 34.64 -17.62 -23.57
N LEU D 116 34.81 -16.36 -23.20
CA LEU D 116 34.76 -15.97 -21.80
C LEU D 116 33.36 -15.82 -21.25
N GLY D 117 32.38 -15.70 -22.14
CA GLY D 117 30.99 -15.56 -21.74
C GLY D 117 30.74 -14.13 -21.30
N ASN D 118 29.64 -13.94 -20.58
CA ASN D 118 29.10 -12.60 -20.27
C ASN D 118 29.55 -12.13 -18.89
N PRO D 119 29.50 -10.80 -18.63
CA PRO D 119 30.08 -10.26 -17.40
C PRO D 119 29.23 -10.56 -16.16
N LYS D 120 29.87 -10.89 -15.04
CA LYS D 120 29.17 -11.40 -13.85
C LYS D 120 28.63 -10.24 -12.99
N PRO D 121 27.57 -10.47 -12.20
CA PRO D 121 26.88 -11.73 -11.94
C PRO D 121 26.05 -12.19 -13.14
N ARG D 122 26.33 -13.41 -13.61
CA ARG D 122 25.62 -14.02 -14.72
C ARG D 122 24.35 -14.64 -14.17
N ILE D 123 24.50 -15.45 -13.13
CA ILE D 123 23.46 -16.34 -12.63
C ILE D 123 22.80 -15.82 -11.35
N PHE D 124 21.48 -15.94 -11.26
CA PHE D 124 20.69 -15.49 -10.10
C PHE D 124 19.86 -16.62 -9.53
N ARG D 125 19.82 -16.71 -8.20
CA ARG D 125 19.02 -17.73 -7.50
C ARG D 125 17.71 -17.13 -6.96
N LEU D 126 16.59 -17.53 -7.58
CA LEU D 126 15.24 -17.15 -7.13
C LEU D 126 14.71 -18.26 -6.24
N ALA D 127 15.22 -18.34 -5.02
CA ALA D 127 14.84 -19.40 -4.09
C ALA D 127 13.33 -19.46 -3.89
N LYS D 128 12.74 -18.29 -3.68
CA LYS D 128 11.30 -18.14 -3.40
C LYS D 128 10.37 -18.61 -4.54
N ASP D 129 10.92 -19.01 -5.68
CA ASP D 129 10.14 -19.65 -6.75
C ASP D 129 10.67 -21.03 -7.11
N HIS D 130 11.61 -21.56 -6.32
CA HIS D 130 12.40 -22.74 -6.68
C HIS D 130 12.91 -22.68 -8.14
N ALA D 131 13.47 -21.51 -8.47
CA ALA D 131 13.78 -21.08 -9.85
C ALA D 131 15.15 -20.38 -9.95
N ILE D 132 15.71 -20.35 -11.17
CA ILE D 132 17.05 -19.78 -11.44
C ILE D 132 17.07 -19.08 -12.81
N ILE D 133 17.80 -17.97 -12.88
CA ILE D 133 18.04 -17.26 -14.15
C ILE D 133 19.55 -17.17 -14.40
N ASN D 134 19.93 -17.26 -15.69
CA ASN D 134 21.35 -17.17 -16.11
C ASN D 134 21.61 -16.45 -17.45
N ARG D 135 22.75 -15.74 -17.51
CA ARG D 135 23.24 -15.06 -18.72
C ARG D 135 24.65 -15.57 -19.03
N CYS D 136 24.87 -16.86 -18.81
CA CYS D 136 26.16 -17.46 -19.04
C CYS D 136 26.70 -17.15 -20.44
N GLY D 137 25.83 -17.26 -21.44
CA GLY D 137 26.17 -16.88 -22.82
C GLY D 137 27.30 -17.70 -23.42
N PHE D 138 27.28 -18.98 -23.13
CA PHE D 138 28.33 -19.91 -23.49
C PHE D 138 29.65 -19.41 -23.00
N ASN D 139 29.83 -19.47 -21.68
CA ASN D 139 31.16 -19.54 -21.13
C ASN D 139 31.65 -20.98 -21.37
N SER D 140 32.77 -21.13 -22.08
CA SER D 140 33.41 -22.43 -22.27
C SER D 140 34.91 -22.30 -22.50
N ALA D 141 35.61 -23.42 -22.47
CA ALA D 141 37.07 -23.48 -22.55
C ALA D 141 37.57 -23.79 -23.96
N GLY D 142 36.66 -24.07 -24.89
CA GLY D 142 37.00 -24.45 -26.25
C GLY D 142 37.13 -25.95 -26.40
N LEU D 143 37.15 -26.42 -27.64
CA LEU D 143 37.43 -27.82 -27.92
C LEU D 143 38.90 -28.15 -27.61
N ASP D 144 39.80 -27.22 -27.93
CA ASP D 144 41.21 -27.25 -27.51
C ASP D 144 41.39 -27.86 -26.12
N VAL D 145 40.59 -27.38 -25.17
CA VAL D 145 40.63 -27.85 -23.79
C VAL D 145 39.86 -29.14 -23.59
N VAL D 146 38.65 -29.20 -24.14
CA VAL D 146 37.70 -30.25 -23.79
C VAL D 146 37.93 -31.59 -24.49
N GLU D 147 38.42 -31.59 -25.73
CA GLU D 147 38.78 -32.86 -26.39
C GLU D 147 39.77 -33.67 -25.52
N PRO D 148 40.84 -33.04 -24.98
CA PRO D 148 41.71 -33.70 -23.98
C PRO D 148 41.00 -34.25 -22.74
N ARG D 149 40.09 -33.44 -22.18
CA ARG D 149 39.33 -33.82 -20.99
C ARG D 149 38.41 -35.02 -21.26
N LEU D 150 37.74 -35.02 -22.41
CA LEU D 150 36.91 -36.17 -22.84
C LEU D 150 37.72 -37.41 -23.21
N GLU D 151 38.95 -37.21 -23.70
CA GLU D 151 39.81 -38.31 -24.14
C GLU D 151 40.36 -39.16 -22.99
N LYS D 152 40.69 -38.51 -21.87
CA LYS D 152 41.01 -39.24 -20.65
C LYS D 152 39.76 -39.93 -20.13
N VAL D 153 38.65 -39.18 -20.09
CA VAL D 153 37.36 -39.67 -19.61
C VAL D 153 36.87 -40.86 -20.45
N SER D 154 37.16 -40.85 -21.74
CA SER D 154 36.96 -42.02 -22.61
C SER D 154 37.44 -43.30 -21.92
N ARG D 155 38.66 -43.26 -21.37
CA ARG D 155 39.28 -44.40 -20.68
C ARG D 155 38.79 -44.57 -19.23
N ASP D 156 37.49 -44.85 -19.12
CA ASP D 156 36.88 -45.41 -17.93
C ASP D 156 35.78 -46.39 -18.43
N ARG D 157 36.22 -47.27 -19.34
CA ARG D 157 35.39 -48.36 -19.86
C ARG D 157 35.65 -49.60 -19.02
N TRP D 158 36.88 -49.73 -18.54
CA TRP D 158 37.14 -50.44 -17.29
C TRP D 158 37.99 -49.41 -16.50
N HIS D 159 39.02 -49.83 -15.76
CA HIS D 159 39.97 -48.89 -15.13
C HIS D 159 39.42 -48.22 -13.85
N ASP D 160 38.10 -48.05 -13.74
CA ASP D 160 37.41 -47.78 -12.46
C ASP D 160 35.98 -48.36 -12.51
N ARG D 161 35.47 -48.80 -11.35
CA ARG D 161 34.10 -49.38 -11.26
C ARG D 161 33.01 -48.30 -11.13
N LEU D 162 32.63 -47.74 -12.28
CA LEU D 162 31.39 -47.01 -12.43
C LEU D 162 30.37 -48.07 -12.84
N GLU D 163 30.00 -48.89 -11.85
CA GLU D 163 29.32 -50.21 -12.03
C GLU D 163 27.95 -50.21 -12.80
N ARG D 164 27.43 -49.01 -13.09
CA ARG D 164 26.33 -48.80 -14.04
C ARG D 164 27.00 -48.00 -15.16
N HIS D 165 27.23 -48.63 -16.31
CA HIS D 165 28.13 -48.05 -17.33
C HIS D 165 27.63 -46.76 -17.97
N CYS D 166 28.49 -45.75 -17.91
CA CYS D 166 28.04 -44.39 -17.97
C CYS D 166 27.81 -43.97 -19.41
N VAL D 167 26.57 -43.55 -19.66
CA VAL D 167 26.24 -42.81 -20.85
C VAL D 167 26.70 -41.38 -20.57
N LEU D 168 27.54 -40.87 -21.47
CA LEU D 168 27.93 -39.50 -21.47
C LEU D 168 27.44 -38.89 -22.77
N GLY D 169 26.58 -37.89 -22.64
CA GLY D 169 26.19 -37.05 -23.76
C GLY D 169 27.18 -35.92 -23.91
N VAL D 170 27.34 -35.45 -25.15
CA VAL D 170 28.25 -34.35 -25.46
C VAL D 170 27.47 -33.22 -26.13
N ASN D 171 27.01 -32.26 -25.33
CA ASN D 171 26.31 -31.07 -25.84
C ASN D 171 27.28 -30.07 -26.44
N ILE D 172 26.92 -29.51 -27.59
CA ILE D 172 27.78 -28.55 -28.28
C ILE D 172 26.99 -27.43 -28.95
N GLY D 173 27.71 -26.41 -29.39
CA GLY D 173 27.12 -25.27 -30.08
C GLY D 173 28.17 -24.46 -30.81
N LYS D 174 27.85 -23.18 -31.03
CA LYS D 174 28.70 -22.25 -31.79
C LYS D 174 29.08 -21.03 -30.94
N ASN D 175 30.15 -20.36 -31.37
CA ASN D 175 30.75 -19.27 -30.60
C ASN D 175 29.87 -18.02 -30.57
N LYS D 176 30.25 -17.05 -29.73
CA LYS D 176 29.47 -15.82 -29.49
C LYS D 176 28.96 -15.19 -30.78
N ASP D 177 29.78 -15.20 -31.82
CA ASP D 177 29.33 -14.85 -33.17
C ASP D 177 30.27 -15.37 -34.27
N THR D 178 30.04 -16.61 -34.67
CA THR D 178 30.61 -17.13 -35.92
C THR D 178 29.63 -16.90 -37.06
N VAL D 179 30.15 -16.92 -38.28
CA VAL D 179 29.35 -16.63 -39.47
C VAL D 179 28.29 -17.70 -39.75
N ASN D 180 28.67 -18.97 -39.62
CA ASN D 180 27.78 -20.07 -39.90
C ASN D 180 27.96 -21.17 -38.87
N ALA D 181 26.83 -21.70 -38.39
CA ALA D 181 26.81 -22.76 -37.40
C ALA D 181 27.60 -23.95 -37.88
N GLU D 182 27.35 -24.37 -39.11
CA GLU D 182 28.02 -25.52 -39.73
C GLU D 182 29.51 -25.59 -39.40
N ASP D 183 30.25 -24.50 -39.65
CA ASP D 183 31.68 -24.45 -39.33
C ASP D 183 31.97 -24.80 -37.86
N ASP D 184 31.07 -24.42 -36.95
CA ASP D 184 31.21 -24.74 -35.53
C ASP D 184 30.65 -26.11 -35.16
N ILE D 185 29.47 -26.45 -35.69
CA ILE D 185 28.77 -27.69 -35.31
C ILE D 185 29.43 -28.92 -35.95
N ARG D 186 29.89 -28.76 -37.19
CA ARG D 186 30.78 -29.76 -37.80
C ARG D 186 31.99 -29.92 -36.87
N GLU D 187 32.74 -28.83 -36.67
CA GLU D 187 33.92 -28.84 -35.79
C GLU D 187 33.63 -29.45 -34.42
N GLY D 188 32.43 -29.20 -33.89
CA GLY D 188 31.95 -29.84 -32.66
C GLY D 188 31.96 -31.35 -32.78
N VAL D 189 31.41 -31.88 -33.87
CA VAL D 189 31.40 -33.33 -34.13
C VAL D 189 32.80 -33.83 -34.52
N LYS D 190 33.42 -33.14 -35.48
CA LYS D 190 34.79 -33.43 -35.92
C LYS D 190 35.69 -33.67 -34.72
N ARG D 191 35.79 -32.66 -33.85
CA ARG D 191 36.73 -32.69 -32.73
C ARG D 191 36.32 -33.69 -31.64
N VAL D 192 35.05 -33.67 -31.24
CA VAL D 192 34.58 -34.52 -30.12
C VAL D 192 33.28 -35.30 -30.35
N GLY D 193 33.06 -35.78 -31.58
CA GLY D 193 31.84 -36.55 -31.90
C GLY D 193 31.98 -37.99 -31.47
N ARG D 194 33.10 -38.59 -31.88
CA ARG D 194 33.53 -39.94 -31.47
C ARG D 194 33.44 -40.29 -29.98
N PHE D 195 33.63 -39.30 -29.10
CA PHE D 195 33.59 -39.51 -27.65
C PHE D 195 32.18 -39.66 -27.09
N ALA D 196 31.18 -39.19 -27.84
CA ALA D 196 29.81 -39.14 -27.32
C ALA D 196 29.10 -40.50 -27.32
N ASP D 197 28.40 -40.80 -26.23
CA ASP D 197 27.38 -41.85 -26.24
C ASP D 197 26.20 -41.28 -27.02
N TYR D 198 25.88 -40.01 -26.74
CA TYR D 198 24.93 -39.27 -27.57
C TYR D 198 25.37 -37.81 -27.76
N LEU D 199 25.29 -37.36 -29.01
CA LEU D 199 25.76 -36.04 -29.41
C LEU D 199 24.54 -35.13 -29.49
N VAL D 200 24.63 -33.94 -28.91
CA VAL D 200 23.52 -32.98 -28.86
C VAL D 200 23.96 -31.67 -29.50
N ILE D 201 23.01 -30.91 -30.02
CA ILE D 201 23.31 -29.65 -30.67
C ILE D 201 22.43 -28.57 -30.03
N ASN D 202 23.05 -27.61 -29.35
CA ASN D 202 22.30 -26.53 -28.71
C ASN D 202 21.91 -25.47 -29.72
N LEU D 203 20.61 -25.48 -30.06
CA LEU D 203 20.01 -24.50 -30.94
C LEU D 203 18.89 -23.77 -30.17
N SER D 204 19.02 -23.75 -28.84
CA SER D 204 17.93 -23.34 -27.93
C SER D 204 18.34 -22.31 -26.86
N SER D 205 19.56 -21.77 -26.95
CA SER D 205 20.07 -20.86 -25.94
C SER D 205 19.33 -19.51 -26.03
N PRO D 206 18.80 -19.03 -24.90
CA PRO D 206 18.22 -17.68 -24.90
C PRO D 206 19.28 -16.57 -24.88
N ASN D 207 20.46 -16.89 -24.37
CA ASN D 207 21.46 -15.88 -24.03
C ASN D 207 22.45 -15.56 -25.13
N THR D 208 22.77 -16.53 -25.99
CA THR D 208 23.62 -16.27 -27.16
C THR D 208 22.72 -16.06 -28.36
N LYS D 209 23.02 -14.99 -29.09
CA LYS D 209 22.05 -14.23 -29.88
C LYS D 209 21.62 -14.89 -31.19
N GLY D 210 20.31 -15.07 -31.38
CA GLY D 210 19.75 -15.59 -32.64
C GLY D 210 19.98 -17.08 -32.89
N LEU D 211 20.09 -17.86 -31.81
CA LEU D 211 20.21 -19.31 -31.90
C LEU D 211 18.84 -20.00 -31.82
N ARG D 212 17.89 -19.36 -31.14
CA ARG D 212 16.50 -19.83 -31.06
C ARG D 212 15.80 -19.70 -32.41
N THR D 213 15.98 -18.54 -33.04
CA THR D 213 15.54 -18.30 -34.42
C THR D 213 16.25 -19.19 -35.47
N LEU D 214 17.41 -19.73 -35.08
CA LEU D 214 18.18 -20.68 -35.89
C LEU D 214 17.62 -22.13 -35.89
N GLN D 215 16.39 -22.32 -35.38
CA GLN D 215 15.69 -23.62 -35.46
C GLN D 215 14.71 -23.72 -36.64
N GLN D 216 14.72 -22.75 -37.55
CA GLN D 216 13.85 -22.77 -38.74
C GLN D 216 14.24 -23.89 -39.73
N ARG D 217 13.30 -24.24 -40.62
CA ARG D 217 13.41 -25.43 -41.49
C ARG D 217 14.70 -25.48 -42.33
N ASP D 218 14.91 -24.45 -43.16
CA ASP D 218 16.14 -24.31 -43.97
C ASP D 218 17.40 -24.51 -43.12
N HIS D 219 17.37 -23.98 -41.90
CA HIS D 219 18.52 -24.03 -41.00
C HIS D 219 18.61 -25.36 -40.24
N LEU D 220 17.54 -25.70 -39.53
CA LEU D 220 17.47 -26.92 -38.72
C LEU D 220 17.93 -28.12 -39.54
N ARG D 221 17.37 -28.23 -40.74
CA ARG D 221 17.70 -29.30 -41.70
C ARG D 221 19.19 -29.30 -42.09
N SER D 222 19.71 -28.12 -42.43
CA SER D 222 21.12 -27.95 -42.81
C SER D 222 22.10 -28.37 -41.72
N ILE D 223 21.75 -28.07 -40.47
CA ILE D 223 22.62 -28.32 -39.32
C ILE D 223 22.68 -29.81 -38.96
N ILE D 224 21.53 -30.47 -38.96
CA ILE D 224 21.50 -31.91 -38.66
C ILE D 224 22.32 -32.67 -39.70
N THR D 225 22.10 -32.38 -40.98
CA THR D 225 22.81 -33.06 -42.07
C THR D 225 24.29 -32.68 -42.15
N ALA D 226 24.60 -31.43 -41.81
CA ALA D 226 25.99 -31.03 -41.62
C ALA D 226 26.64 -31.82 -40.48
N ALA D 227 25.90 -31.99 -39.39
CA ALA D 227 26.34 -32.82 -38.26
C ALA D 227 26.45 -34.30 -38.63
N GLN D 228 25.49 -34.80 -39.40
CA GLN D 228 25.49 -36.17 -39.91
C GLN D 228 26.72 -36.51 -40.76
N SER D 229 27.13 -35.56 -41.60
CA SER D 229 28.33 -35.73 -42.45
C SER D 229 29.56 -36.13 -41.63
N GLU D 230 29.83 -35.39 -40.55
CA GLU D 230 31.05 -35.57 -39.73
C GLU D 230 30.98 -36.82 -38.84
N LEU D 231 29.76 -37.25 -38.50
CA LEU D 231 29.54 -38.56 -37.87
C LEU D 231 29.91 -39.67 -38.85
N GLU D 232 29.25 -39.63 -40.02
CA GLU D 232 29.50 -40.62 -41.07
C GLU D 232 30.94 -40.56 -41.61
N LYS D 233 31.64 -39.43 -41.40
CA LYS D 233 33.11 -39.40 -41.53
C LYS D 233 33.74 -40.25 -40.41
N LEU D 234 33.70 -41.56 -40.65
CA LEU D 234 34.07 -42.60 -39.68
C LEU D 234 35.23 -43.37 -40.28
N GLU D 235 36.34 -43.39 -39.55
CA GLU D 235 37.55 -44.09 -39.97
C GLU D 235 37.69 -45.39 -39.18
N GLU D 236 38.59 -46.25 -39.64
CA GLU D 236 38.95 -47.46 -38.90
C GLU D 236 40.27 -48.05 -39.41
N ARG D 237 40.83 -48.98 -38.64
CA ARG D 237 42.02 -49.73 -39.02
C ARG D 237 41.66 -50.85 -40.03
N SER D 238 41.99 -50.64 -41.30
CA SER D 238 41.65 -51.55 -42.41
C SER D 238 42.79 -51.62 -43.44
N VAL D 262 33.99 -59.29 -19.36
CA VAL D 262 35.43 -59.55 -19.46
C VAL D 262 36.10 -58.78 -20.64
N THR D 263 35.71 -57.51 -20.87
CA THR D 263 36.34 -56.64 -21.92
C THR D 263 36.50 -55.16 -21.53
N ARG D 264 37.72 -54.80 -21.15
CA ARG D 264 38.23 -53.41 -21.11
C ARG D 264 38.58 -52.78 -22.49
N LYS D 265 37.87 -53.17 -23.55
CA LYS D 265 38.36 -52.97 -24.91
C LYS D 265 37.96 -51.62 -25.53
N ALA D 266 36.78 -51.10 -25.19
CA ALA D 266 36.13 -50.05 -25.98
C ALA D 266 36.74 -48.63 -25.89
N GLU D 267 37.98 -48.49 -26.38
CA GLU D 267 38.71 -47.21 -26.35
C GLU D 267 39.04 -46.59 -27.72
N GLN D 268 39.21 -47.41 -28.77
CA GLN D 268 39.86 -46.98 -30.01
C GLN D 268 38.91 -46.41 -31.08
N PHE D 269 38.64 -45.10 -30.96
CA PHE D 269 37.68 -44.33 -31.79
C PHE D 269 36.24 -44.50 -31.32
N PHE D 270 36.01 -45.44 -30.40
CA PHE D 270 34.67 -45.84 -29.98
C PHE D 270 34.51 -45.92 -28.45
N PRO D 271 35.00 -44.89 -27.70
CA PRO D 271 34.67 -44.81 -26.26
C PRO D 271 33.17 -44.90 -25.93
N THR D 272 32.31 -44.55 -26.90
CA THR D 272 30.88 -44.84 -26.86
C THR D 272 30.62 -46.22 -26.25
N GLN D 273 29.53 -46.35 -25.50
CA GLN D 273 29.18 -47.62 -24.88
C GLN D 273 29.04 -48.69 -25.96
N THR D 274 27.97 -48.62 -26.74
CA THR D 274 27.75 -49.59 -27.80
C THR D 274 28.46 -49.09 -29.05
N GLY D 275 29.50 -49.85 -29.45
CA GLY D 275 30.24 -49.55 -30.67
C GLY D 275 30.81 -48.15 -30.63
N LYS D 276 30.64 -47.42 -31.72
CA LYS D 276 31.17 -46.06 -31.89
C LYS D 276 30.12 -44.96 -32.09
N ARG D 277 29.04 -45.24 -32.80
CA ARG D 277 28.13 -44.21 -33.30
C ARG D 277 27.24 -43.60 -32.20
N PRO D 278 27.33 -42.27 -31.99
CA PRO D 278 26.47 -41.63 -31.00
C PRO D 278 25.07 -41.37 -31.53
N LEU D 279 24.12 -41.35 -30.60
CA LEU D 279 22.75 -40.96 -30.92
C LEU D 279 22.73 -39.45 -31.16
N LEU D 280 22.48 -39.04 -32.40
CA LEU D 280 22.38 -37.61 -32.74
C LEU D 280 21.08 -37.00 -32.21
N PHE D 281 21.22 -35.92 -31.43
CA PHE D 281 20.12 -35.24 -30.76
C PHE D 281 20.07 -33.75 -31.13
N VAL D 282 19.02 -33.08 -30.66
CA VAL D 282 18.92 -31.61 -30.63
C VAL D 282 18.18 -31.17 -29.36
N LYS D 283 18.71 -30.15 -28.69
CA LYS D 283 18.03 -29.48 -27.56
C LYS D 283 17.13 -28.38 -28.10
N ILE D 284 15.87 -28.35 -27.66
CA ILE D 284 14.87 -27.39 -28.15
C ILE D 284 14.48 -26.44 -27.02
N ALA D 285 14.27 -25.17 -27.36
CA ALA D 285 13.80 -24.18 -26.39
C ALA D 285 12.29 -24.37 -26.13
N PRO D 286 11.75 -23.78 -25.04
CA PRO D 286 10.32 -23.74 -24.80
C PRO D 286 9.76 -22.33 -25.05
N ASP D 287 10.04 -21.80 -26.24
CA ASP D 287 9.62 -20.45 -26.63
C ASP D 287 8.95 -20.47 -28.00
N LEU D 288 8.27 -21.59 -28.33
CA LEU D 288 7.88 -21.89 -29.71
C LEU D 288 6.39 -21.80 -29.99
N THR D 289 6.08 -21.60 -31.27
CA THR D 289 4.71 -21.70 -31.77
C THR D 289 4.36 -23.17 -32.02
N ASP D 290 3.08 -23.39 -32.27
CA ASP D 290 2.53 -24.73 -32.51
C ASP D 290 2.98 -25.25 -33.86
N GLU D 291 3.22 -24.31 -34.79
CA GLU D 291 3.76 -24.58 -36.12
C GLU D 291 5.29 -24.81 -36.09
N GLU D 292 6.02 -24.06 -35.26
CA GLU D 292 7.46 -24.28 -35.09
C GLU D 292 7.71 -25.68 -34.55
N LYS D 293 6.90 -26.08 -33.57
CA LYS D 293 6.97 -27.43 -33.00
C LYS D 293 6.67 -28.55 -34.00
N ARG D 294 5.78 -28.29 -34.95
CA ARG D 294 5.60 -29.21 -36.10
C ARG D 294 6.92 -29.28 -36.87
N ASP D 295 7.33 -28.15 -37.46
CA ASP D 295 8.54 -28.07 -38.34
C ASP D 295 9.75 -28.85 -37.86
N ILE D 296 9.94 -28.86 -36.54
CA ILE D 296 11.01 -29.62 -35.90
C ILE D 296 10.77 -31.13 -36.08
N ALA D 297 9.58 -31.58 -35.69
CA ALA D 297 9.21 -32.98 -35.87
C ALA D 297 9.12 -33.40 -37.34
N ASP D 298 8.86 -32.45 -38.25
CA ASP D 298 8.92 -32.70 -39.70
C ASP D 298 10.35 -33.05 -40.11
N VAL D 299 11.27 -32.13 -39.81
CA VAL D 299 12.68 -32.24 -40.23
C VAL D 299 13.40 -33.41 -39.55
N ALA D 300 13.03 -33.71 -38.31
CA ALA D 300 13.61 -34.84 -37.58
C ALA D 300 13.36 -36.20 -38.24
N LEU D 301 12.15 -36.39 -38.78
CA LEU D 301 11.79 -37.62 -39.51
C LEU D 301 12.39 -37.68 -40.93
N GLU D 302 12.49 -36.51 -41.58
CA GLU D 302 13.16 -36.37 -42.88
C GLU D 302 14.67 -36.62 -42.75
N THR D 303 15.30 -35.92 -41.80
CA THR D 303 16.72 -36.09 -41.49
C THR D 303 17.07 -37.44 -40.82
N GLY D 304 16.10 -38.06 -40.16
CA GLY D 304 16.34 -39.26 -39.37
C GLY D 304 17.15 -38.94 -38.13
N LEU D 305 16.88 -37.77 -37.55
CA LEU D 305 17.50 -37.37 -36.29
C LEU D 305 16.99 -38.30 -35.20
N ASP D 306 17.90 -38.72 -34.33
CA ASP D 306 17.64 -39.87 -33.44
C ASP D 306 16.73 -39.50 -32.26
N GLY D 307 16.97 -38.32 -31.66
CA GLY D 307 16.20 -37.89 -30.49
C GLY D 307 16.16 -36.39 -30.28
N LEU D 308 15.42 -35.99 -29.24
CA LEU D 308 15.25 -34.59 -28.87
C LEU D 308 15.37 -34.44 -27.38
N ILE D 309 16.22 -33.52 -26.94
CA ILE D 309 16.20 -33.09 -25.55
C ILE D 309 15.19 -31.96 -25.47
N VAL D 310 14.23 -32.08 -24.57
CA VAL D 310 13.06 -31.22 -24.58
C VAL D 310 13.13 -30.11 -23.54
N THR D 311 12.84 -28.89 -24.01
CA THR D 311 12.83 -27.63 -23.27
C THR D 311 14.17 -27.28 -22.64
N ASN D 312 14.83 -26.30 -23.25
CA ASN D 312 15.93 -25.61 -22.61
C ASN D 312 15.30 -24.64 -21.57
N THR D 313 15.90 -23.48 -21.33
CA THR D 313 15.36 -22.48 -20.42
C THR D 313 14.39 -21.55 -21.13
N THR D 314 13.42 -21.00 -20.38
CA THR D 314 12.40 -20.08 -20.96
C THR D 314 12.78 -18.60 -20.84
N ILE D 315 12.44 -17.84 -21.88
CA ILE D 315 12.58 -16.38 -21.87
C ILE D 315 11.44 -15.73 -21.07
N GLN D 316 10.35 -16.47 -20.89
CA GLN D 316 9.17 -15.97 -20.20
C GLN D 316 9.40 -15.77 -18.72
N ARG D 317 8.52 -14.98 -18.12
CA ARG D 317 8.43 -14.86 -16.67
C ARG D 317 6.98 -14.89 -16.22
N PRO D 318 6.46 -16.09 -15.85
CA PRO D 318 5.11 -16.22 -15.36
C PRO D 318 4.68 -15.14 -14.36
N GLU D 319 3.38 -14.87 -14.37
CA GLU D 319 2.78 -13.82 -13.53
C GLU D 319 2.83 -14.31 -12.07
N SER D 320 2.82 -15.63 -11.92
CA SER D 320 3.16 -16.31 -10.67
C SER D 320 4.67 -16.33 -10.44
N LEU D 321 5.22 -15.21 -9.97
CA LEU D 321 6.65 -15.10 -9.67
C LEU D 321 6.88 -14.07 -8.57
N ARG D 322 7.57 -14.47 -7.51
CA ARG D 322 7.86 -13.61 -6.35
C ARG D 322 9.29 -13.02 -6.38
N SER D 323 10.31 -13.89 -6.20
CA SER D 323 11.68 -13.48 -5.84
C SER D 323 12.16 -12.19 -6.53
N GLU D 324 12.80 -11.32 -5.76
CA GLU D 324 13.21 -9.99 -6.24
C GLU D 324 14.05 -9.94 -7.53
N SER D 325 14.77 -11.01 -7.85
CA SER D 325 15.53 -11.12 -9.12
C SER D 325 14.71 -11.69 -10.31
N LYS D 326 13.38 -11.74 -10.17
CA LYS D 326 12.50 -12.22 -11.26
C LYS D 326 12.45 -11.32 -12.48
N HIS D 327 12.87 -10.07 -12.32
CA HIS D 327 13.03 -9.14 -13.46
C HIS D 327 14.30 -9.33 -14.29
N GLU D 328 15.28 -10.07 -13.78
CA GLU D 328 16.59 -10.21 -14.43
C GLU D 328 16.51 -11.06 -15.70
N THR D 329 17.34 -10.71 -16.69
CA THR D 329 17.26 -11.26 -18.04
C THR D 329 18.04 -12.55 -18.21
N GLY D 330 17.55 -13.39 -19.12
CA GLY D 330 18.18 -14.68 -19.43
C GLY D 330 17.29 -15.87 -19.18
N GLY D 331 17.86 -17.06 -19.30
CA GLY D 331 17.07 -18.29 -19.22
C GLY D 331 16.53 -18.63 -17.83
N LEU D 332 15.21 -18.62 -17.68
CA LEU D 332 14.58 -19.09 -16.44
C LEU D 332 14.51 -20.61 -16.45
N SER D 333 14.93 -21.21 -15.34
CA SER D 333 14.92 -22.67 -15.17
C SER D 333 14.32 -23.04 -13.83
N GLY D 334 14.08 -24.32 -13.61
CA GLY D 334 13.53 -24.83 -12.34
C GLY D 334 12.01 -25.00 -12.34
N ARG D 335 11.37 -24.58 -11.25
CA ARG D 335 9.93 -24.84 -11.01
C ARG D 335 8.93 -24.15 -11.96
N PRO D 336 9.05 -22.82 -12.18
CA PRO D 336 8.29 -22.12 -13.22
C PRO D 336 8.22 -22.76 -14.60
N LEU D 337 9.19 -23.60 -14.95
CA LEU D 337 9.23 -24.30 -16.24
C LEU D 337 8.41 -25.63 -16.29
N LYS D 338 7.88 -26.09 -15.15
CA LYS D 338 7.39 -27.48 -14.98
C LYS D 338 6.29 -27.93 -15.98
N ALA D 339 5.02 -27.75 -15.67
CA ALA D 339 3.93 -28.23 -16.55
C ALA D 339 3.94 -27.53 -17.91
N MET D 340 4.61 -26.38 -17.96
CA MET D 340 4.99 -25.71 -19.19
C MET D 340 5.82 -26.63 -20.11
N SER D 341 6.91 -27.18 -19.59
CA SER D 341 7.73 -28.13 -20.38
C SER D 341 6.99 -29.41 -20.67
N THR D 342 6.43 -30.02 -19.63
CA THR D 342 5.73 -31.30 -19.74
C THR D 342 4.84 -31.33 -20.98
N LYS D 343 4.07 -30.26 -21.18
CA LYS D 343 3.19 -30.15 -22.36
C LYS D 343 3.97 -30.07 -23.68
N CYS D 344 5.15 -29.47 -23.67
CA CYS D 344 6.03 -29.51 -24.85
C CYS D 344 6.50 -30.93 -25.23
N VAL D 345 6.64 -31.81 -24.23
CA VAL D 345 6.98 -33.22 -24.45
C VAL D 345 5.78 -33.95 -25.04
N SER D 346 4.59 -33.73 -24.46
CA SER D 346 3.31 -34.22 -25.02
C SER D 346 3.09 -33.71 -26.44
N ASP D 347 3.33 -32.41 -26.65
CA ASP D 347 3.16 -31.78 -27.96
C ASP D 347 4.20 -32.26 -28.99
N MET D 348 5.36 -32.74 -28.52
CA MET D 348 6.38 -33.32 -29.40
C MET D 348 6.25 -34.82 -29.65
N TYR D 349 5.92 -35.59 -28.61
CA TYR D 349 5.77 -37.05 -28.68
C TYR D 349 4.80 -37.48 -29.78
N LYS D 350 3.70 -36.74 -29.89
CA LYS D 350 2.73 -36.89 -30.97
C LYS D 350 3.39 -36.65 -32.34
N MET D 351 4.01 -35.48 -32.48
CA MET D 351 4.54 -35.01 -33.76
C MET D 351 5.79 -35.81 -34.18
N THR D 352 6.66 -36.11 -33.22
CA THR D 352 7.78 -37.04 -33.42
C THR D 352 7.29 -38.45 -33.78
N ASN D 353 6.18 -38.87 -33.16
CA ASN D 353 5.50 -40.15 -33.36
C ASN D 353 6.16 -41.34 -32.61
N GLY D 354 7.16 -41.06 -31.77
CA GLY D 354 7.92 -42.11 -31.11
C GLY D 354 9.22 -42.49 -31.80
N GLN D 355 9.28 -42.35 -33.13
CA GLN D 355 10.52 -42.60 -33.91
C GLN D 355 11.71 -41.85 -33.31
N VAL D 356 11.52 -40.55 -33.12
CA VAL D 356 12.52 -39.68 -32.53
C VAL D 356 12.37 -39.79 -31.01
N ALA D 357 13.45 -40.14 -30.30
CA ALA D 357 13.41 -40.34 -28.85
C ALA D 357 13.39 -39.00 -28.10
N ILE D 358 12.79 -38.99 -26.91
CA ILE D 358 12.73 -37.77 -26.07
C ILE D 358 13.44 -37.98 -24.72
N ILE D 359 14.37 -37.08 -24.38
CA ILE D 359 14.98 -36.99 -23.04
C ILE D 359 14.58 -35.63 -22.47
N ALA D 360 13.88 -35.63 -21.35
CA ALA D 360 13.26 -34.39 -20.87
C ALA D 360 14.17 -33.56 -19.98
N SER D 361 13.81 -32.27 -19.87
CA SER D 361 14.34 -31.37 -18.85
C SER D 361 13.21 -30.43 -18.37
N GLY D 362 13.51 -29.56 -17.41
CA GLY D 362 12.56 -28.56 -16.90
C GLY D 362 11.80 -28.96 -15.63
N GLY D 363 12.06 -28.23 -14.54
CA GLY D 363 11.30 -28.37 -13.29
C GLY D 363 11.08 -29.79 -12.80
N ILE D 364 12.16 -30.53 -12.66
CA ILE D 364 12.10 -31.94 -12.24
C ILE D 364 12.57 -32.07 -10.78
N GLU D 365 11.65 -31.81 -9.86
CA GLU D 365 11.97 -31.92 -8.43
C GLU D 365 12.02 -33.37 -7.98
N THR D 366 10.88 -34.06 -8.14
CA THR D 366 10.67 -35.42 -7.59
C THR D 366 10.45 -36.43 -8.72
N GLY D 367 10.55 -37.71 -8.37
CA GLY D 367 10.25 -38.83 -9.28
C GLY D 367 8.84 -38.82 -9.86
N LEU D 368 7.89 -38.29 -9.09
CA LEU D 368 6.52 -38.06 -9.59
C LEU D 368 6.52 -37.09 -10.80
N ASP D 369 7.40 -36.07 -10.78
CA ASP D 369 7.61 -35.20 -11.95
C ASP D 369 8.18 -36.02 -13.09
N ALA D 370 9.26 -36.74 -12.78
CA ALA D 370 9.96 -37.58 -13.77
C ALA D 370 9.01 -38.55 -14.45
N TYR D 371 8.17 -39.20 -13.64
CA TYR D 371 7.10 -40.09 -14.11
C TYR D 371 6.16 -39.43 -15.14
N LYS D 372 5.82 -38.16 -14.90
CA LYS D 372 4.99 -37.40 -15.83
C LYS D 372 5.66 -37.16 -17.19
N ARG D 373 6.93 -36.75 -17.19
CA ARG D 373 7.66 -36.55 -18.45
C ARG D 373 7.82 -37.85 -19.24
N ILE D 374 8.09 -38.93 -18.51
CA ILE D 374 8.23 -40.25 -19.14
C ILE D 374 6.89 -40.65 -19.78
N ARG D 375 5.81 -40.56 -18.99
CA ARG D 375 4.44 -40.82 -19.49
C ARG D 375 4.02 -39.87 -20.62
N ALA D 376 4.25 -38.57 -20.41
CA ALA D 376 3.96 -37.54 -21.42
C ALA D 376 4.72 -37.75 -22.74
N GLY D 377 5.83 -38.49 -22.68
CA GLY D 377 6.57 -38.87 -23.88
C GLY D 377 7.97 -39.36 -23.62
N ALA D 378 8.69 -38.67 -22.74
CA ALA D 378 10.13 -38.88 -22.54
C ALA D 378 10.53 -40.31 -22.17
N SER D 379 11.79 -40.65 -22.51
CA SER D 379 12.44 -41.89 -22.10
C SER D 379 13.25 -41.63 -20.85
N ALA D 380 14.06 -40.58 -20.90
CA ALA D 380 14.96 -40.17 -19.82
C ALA D 380 14.69 -38.74 -19.38
N VAL D 381 15.30 -38.37 -18.26
CA VAL D 381 15.06 -37.08 -17.64
C VAL D 381 16.38 -36.48 -17.09
N GLU D 382 16.46 -35.15 -17.12
CA GLU D 382 17.69 -34.41 -16.82
C GLU D 382 17.48 -33.34 -15.75
N VAL D 383 18.20 -33.50 -14.64
CA VAL D 383 18.17 -32.54 -13.53
C VAL D 383 19.16 -31.41 -13.81
N TYR D 384 18.88 -30.26 -13.20
CA TYR D 384 19.86 -29.21 -13.01
C TYR D 384 19.49 -28.39 -11.77
N THR D 385 18.35 -27.68 -11.84
CA THR D 385 17.92 -26.75 -10.79
C THR D 385 17.52 -27.49 -9.51
N SER D 386 17.10 -28.75 -9.64
CA SER D 386 16.76 -29.57 -8.47
C SER D 386 17.92 -29.61 -7.47
N MET D 387 19.13 -29.89 -7.97
CA MET D 387 20.34 -29.97 -7.14
C MET D 387 20.62 -28.75 -6.27
N ILE D 388 20.11 -27.59 -6.68
CA ILE D 388 20.45 -26.33 -6.07
C ILE D 388 19.65 -26.13 -4.79
N TYR D 389 18.40 -26.58 -4.84
CA TYR D 389 17.51 -26.55 -3.68
C TYR D 389 17.45 -27.90 -2.95
N ARG D 390 17.65 -29.01 -3.68
CA ARG D 390 17.41 -30.35 -3.13
C ARG D 390 18.70 -31.17 -2.90
N GLY D 391 19.79 -30.47 -2.64
CA GLY D 391 21.06 -31.12 -2.30
C GLY D 391 21.69 -31.91 -3.43
N PRO D 392 22.76 -32.65 -3.11
CA PRO D 392 23.34 -33.60 -4.04
C PRO D 392 22.60 -34.93 -4.06
N ILE D 393 21.79 -35.18 -3.02
CA ILE D 393 21.18 -36.49 -2.79
C ILE D 393 20.04 -36.69 -3.79
N VAL D 394 19.51 -35.58 -4.33
CA VAL D 394 18.51 -35.57 -5.42
C VAL D 394 18.67 -36.68 -6.45
N ALA D 395 19.91 -36.96 -6.83
CA ALA D 395 20.23 -37.99 -7.82
C ALA D 395 19.50 -39.32 -7.57
N ARG D 396 19.51 -39.77 -6.31
CA ARG D 396 18.75 -40.96 -5.90
C ARG D 396 17.32 -40.66 -5.54
N ARG D 397 17.09 -39.54 -4.87
CA ARG D 397 15.72 -39.19 -4.44
C ARG D 397 14.76 -38.85 -5.59
N VAL D 398 15.25 -38.69 -6.82
CA VAL D 398 14.39 -38.73 -8.02
C VAL D 398 14.01 -40.18 -8.30
N LYS D 399 15.02 -41.05 -8.39
CA LYS D 399 14.83 -42.45 -8.81
C LYS D 399 14.05 -43.27 -7.77
N ASP D 400 14.22 -42.91 -6.49
CA ASP D 400 13.43 -43.50 -5.38
C ASP D 400 11.94 -43.34 -5.68
N GLU D 401 11.52 -42.08 -5.74
CA GLU D 401 10.11 -41.74 -5.88
C GLU D 401 9.57 -42.06 -7.29
N LEU D 402 10.46 -42.24 -8.27
CA LEU D 402 10.07 -42.75 -9.59
C LEU D 402 9.70 -44.21 -9.45
N LEU D 403 10.66 -45.02 -9.01
CA LEU D 403 10.45 -46.46 -8.87
C LEU D 403 9.37 -46.83 -7.85
N ASN D 404 9.18 -45.99 -6.83
CA ASN D 404 8.07 -46.15 -5.87
C ASN D 404 6.73 -45.93 -6.57
N ILE D 405 6.65 -44.86 -7.36
CA ILE D 405 5.44 -44.52 -8.12
C ILE D 405 5.26 -45.41 -9.38
N LEU D 406 6.32 -46.07 -9.85
CA LEU D 406 6.20 -47.08 -10.94
C LEU D 406 5.36 -48.29 -10.53
N ASN D 407 5.60 -48.82 -9.34
CA ASN D 407 4.87 -49.99 -8.83
C ASN D 407 3.43 -49.66 -8.39
N GLN D 408 3.24 -48.51 -7.73
CA GLN D 408 1.90 -47.99 -7.38
C GLN D 408 0.92 -48.00 -8.57
N ALA D 409 1.40 -47.56 -9.73
CA ALA D 409 0.57 -47.43 -10.95
C ALA D 409 0.44 -48.71 -11.78
N GLY D 410 1.10 -49.79 -11.35
CA GLY D 410 0.99 -51.12 -11.96
C GLY D 410 2.04 -51.41 -13.01
N ILE D 411 2.93 -50.44 -13.26
CA ILE D 411 3.92 -50.52 -14.31
C ILE D 411 5.27 -50.82 -13.66
N TYR D 412 5.58 -52.09 -13.58
CA TYR D 412 6.78 -52.55 -12.96
C TYR D 412 8.02 -52.02 -13.65
N ASN D 413 7.97 -51.89 -14.96
CA ASN D 413 9.10 -51.40 -15.73
C ASN D 413 8.83 -50.05 -16.31
N VAL D 414 9.80 -49.16 -16.16
CA VAL D 414 9.77 -47.80 -16.69
C VAL D 414 9.77 -47.83 -18.19
N GLN D 415 10.38 -48.85 -18.78
CA GLN D 415 10.43 -48.93 -20.21
C GLN D 415 9.01 -48.95 -20.70
N ASP D 416 8.17 -49.69 -20.00
CA ASP D 416 6.75 -49.80 -20.30
C ASP D 416 6.03 -48.47 -20.09
N ALA D 417 6.46 -47.73 -19.08
CA ALA D 417 5.84 -46.46 -18.70
C ALA D 417 5.94 -45.36 -19.69
N ILE D 418 6.76 -45.52 -20.69
CA ILE D 418 6.91 -44.48 -21.68
C ILE D 418 5.71 -44.41 -22.58
N GLY D 419 5.11 -43.24 -22.69
CA GLY D 419 3.92 -43.04 -23.50
C GLY D 419 2.74 -43.83 -23.00
N LEU D 420 2.29 -43.50 -21.80
CA LEU D 420 1.00 -43.98 -21.30
C LEU D 420 -0.04 -42.87 -21.47
N ASP D 421 0.35 -41.63 -21.21
CA ASP D 421 -0.49 -40.46 -21.50
C ASP D 421 -0.92 -40.41 -22.97
N HIS D 422 -0.03 -40.88 -23.86
CA HIS D 422 -0.35 -41.04 -25.29
C HIS D 422 -0.11 -42.44 -25.81
N ARG D 423 -0.57 -42.69 -27.02
CA ARG D 423 -0.34 -43.95 -27.76
C ARG D 423 -0.10 -43.61 -29.25
N PRO D 424 0.73 -44.42 -29.95
CA PRO D 424 1.41 -43.98 -31.19
C PRO D 424 0.52 -43.79 -32.42
#